data_9HJS
#
_entry.id   9HJS
#
_cell.length_a   102.623
_cell.length_b   69.081
_cell.length_c   154.987
_cell.angle_alpha   90.00
_cell.angle_beta   97.39
_cell.angle_gamma   90.00
#
_symmetry.space_group_name_H-M   'P 1 2 1'
#
loop_
_entity.id
_entity.type
_entity.pdbx_description
1 polymer 'Geranylgeranyl pyrophosphate synthase'
2 non-polymer 'GERANYLGERANYL DIPHOSPHATE'
3 non-polymer 'MAGNESIUM ION'
4 water water
#
_entity_poly.entity_id   1
_entity_poly.type   'polypeptide(L)'
_entity_poly.pdbx_seq_one_letter_code
;GSGSGSGMEKTQETVQRILLEPYKYLLQLPGKQVRTKLSQAFNHWLKVPEDKLQIIIEVTEMLHNASLLIDDIEDNSKLR
RGFPVAHSIYGIPSVINSANYVYFLGLEKVLTLDHQDAVKLFTRQLLELHQGQGLDIYWRDNYTCPTEEEYKAMVLQKTG
GLFGLAVGLMQLFSDYKEDLKPLLNTLGLFFQIRDDYANLHSKEYSENKSFCEDLTEGKFSFPTIHAIWSRPESTQVQNI
LCQRTENIDIKKYCVHYLEDVGSFEYTRNTLKELEAKAYKQIDARGGNPELVALVKHLSKMFKEENE
;
_entity_poly.pdbx_strand_id   A,B,C,D,E,F
#
loop_
_chem_comp.id
_chem_comp.type
_chem_comp.name
_chem_comp.formula
GRG non-polymer 'GERANYLGERANYL DIPHOSPHATE' 'C20 H36 O7 P2'
MG non-polymer 'MAGNESIUM ION' 'Mg 2'
#
# COMPACT_ATOMS: atom_id res chain seq x y z
N LYS A 10 -1.80 -17.58 -40.63
CA LYS A 10 -2.48 -18.04 -39.41
C LYS A 10 -1.79 -17.48 -38.18
N THR A 11 -0.47 -17.72 -38.07
CA THR A 11 0.28 -17.17 -36.94
C THR A 11 0.13 -15.66 -36.86
N GLN A 12 0.21 -14.98 -38.00
CA GLN A 12 0.02 -13.54 -38.03
C GLN A 12 -1.40 -13.16 -37.60
N GLU A 13 -2.41 -13.84 -38.15
CA GLU A 13 -3.79 -13.52 -37.80
C GLU A 13 -4.10 -13.85 -36.34
N THR A 14 -3.55 -14.94 -35.81
CA THR A 14 -3.73 -15.23 -34.39
C THR A 14 -2.95 -14.26 -33.52
N VAL A 15 -1.71 -13.91 -33.92
CA VAL A 15 -0.94 -12.96 -33.13
C VAL A 15 -1.63 -11.61 -33.13
N GLN A 16 -2.17 -11.18 -34.27
CA GLN A 16 -2.93 -9.94 -34.29
C GLN A 16 -4.12 -10.03 -33.33
N ARG A 17 -4.88 -11.13 -33.43
CA ARG A 17 -6.08 -11.31 -32.62
C ARG A 17 -5.79 -11.15 -31.14
N ILE A 18 -4.69 -11.74 -30.67
CA ILE A 18 -4.29 -11.58 -29.27
C ILE A 18 -4.10 -10.09 -28.95
N LEU A 19 -3.55 -9.34 -29.91
CA LEU A 19 -3.25 -7.92 -29.67
C LEU A 19 -4.49 -7.04 -29.76
N LEU A 20 -5.53 -7.42 -30.50
CA LEU A 20 -6.70 -6.55 -30.61
C LEU A 20 -7.74 -6.86 -29.56
N GLU A 21 -7.48 -7.79 -28.65
CA GLU A 21 -8.48 -8.16 -27.64
C GLU A 21 -8.96 -6.95 -26.82
N PRO A 22 -8.10 -6.10 -26.25
CA PRO A 22 -8.62 -4.95 -25.51
C PRO A 22 -9.56 -4.09 -26.33
N TYR A 23 -9.30 -3.93 -27.63
CA TYR A 23 -10.20 -3.17 -28.48
C TYR A 23 -11.52 -3.91 -28.64
N LYS A 24 -11.46 -5.23 -28.84
CA LYS A 24 -12.69 -6.02 -28.94
C LYS A 24 -13.56 -5.89 -27.71
N TYR A 25 -12.95 -5.75 -26.53
CA TYR A 25 -13.75 -5.58 -25.30
C TYR A 25 -14.55 -4.29 -25.33
N LEU A 26 -13.92 -3.18 -25.77
CA LEU A 26 -14.58 -1.89 -25.76
C LEU A 26 -15.71 -1.83 -26.77
N LEU A 27 -15.71 -2.73 -27.75
CA LEU A 27 -16.77 -2.75 -28.75
C LEU A 27 -18.13 -3.06 -28.12
N GLN A 28 -18.13 -3.80 -26.99
CA GLN A 28 -19.39 -4.14 -26.31
C GLN A 28 -20.03 -2.97 -25.57
N LEU A 29 -19.34 -1.84 -25.45
CA LEU A 29 -19.81 -0.69 -24.70
C LEU A 29 -20.77 0.13 -25.56
N PRO A 30 -21.77 0.77 -24.95
CA PRO A 30 -22.66 1.65 -25.72
C PRO A 30 -21.89 2.84 -26.30
N GLY A 31 -22.44 3.39 -27.37
CA GLY A 31 -21.84 4.57 -27.98
C GLY A 31 -21.95 4.64 -29.49
N LYS A 32 -21.88 3.49 -30.15
CA LYS A 32 -21.93 3.48 -31.60
C LYS A 32 -23.19 4.16 -32.11
N GLN A 33 -24.28 4.09 -31.34
CA GLN A 33 -25.53 4.73 -31.76
C GLN A 33 -25.34 6.21 -32.01
N VAL A 34 -24.77 6.93 -31.03
CA VAL A 34 -24.51 8.36 -31.20
C VAL A 34 -23.56 8.59 -32.37
N ARG A 35 -22.49 7.78 -32.45
CA ARG A 35 -21.55 7.91 -33.57
C ARG A 35 -22.25 7.66 -34.91
N THR A 36 -23.08 6.62 -34.98
CA THR A 36 -23.82 6.33 -36.22
C THR A 36 -24.78 7.46 -36.55
N LYS A 37 -25.58 7.90 -35.58
CA LYS A 37 -26.52 8.99 -35.82
C LYS A 37 -25.81 10.29 -36.20
N LEU A 38 -24.65 10.56 -35.60
CA LEU A 38 -23.91 11.78 -35.92
C LEU A 38 -23.48 11.80 -37.38
N SER A 39 -22.90 10.70 -37.85
CA SER A 39 -22.50 10.60 -39.26
C SER A 39 -23.68 10.82 -40.19
N GLN A 40 -24.81 10.16 -39.89
CA GLN A 40 -26.00 10.32 -40.73
C GLN A 40 -26.46 11.77 -40.75
N ALA A 41 -26.49 12.42 -39.58
CA ALA A 41 -26.93 13.82 -39.50
C ALA A 41 -26.05 14.72 -40.38
N PHE A 42 -24.75 14.48 -40.38
CA PHE A 42 -23.83 15.31 -41.16
C PHE A 42 -23.95 15.04 -42.66
N ASN A 43 -24.31 13.82 -43.03
CA ASN A 43 -24.46 13.48 -44.44
C ASN A 43 -25.69 14.14 -45.07
N HIS A 44 -26.65 14.59 -44.27
CA HIS A 44 -27.78 15.36 -44.79
C HIS A 44 -27.30 16.56 -45.59
N TRP A 45 -26.09 17.02 -45.29
CA TRP A 45 -25.40 18.08 -46.01
C TRP A 45 -24.33 17.55 -46.94
N LEU A 46 -23.57 16.54 -46.50
CA LEU A 46 -22.39 16.10 -47.24
C LEU A 46 -22.74 15.25 -48.47
N LYS A 47 -23.74 14.37 -48.36
CA LYS A 47 -24.11 13.44 -49.43
C LYS A 47 -22.87 12.75 -50.01
N VAL A 48 -22.18 12.03 -49.15
CA VAL A 48 -20.91 11.37 -49.46
C VAL A 48 -21.15 9.90 -49.83
N PRO A 49 -20.37 9.35 -50.76
CA PRO A 49 -20.54 7.93 -51.12
C PRO A 49 -20.42 6.98 -49.93
N GLU A 50 -21.34 6.02 -49.87
CA GLU A 50 -21.34 5.03 -48.80
C GLU A 50 -20.06 4.19 -48.81
N ASP A 51 -19.50 3.95 -50.00
CA ASP A 51 -18.27 3.15 -50.11
C ASP A 51 -17.13 3.76 -49.31
N LYS A 52 -16.93 5.08 -49.46
CA LYS A 52 -15.88 5.75 -48.69
C LYS A 52 -16.29 5.88 -47.22
N LEU A 53 -17.58 6.18 -46.98
CA LEU A 53 -18.07 6.39 -45.63
C LEU A 53 -17.79 5.20 -44.73
N GLN A 54 -18.08 3.98 -45.22
CA GLN A 54 -17.83 2.79 -44.41
C GLN A 54 -16.40 2.78 -43.90
N ILE A 55 -15.46 3.16 -44.78
CA ILE A 55 -14.07 3.29 -44.37
C ILE A 55 -13.92 4.41 -43.34
N ILE A 56 -14.41 5.61 -43.66
CA ILE A 56 -14.28 6.73 -42.73
C ILE A 56 -14.99 6.41 -41.41
N ILE A 57 -16.16 5.77 -41.48
CA ILE A 57 -16.86 5.37 -40.26
C ILE A 57 -16.00 4.45 -39.43
N GLU A 58 -15.47 3.40 -40.07
CA GLU A 58 -14.61 2.45 -39.39
C GLU A 58 -13.37 3.14 -38.83
N VAL A 59 -12.72 3.95 -39.67
CA VAL A 59 -11.54 4.69 -39.22
C VAL A 59 -11.85 5.51 -37.97
N THR A 60 -12.96 6.26 -38.00
CA THR A 60 -13.35 7.07 -36.85
C THR A 60 -13.55 6.20 -35.61
N GLU A 61 -14.34 5.13 -35.74
CA GLU A 61 -14.56 4.24 -34.61
C GLU A 61 -13.24 3.72 -34.05
N MET A 62 -12.32 3.33 -34.93
CA MET A 62 -11.00 2.85 -34.50
C MET A 62 -10.27 3.91 -33.68
N LEU A 63 -10.06 5.10 -34.26
CA LEU A 63 -9.31 6.14 -33.56
C LEU A 63 -10.04 6.62 -32.30
N HIS A 64 -11.36 6.77 -32.36
CA HIS A 64 -12.12 7.24 -31.20
C HIS A 64 -11.98 6.28 -30.02
N ASN A 65 -12.31 5.01 -30.24
CA ASN A 65 -12.21 4.03 -29.16
C ASN A 65 -10.77 3.91 -28.68
N ALA A 66 -9.80 4.01 -29.60
CA ALA A 66 -8.40 3.98 -29.20
C ALA A 66 -8.06 5.12 -28.26
N SER A 67 -8.55 6.34 -28.56
CA SER A 67 -8.30 7.46 -27.66
C SER A 67 -8.97 7.22 -26.31
N LEU A 68 -10.19 6.67 -26.30
CA LEU A 68 -10.85 6.39 -25.03
C LEU A 68 -10.10 5.34 -24.23
N LEU A 69 -9.53 4.33 -24.90
CA LEU A 69 -8.74 3.34 -24.17
C LEU A 69 -7.56 3.99 -23.47
N ILE A 70 -6.85 4.86 -24.19
CA ILE A 70 -5.73 5.59 -23.59
C ILE A 70 -6.23 6.56 -22.53
N ASP A 71 -7.34 7.26 -22.81
CA ASP A 71 -7.83 8.25 -21.85
C ASP A 71 -8.13 7.63 -20.50
N ASP A 72 -8.79 6.46 -20.50
CA ASP A 72 -9.08 5.79 -19.23
C ASP A 72 -7.82 5.54 -18.42
N ILE A 73 -6.72 5.20 -19.10
CA ILE A 73 -5.46 4.99 -18.40
C ILE A 73 -4.94 6.30 -17.82
N GLU A 74 -4.97 7.38 -18.62
CA GLU A 74 -4.50 8.69 -18.15
C GLU A 74 -5.38 9.29 -17.07
N ASP A 75 -6.63 8.84 -16.95
CA ASP A 75 -7.58 9.38 -16.00
C ASP A 75 -7.81 8.49 -14.78
N ASN A 76 -7.10 7.36 -14.70
CA ASN A 76 -7.32 6.38 -13.64
C ASN A 76 -8.80 6.12 -13.42
N SER A 77 -9.58 6.13 -14.49
CA SER A 77 -11.00 5.89 -14.35
C SER A 77 -11.24 4.41 -14.09
N LYS A 78 -12.39 4.11 -13.48
CA LYS A 78 -12.75 2.75 -13.11
C LYS A 78 -13.83 2.14 -13.99
N LEU A 79 -14.78 2.94 -14.47
CA LEU A 79 -15.91 2.44 -15.24
C LEU A 79 -16.02 3.25 -16.54
N ARG A 80 -16.52 2.62 -17.60
CA ARG A 80 -16.84 3.36 -18.82
C ARG A 80 -18.13 2.82 -19.41
N ARG A 81 -19.12 3.69 -19.56
CA ARG A 81 -20.43 3.29 -20.09
C ARG A 81 -21.02 2.15 -19.27
N GLY A 82 -20.72 2.12 -17.97
CA GLY A 82 -21.21 1.11 -17.08
C GLY A 82 -20.38 -0.15 -17.04
N PHE A 83 -19.42 -0.28 -17.92
CA PHE A 83 -18.54 -1.44 -18.07
C PHE A 83 -17.19 -1.15 -17.43
N PRO A 84 -16.52 -2.16 -16.89
CA PRO A 84 -15.14 -1.96 -16.43
C PRO A 84 -14.26 -1.46 -17.57
N VAL A 85 -13.33 -0.56 -17.24
CA VAL A 85 -12.42 -0.06 -18.26
C VAL A 85 -11.50 -1.20 -18.71
N ALA A 86 -11.00 -1.09 -19.95
CA ALA A 86 -10.24 -2.19 -20.55
C ALA A 86 -9.01 -2.54 -19.72
N HIS A 87 -8.28 -1.53 -19.23
CA HIS A 87 -7.08 -1.83 -18.47
C HIS A 87 -7.39 -2.47 -17.13
N SER A 88 -8.65 -2.43 -16.68
CA SER A 88 -9.07 -3.17 -15.49
C SER A 88 -9.05 -4.67 -15.71
N ILE A 89 -8.92 -5.12 -16.96
CA ILE A 89 -9.01 -6.54 -17.24
C ILE A 89 -7.71 -7.06 -17.84
N TYR A 90 -7.30 -6.47 -18.97
CA TYR A 90 -6.15 -6.93 -19.73
C TYR A 90 -4.83 -6.34 -19.27
N GLY A 91 -4.85 -5.29 -18.47
CA GLY A 91 -3.64 -4.68 -17.96
C GLY A 91 -3.25 -3.45 -18.77
N ILE A 92 -2.62 -2.49 -18.08
CA ILE A 92 -2.25 -1.26 -18.77
C ILE A 92 -1.24 -1.48 -19.86
N PRO A 93 -0.11 -2.19 -19.68
CA PRO A 93 0.82 -2.39 -20.78
C PRO A 93 0.16 -3.00 -22.01
N SER A 94 -0.77 -3.93 -21.81
CA SER A 94 -1.46 -4.55 -22.94
C SER A 94 -2.33 -3.54 -23.69
N VAL A 95 -3.13 -2.76 -22.94
CA VAL A 95 -4.04 -1.81 -23.59
C VAL A 95 -3.29 -0.69 -24.30
N ILE A 96 -2.21 -0.18 -23.70
CA ILE A 96 -1.44 0.88 -24.33
C ILE A 96 -0.96 0.44 -25.72
N ASN A 97 -0.24 -0.68 -25.78
CA ASN A 97 0.23 -1.18 -27.06
C ASN A 97 -0.93 -1.45 -28.00
N SER A 98 -2.02 -2.03 -27.48
CA SER A 98 -3.17 -2.37 -28.30
C SER A 98 -3.83 -1.11 -28.87
N ALA A 99 -4.01 -0.08 -28.04
CA ALA A 99 -4.61 1.16 -28.51
C ALA A 99 -3.72 1.84 -29.54
N ASN A 100 -2.41 1.89 -29.27
CA ASN A 100 -1.46 2.45 -30.24
C ASN A 100 -1.42 1.63 -31.51
N TYR A 101 -1.58 0.31 -31.40
CA TYR A 101 -1.68 -0.54 -32.58
C TYR A 101 -2.87 -0.11 -33.44
N VAL A 102 -4.00 0.20 -32.79
CA VAL A 102 -5.22 0.61 -33.50
C VAL A 102 -5.03 1.97 -34.18
N TYR A 103 -4.29 2.88 -33.55
CA TYR A 103 -3.98 4.15 -34.20
C TYR A 103 -3.39 3.92 -35.59
N PHE A 104 -2.33 3.11 -35.67
CA PHE A 104 -1.68 2.90 -36.96
C PHE A 104 -2.47 1.95 -37.82
N LEU A 105 -3.29 1.09 -37.21
CA LEU A 105 -4.28 0.35 -37.98
C LEU A 105 -5.31 1.30 -38.59
N GLY A 106 -5.64 2.37 -37.86
CA GLY A 106 -6.54 3.38 -38.42
C GLY A 106 -5.92 4.14 -39.58
N LEU A 107 -4.61 4.42 -39.49
CA LEU A 107 -3.92 5.02 -40.62
C LEU A 107 -3.95 4.12 -41.85
N GLU A 108 -3.71 2.83 -41.64
CA GLU A 108 -3.78 1.86 -42.73
C GLU A 108 -5.13 1.93 -43.45
N LYS A 109 -6.22 2.00 -42.69
CA LYS A 109 -7.53 2.18 -43.32
C LYS A 109 -7.64 3.57 -43.95
N VAL A 110 -7.09 4.58 -43.27
CA VAL A 110 -7.08 5.94 -43.80
C VAL A 110 -6.24 6.04 -45.06
N LEU A 111 -5.29 5.12 -45.24
CA LEU A 111 -4.47 5.05 -46.44
C LEU A 111 -5.21 4.46 -47.63
N THR A 112 -6.49 4.10 -47.47
CA THR A 112 -7.27 3.54 -48.57
C THR A 112 -8.24 4.53 -49.20
N LEU A 113 -8.31 5.76 -48.70
CA LEU A 113 -9.25 6.70 -49.32
C LEU A 113 -8.75 7.23 -50.65
N ASP A 114 -7.49 6.93 -51.02
CA ASP A 114 -6.89 7.34 -52.29
C ASP A 114 -6.88 8.86 -52.48
N HIS A 115 -7.12 9.61 -51.42
CA HIS A 115 -7.03 11.07 -51.43
C HIS A 115 -5.68 11.50 -50.89
N GLN A 116 -4.96 12.31 -51.67
CA GLN A 116 -3.62 12.73 -51.24
C GLN A 116 -3.68 13.61 -50.00
N ASP A 117 -4.80 14.29 -49.78
CA ASP A 117 -4.98 15.21 -48.67
C ASP A 117 -5.59 14.54 -47.45
N ALA A 118 -5.83 13.23 -47.52
CA ALA A 118 -6.42 12.51 -46.39
C ALA A 118 -5.41 12.32 -45.26
N VAL A 119 -4.23 11.80 -45.59
CA VAL A 119 -3.20 11.57 -44.57
C VAL A 119 -2.83 12.87 -43.88
N LYS A 120 -2.81 13.98 -44.62
CA LYS A 120 -2.54 15.28 -44.00
C LYS A 120 -3.59 15.58 -42.93
N LEU A 121 -4.86 15.41 -43.27
CA LEU A 121 -5.93 15.67 -42.31
C LEU A 121 -5.84 14.72 -41.11
N PHE A 122 -5.49 13.44 -41.36
CA PHE A 122 -5.30 12.46 -40.27
C PHE A 122 -4.24 12.94 -39.27
N THR A 123 -3.04 13.22 -39.76
CA THR A 123 -1.95 13.70 -38.90
C THR A 123 -2.35 14.99 -38.18
N ARG A 124 -2.88 15.97 -38.90
CA ARG A 124 -3.25 17.24 -38.28
C ARG A 124 -4.26 17.02 -37.16
N GLN A 125 -5.31 16.25 -37.44
CA GLN A 125 -6.38 16.06 -36.46
C GLN A 125 -5.90 15.32 -35.20
N LEU A 126 -5.03 14.32 -35.38
CA LEU A 126 -4.52 13.57 -34.21
C LEU A 126 -3.64 14.45 -33.33
N LEU A 127 -2.71 15.20 -33.95
CA LEU A 127 -1.87 16.11 -33.18
C LEU A 127 -2.72 17.11 -32.42
N GLU A 128 -3.79 17.62 -33.06
CA GLU A 128 -4.72 18.50 -32.37
C GLU A 128 -5.36 17.79 -31.19
N LEU A 129 -5.79 16.54 -31.38
CA LEU A 129 -6.39 15.80 -30.27
C LEU A 129 -5.40 15.63 -29.10
N HIS A 130 -4.15 15.30 -29.42
CA HIS A 130 -3.15 15.15 -28.36
C HIS A 130 -2.88 16.47 -27.65
N GLN A 131 -3.02 17.61 -28.33
CA GLN A 131 -2.83 18.90 -27.67
C GLN A 131 -3.84 19.10 -26.54
N GLY A 132 -5.11 18.81 -26.80
CA GLY A 132 -6.12 19.00 -25.77
C GLY A 132 -5.91 18.09 -24.58
N GLN A 133 -5.80 16.78 -24.83
CA GLN A 133 -5.55 15.83 -23.75
C GLN A 133 -4.30 16.20 -22.98
N GLY A 134 -3.25 16.63 -23.69
CA GLY A 134 -2.04 17.06 -23.01
C GLY A 134 -2.30 18.18 -22.02
N LEU A 135 -3.08 19.18 -22.43
CA LEU A 135 -3.37 20.31 -21.56
C LEU A 135 -4.23 19.90 -20.36
N ASP A 136 -5.25 19.07 -20.59
CA ASP A 136 -6.06 18.60 -19.46
C ASP A 136 -5.21 17.84 -18.45
N ILE A 137 -4.33 16.96 -18.93
CA ILE A 137 -3.43 16.21 -18.05
C ILE A 137 -2.43 17.14 -17.37
N TYR A 138 -1.92 18.13 -18.11
CA TYR A 138 -0.99 19.11 -17.54
C TYR A 138 -1.60 19.85 -16.35
N TRP A 139 -2.77 20.47 -16.56
CA TRP A 139 -3.42 21.23 -15.51
C TRP A 139 -3.68 20.37 -14.27
N ARG A 140 -4.15 19.14 -14.47
CA ARG A 140 -4.51 18.30 -13.34
C ARG A 140 -3.27 17.85 -12.57
N ASP A 141 -2.27 17.32 -13.28
CA ASP A 141 -1.07 16.76 -12.66
C ASP A 141 -0.03 17.81 -12.27
N ASN A 142 -0.24 19.08 -12.63
CA ASN A 142 0.58 20.17 -12.11
C ASN A 142 -0.22 21.09 -11.18
N TYR A 143 -1.43 20.68 -10.80
CA TYR A 143 -2.26 21.38 -9.82
C TYR A 143 -2.39 22.86 -10.17
N THR A 144 -2.87 23.11 -11.38
CA THR A 144 -3.06 24.46 -11.90
C THR A 144 -4.44 24.48 -12.55
N CYS A 145 -5.42 24.97 -11.82
CA CYS A 145 -6.78 25.03 -12.35
C CYS A 145 -6.80 25.97 -13.55
N PRO A 146 -7.36 25.57 -14.67
CA PRO A 146 -7.47 26.49 -15.80
C PRO A 146 -8.67 27.41 -15.61
N THR A 147 -8.67 28.49 -16.37
CA THR A 147 -9.79 29.42 -16.36
C THR A 147 -10.91 28.86 -17.23
N GLU A 148 -12.12 29.41 -17.05
CA GLU A 148 -13.24 28.95 -17.87
C GLU A 148 -12.87 29.01 -19.34
N GLU A 149 -12.33 30.15 -19.78
CA GLU A 149 -11.91 30.32 -21.17
C GLU A 149 -10.84 29.30 -21.55
N GLU A 150 -9.83 29.11 -20.69
CA GLU A 150 -8.77 28.14 -20.97
C GLU A 150 -9.32 26.72 -21.13
N TYR A 151 -10.24 26.30 -20.25
CA TYR A 151 -10.81 24.96 -20.33
C TYR A 151 -11.51 24.76 -21.67
N LYS A 152 -12.40 25.70 -22.03
CA LYS A 152 -13.12 25.63 -23.29
C LYS A 152 -12.19 25.51 -24.48
N ALA A 153 -11.11 26.31 -24.49
CA ALA A 153 -10.15 26.25 -25.58
C ALA A 153 -9.55 24.85 -25.71
N MET A 154 -9.28 24.20 -24.57
CA MET A 154 -8.66 22.89 -24.59
C MET A 154 -9.57 21.83 -25.20
N VAL A 155 -10.83 21.76 -24.73
CA VAL A 155 -11.76 20.76 -25.27
C VAL A 155 -11.94 20.93 -26.78
N LEU A 156 -11.88 22.16 -27.28
CA LEU A 156 -12.06 22.37 -28.72
C LEU A 156 -10.99 21.65 -29.52
N GLN A 157 -9.87 21.33 -28.90
CA GLN A 157 -8.84 20.52 -29.54
C GLN A 157 -9.01 19.05 -29.21
N LYS A 158 -9.39 18.73 -27.97
CA LYS A 158 -9.68 17.36 -27.59
C LYS A 158 -10.88 16.81 -28.38
N THR A 159 -12.03 17.47 -28.32
CA THR A 159 -13.17 17.04 -29.12
C THR A 159 -12.94 17.30 -30.60
N GLY A 160 -12.42 18.49 -30.92
CA GLY A 160 -12.23 18.89 -32.31
C GLY A 160 -11.34 17.97 -33.11
N GLY A 161 -10.40 17.29 -32.45
CA GLY A 161 -9.52 16.37 -33.14
C GLY A 161 -10.24 15.30 -33.94
N LEU A 162 -11.12 14.51 -33.30
CA LEU A 162 -11.83 13.47 -34.04
C LEU A 162 -13.08 13.98 -34.73
N PHE A 163 -13.77 14.98 -34.14
CA PHE A 163 -14.89 15.58 -34.83
C PHE A 163 -14.47 16.05 -36.21
N GLY A 164 -13.35 16.79 -36.27
CA GLY A 164 -12.86 17.27 -37.54
C GLY A 164 -12.26 16.17 -38.40
N LEU A 165 -11.70 15.13 -37.76
CA LEU A 165 -11.14 14.02 -38.52
C LEU A 165 -12.22 13.35 -39.36
N ALA A 166 -13.33 12.98 -38.72
CA ALA A 166 -14.47 12.37 -39.39
C ALA A 166 -15.07 13.32 -40.41
N VAL A 167 -15.64 14.43 -39.93
CA VAL A 167 -16.30 15.40 -40.79
C VAL A 167 -15.37 15.85 -41.92
N GLY A 168 -14.10 16.09 -41.60
CA GLY A 168 -13.15 16.50 -42.63
C GLY A 168 -12.97 15.46 -43.71
N LEU A 169 -12.68 14.23 -43.30
CA LEU A 169 -12.53 13.15 -44.28
C LEU A 169 -13.80 12.97 -45.11
N MET A 170 -14.98 13.17 -44.50
CA MET A 170 -16.21 13.08 -45.27
C MET A 170 -16.29 14.21 -46.29
N GLN A 171 -15.90 15.43 -45.89
CA GLN A 171 -15.93 16.57 -46.81
C GLN A 171 -14.95 16.39 -47.98
N LEU A 172 -13.89 15.61 -47.78
CA LEU A 172 -12.94 15.37 -48.86
C LEU A 172 -13.60 14.74 -50.07
N PHE A 173 -14.71 14.04 -49.88
CA PHE A 173 -15.45 13.45 -50.98
C PHE A 173 -16.90 13.92 -51.00
N SER A 174 -17.12 15.20 -50.68
CA SER A 174 -18.45 15.79 -50.65
C SER A 174 -18.45 17.13 -51.36
N ASP A 175 -19.56 17.44 -52.03
CA ASP A 175 -19.66 18.73 -52.70
C ASP A 175 -20.06 19.84 -51.74
N TYR A 176 -20.54 19.50 -50.55
CA TYR A 176 -20.73 20.54 -49.56
C TYR A 176 -19.34 21.04 -49.16
N LYS A 177 -19.22 22.34 -48.93
CA LYS A 177 -17.91 22.87 -48.60
C LYS A 177 -17.98 24.11 -47.71
N GLU A 178 -19.14 24.43 -47.15
CA GLU A 178 -19.22 25.55 -46.22
C GLU A 178 -18.61 25.12 -44.89
N ASP A 179 -18.08 26.09 -44.15
CA ASP A 179 -17.32 25.78 -42.95
C ASP A 179 -18.20 25.13 -41.91
N LEU A 180 -17.80 23.95 -41.47
CA LEU A 180 -18.52 23.21 -40.44
C LEU A 180 -17.78 23.21 -39.11
N LYS A 181 -16.58 23.77 -39.06
CA LYS A 181 -15.84 23.86 -37.79
C LYS A 181 -16.61 24.60 -36.69
N PRO A 182 -17.26 25.76 -36.95
CA PRO A 182 -18.04 26.42 -35.88
C PRO A 182 -19.04 25.52 -35.16
N LEU A 183 -19.85 24.74 -35.90
CA LEU A 183 -20.82 23.85 -35.26
C LEU A 183 -20.15 22.72 -34.49
N LEU A 184 -19.13 22.09 -35.10
CA LEU A 184 -18.41 21.01 -34.42
C LEU A 184 -17.85 21.45 -33.08
N ASN A 185 -17.40 22.71 -32.98
CA ASN A 185 -16.87 23.21 -31.71
C ASN A 185 -17.97 23.34 -30.66
N THR A 186 -19.12 23.90 -31.03
CA THR A 186 -20.24 23.97 -30.10
C THR A 186 -20.63 22.59 -29.59
N LEU A 187 -20.71 21.61 -30.51
CA LEU A 187 -21.05 20.25 -30.12
C LEU A 187 -19.98 19.66 -29.22
N GLY A 188 -18.71 19.87 -29.57
CA GLY A 188 -17.62 19.41 -28.72
C GLY A 188 -17.75 19.95 -27.31
N LEU A 189 -18.00 21.26 -27.20
CA LEU A 189 -18.28 21.85 -25.89
C LEU A 189 -19.47 21.18 -25.24
N PHE A 190 -20.57 21.07 -25.99
CA PHE A 190 -21.79 20.47 -25.47
C PHE A 190 -21.52 19.09 -24.86
N PHE A 191 -20.77 18.24 -25.59
CA PHE A 191 -20.52 16.88 -25.10
C PHE A 191 -19.68 16.86 -23.83
N GLN A 192 -18.54 17.55 -23.84
CA GLN A 192 -17.64 17.52 -22.68
C GLN A 192 -18.30 18.11 -21.44
N ILE A 193 -18.89 19.30 -21.58
CA ILE A 193 -19.56 19.95 -20.45
C ILE A 193 -20.74 19.11 -19.97
N ARG A 194 -21.47 18.48 -20.91
CA ARG A 194 -22.50 17.51 -20.52
C ARG A 194 -21.88 16.33 -19.78
N ASP A 195 -20.75 15.85 -20.30
CA ASP A 195 -19.99 14.80 -19.63
C ASP A 195 -19.61 15.25 -18.22
N ASP A 196 -19.06 16.46 -18.09
CA ASP A 196 -18.69 17.00 -16.79
C ASP A 196 -19.89 17.09 -15.85
N TYR A 197 -20.99 17.67 -16.32
CA TYR A 197 -22.18 17.82 -15.48
C TYR A 197 -22.67 16.45 -15.02
N ALA A 198 -22.77 15.50 -15.95
CA ALA A 198 -23.28 14.17 -15.62
C ALA A 198 -22.36 13.44 -14.64
N ASN A 199 -21.04 13.50 -14.85
CA ASN A 199 -20.13 12.74 -14.00
C ASN A 199 -20.21 13.12 -12.53
N LEU A 200 -20.76 14.29 -12.20
CA LEU A 200 -20.86 14.74 -10.82
C LEU A 200 -22.30 14.89 -10.33
N HIS A 201 -23.26 15.16 -11.22
CA HIS A 201 -24.65 15.36 -10.82
C HIS A 201 -25.48 14.07 -10.79
N SER A 202 -25.04 13.02 -11.48
CA SER A 202 -25.77 11.76 -11.48
C SER A 202 -25.28 10.89 -10.32
N LYS A 203 -26.22 10.31 -9.59
CA LYS A 203 -25.87 9.52 -8.41
C LYS A 203 -25.67 8.06 -8.78
N GLU A 204 -26.74 7.28 -8.71
CA GLU A 204 -26.71 5.87 -9.09
C GLU A 204 -27.29 5.64 -10.48
N TYR A 205 -27.37 6.68 -11.31
CA TYR A 205 -27.82 6.49 -12.69
C TYR A 205 -26.94 5.50 -13.42
N SER A 206 -25.65 5.39 -13.02
CA SER A 206 -24.72 4.41 -13.60
C SER A 206 -24.73 4.47 -15.12
N GLU A 207 -24.88 5.68 -15.65
CA GLU A 207 -24.98 5.86 -17.10
C GLU A 207 -23.65 5.52 -17.77
N ASN A 208 -22.54 6.01 -17.23
CA ASN A 208 -21.24 5.66 -17.79
C ASN A 208 -20.25 5.26 -16.70
N LYS A 209 -19.93 6.17 -15.79
CA LYS A 209 -18.92 5.96 -14.78
C LYS A 209 -19.56 5.76 -13.41
N SER A 210 -18.70 5.62 -12.40
CA SER A 210 -19.10 5.48 -11.01
C SER A 210 -19.32 6.85 -10.38
N PHE A 211 -19.70 6.84 -9.10
CA PHE A 211 -20.00 8.06 -8.35
C PHE A 211 -18.80 8.99 -8.32
N CYS A 212 -18.99 10.19 -8.89
CA CYS A 212 -18.00 11.27 -8.97
C CYS A 212 -16.59 10.76 -9.22
N GLU A 213 -16.44 10.01 -10.32
CA GLU A 213 -15.11 9.55 -10.70
C GLU A 213 -14.19 10.71 -11.05
N ASP A 214 -14.74 11.85 -11.43
CA ASP A 214 -13.90 13.00 -11.78
C ASP A 214 -13.15 13.53 -10.56
N LEU A 215 -13.77 13.51 -9.38
CA LEU A 215 -13.09 13.98 -8.18
C LEU A 215 -11.92 13.07 -7.82
N THR A 216 -12.09 11.76 -7.96
CA THR A 216 -11.00 10.82 -7.71
C THR A 216 -9.87 10.99 -8.72
N GLU A 217 -10.19 11.31 -9.96
CA GLU A 217 -9.14 11.65 -10.91
C GLU A 217 -8.43 12.94 -10.54
N GLY A 218 -9.10 13.83 -9.81
CA GLY A 218 -8.53 15.13 -9.51
C GLY A 218 -8.53 16.10 -10.67
N LYS A 219 -9.30 15.82 -11.72
CA LYS A 219 -9.33 16.66 -12.90
C LYS A 219 -10.22 17.88 -12.69
N PHE A 220 -9.94 18.93 -13.48
CA PHE A 220 -10.72 20.17 -13.48
C PHE A 220 -11.85 20.09 -14.51
N SER A 221 -13.08 19.78 -14.07
CA SER A 221 -14.26 19.81 -14.93
C SER A 221 -14.97 21.15 -14.77
N PHE A 222 -15.87 21.44 -15.72
CA PHE A 222 -16.62 22.70 -15.72
C PHE A 222 -17.24 23.05 -14.37
N PRO A 223 -18.02 22.20 -13.70
CA PRO A 223 -18.57 22.60 -12.40
C PRO A 223 -17.51 22.96 -11.37
N THR A 224 -16.50 22.10 -11.18
CA THR A 224 -15.47 22.37 -10.19
C THR A 224 -14.73 23.67 -10.50
N ILE A 225 -14.41 23.90 -11.79
CA ILE A 225 -13.73 25.14 -12.19
C ILE A 225 -14.53 26.35 -11.73
N HIS A 226 -15.85 26.32 -11.89
CA HIS A 226 -16.70 27.41 -11.43
C HIS A 226 -16.49 27.70 -9.94
N ALA A 227 -16.74 26.70 -9.09
CA ALA A 227 -16.63 26.89 -7.64
C ALA A 227 -15.27 27.46 -7.26
N ILE A 228 -14.20 26.98 -7.91
CA ILE A 228 -12.87 27.46 -7.59
C ILE A 228 -12.78 28.97 -7.79
N TRP A 229 -13.23 29.47 -8.95
CA TRP A 229 -13.16 30.91 -9.20
C TRP A 229 -14.35 31.66 -8.62
N SER A 230 -15.54 31.03 -8.58
CA SER A 230 -16.68 31.68 -7.97
C SER A 230 -16.39 32.02 -6.52
N ARG A 231 -15.79 31.09 -5.78
CA ARG A 231 -15.47 31.26 -4.38
C ARG A 231 -13.95 31.18 -4.14
N PRO A 232 -13.21 32.25 -4.36
CA PRO A 232 -11.79 32.26 -4.01
C PRO A 232 -11.55 32.44 -2.52
N GLU A 233 -12.62 32.55 -1.72
CA GLU A 233 -12.50 32.60 -0.27
C GLU A 233 -12.39 31.23 0.37
N SER A 234 -12.56 30.16 -0.41
CA SER A 234 -12.41 28.79 0.08
C SER A 234 -11.51 28.01 -0.86
N THR A 235 -10.67 27.14 -0.29
CA THR A 235 -9.77 26.28 -1.04
C THR A 235 -10.17 24.81 -0.92
N GLN A 236 -11.42 24.56 -0.54
CA GLN A 236 -11.94 23.21 -0.32
C GLN A 236 -11.81 22.34 -1.57
N VAL A 237 -12.41 22.77 -2.68
CA VAL A 237 -12.42 21.99 -3.91
C VAL A 237 -10.99 21.64 -4.33
N GLN A 238 -10.13 22.66 -4.40
CA GLN A 238 -8.74 22.43 -4.78
C GLN A 238 -8.09 21.36 -3.91
N ASN A 239 -8.32 21.43 -2.60
CA ASN A 239 -7.74 20.44 -1.70
C ASN A 239 -8.34 19.07 -1.91
N ILE A 240 -9.66 18.99 -2.10
CA ILE A 240 -10.32 17.70 -2.31
C ILE A 240 -9.82 17.04 -3.59
N LEU A 241 -9.62 17.83 -4.66
CA LEU A 241 -9.10 17.29 -5.91
C LEU A 241 -7.67 16.81 -5.75
N CYS A 242 -6.87 17.49 -4.93
CA CYS A 242 -5.50 17.05 -4.71
C CYS A 242 -5.44 15.71 -4.03
N GLN A 243 -6.44 15.40 -3.20
CA GLN A 243 -6.45 14.14 -2.47
C GLN A 243 -6.62 12.96 -3.41
N ARG A 244 -7.26 13.19 -4.56
CA ARG A 244 -7.60 12.13 -5.48
C ARG A 244 -8.15 10.92 -4.72
N THR A 245 -9.10 11.21 -3.84
CA THR A 245 -9.62 10.23 -2.91
C THR A 245 -10.89 9.59 -3.49
N GLU A 246 -11.19 8.40 -3.01
CA GLU A 246 -12.39 7.66 -3.36
C GLU A 246 -13.41 7.66 -2.23
N ASN A 247 -13.16 8.48 -1.21
CA ASN A 247 -14.05 8.53 -0.06
C ASN A 247 -15.38 9.13 -0.45
N ILE A 248 -16.46 8.36 -0.28
CA ILE A 248 -17.78 8.83 -0.69
C ILE A 248 -18.19 10.06 0.11
N ASP A 249 -17.91 10.07 1.42
CA ASP A 249 -18.33 11.18 2.26
C ASP A 249 -17.67 12.48 1.81
N ILE A 250 -16.38 12.42 1.50
CA ILE A 250 -15.66 13.57 0.98
C ILE A 250 -16.22 13.99 -0.38
N LYS A 251 -16.46 13.02 -1.25
CA LYS A 251 -17.04 13.36 -2.54
C LYS A 251 -18.44 13.94 -2.37
N LYS A 252 -19.26 13.35 -1.47
CA LYS A 252 -20.59 13.88 -1.23
C LYS A 252 -20.54 15.32 -0.71
N TYR A 253 -19.56 15.64 0.14
CA TYR A 253 -19.43 17.01 0.62
C TYR A 253 -19.13 17.96 -0.53
N CYS A 254 -18.23 17.57 -1.41
CA CYS A 254 -17.85 18.40 -2.55
C CYS A 254 -19.08 18.76 -3.39
N VAL A 255 -19.92 17.77 -3.70
CA VAL A 255 -21.11 17.99 -4.51
C VAL A 255 -22.07 18.97 -3.84
N HIS A 256 -22.29 18.81 -2.53
CA HIS A 256 -23.12 19.76 -1.80
C HIS A 256 -22.57 21.18 -1.91
N TYR A 257 -21.27 21.34 -1.73
CA TYR A 257 -20.65 22.66 -1.85
C TYR A 257 -20.83 23.23 -3.25
N LEU A 258 -20.55 22.40 -4.27
CA LEU A 258 -20.72 22.83 -5.65
C LEU A 258 -22.14 23.36 -5.91
N GLU A 259 -23.17 22.68 -5.36
CA GLU A 259 -24.53 23.19 -5.54
C GLU A 259 -24.70 24.51 -4.80
N ASP A 260 -24.12 24.60 -3.62
CA ASP A 260 -24.36 25.76 -2.79
C ASP A 260 -23.76 27.00 -3.40
N VAL A 261 -22.68 26.85 -4.19
CA VAL A 261 -22.03 27.97 -4.87
C VAL A 261 -22.63 28.15 -6.26
N GLY A 262 -23.66 27.35 -6.59
CA GLY A 262 -24.31 27.49 -7.86
C GLY A 262 -23.57 26.89 -9.04
N SER A 263 -22.54 26.05 -8.83
CA SER A 263 -21.77 25.52 -9.95
C SER A 263 -22.63 24.66 -10.88
N PHE A 264 -23.55 23.86 -10.27
CA PHE A 264 -24.43 22.98 -11.03
C PHE A 264 -25.47 23.82 -11.81
N GLU A 265 -26.11 24.76 -11.14
CA GLU A 265 -27.05 25.64 -11.84
C GLU A 265 -26.34 26.42 -12.94
N TYR A 266 -25.14 26.91 -12.67
CA TYR A 266 -24.33 27.61 -13.67
C TYR A 266 -24.03 26.70 -14.87
N THR A 267 -23.67 25.45 -14.60
CA THR A 267 -23.38 24.53 -15.71
C THR A 267 -24.63 24.30 -16.57
N ARG A 268 -25.79 24.13 -15.94
CA ARG A 268 -27.02 23.89 -16.68
C ARG A 268 -27.29 25.03 -17.66
N ASN A 269 -27.22 26.27 -17.19
CA ASN A 269 -27.45 27.40 -18.08
C ASN A 269 -26.45 27.43 -19.22
N THR A 270 -25.18 27.12 -18.93
CA THR A 270 -24.17 27.03 -19.99
C THR A 270 -24.53 25.94 -21.00
N LEU A 271 -24.98 24.78 -20.51
CA LEU A 271 -25.43 23.74 -21.42
C LEU A 271 -26.68 24.19 -22.16
N LYS A 272 -27.63 24.80 -21.45
CA LYS A 272 -28.84 25.32 -22.08
C LYS A 272 -28.49 26.36 -23.15
N GLU A 273 -27.51 27.22 -22.86
CA GLU A 273 -27.09 28.22 -23.84
C GLU A 273 -26.42 27.57 -25.05
N LEU A 274 -25.55 26.59 -24.83
CA LEU A 274 -24.85 25.92 -25.93
C LEU A 274 -25.83 25.27 -26.90
N GLU A 275 -26.92 24.68 -26.39
CA GLU A 275 -27.93 24.10 -27.26
C GLU A 275 -28.54 25.13 -28.20
N ALA A 276 -28.89 26.31 -27.67
CA ALA A 276 -29.49 27.34 -28.50
C ALA A 276 -28.58 27.75 -29.65
N LYS A 277 -27.30 28.04 -29.34
CA LYS A 277 -26.35 28.40 -30.38
C LYS A 277 -26.23 27.32 -31.44
N ALA A 278 -26.23 26.04 -31.02
CA ALA A 278 -26.15 24.93 -31.96
C ALA A 278 -27.32 24.93 -32.94
N TYR A 279 -28.54 25.12 -32.42
CA TYR A 279 -29.73 25.18 -33.27
C TYR A 279 -29.55 26.20 -34.39
N LYS A 280 -29.06 27.39 -34.05
CA LYS A 280 -28.83 28.43 -35.06
C LYS A 280 -27.81 27.98 -36.10
N GLN A 281 -26.72 27.34 -35.66
CA GLN A 281 -25.68 26.90 -36.58
C GLN A 281 -26.19 25.85 -37.57
N ILE A 282 -27.03 24.91 -37.11
CA ILE A 282 -27.65 23.95 -38.02
C ILE A 282 -28.56 24.69 -39.00
N ASP A 283 -29.42 25.57 -38.47
CA ASP A 283 -30.34 26.33 -39.31
C ASP A 283 -29.60 27.16 -40.35
N ALA A 284 -28.48 27.78 -39.96
CA ALA A 284 -27.71 28.60 -40.88
C ALA A 284 -27.07 27.79 -41.99
N ARG A 285 -27.02 26.45 -41.86
CA ARG A 285 -26.45 25.58 -42.87
C ARG A 285 -27.53 24.85 -43.68
N GLY A 286 -28.77 25.31 -43.59
CA GLY A 286 -29.88 24.70 -44.29
C GLY A 286 -30.83 23.93 -43.40
N GLY A 287 -30.44 23.63 -42.17
CA GLY A 287 -31.27 22.84 -41.29
C GLY A 287 -30.89 21.37 -41.31
N ASN A 288 -31.07 20.71 -40.17
CA ASN A 288 -30.73 19.29 -40.04
C ASN A 288 -31.70 18.66 -39.06
N PRO A 289 -32.84 18.20 -39.54
CA PRO A 289 -33.82 17.58 -38.63
C PRO A 289 -33.21 16.48 -37.79
N GLU A 290 -32.31 15.66 -38.37
CA GLU A 290 -31.63 14.63 -37.60
C GLU A 290 -30.73 15.22 -36.53
N LEU A 291 -29.83 16.12 -36.92
CA LEU A 291 -28.91 16.71 -35.94
C LEU A 291 -29.66 17.49 -34.87
N VAL A 292 -30.67 18.28 -35.28
CA VAL A 292 -31.48 19.04 -34.33
C VAL A 292 -32.13 18.10 -33.31
N ALA A 293 -32.58 16.92 -33.77
CA ALA A 293 -33.23 15.98 -32.86
C ALA A 293 -32.28 15.47 -31.79
N LEU A 294 -31.03 15.14 -32.18
CA LEU A 294 -30.05 14.65 -31.22
C LEU A 294 -29.91 15.61 -30.05
N VAL A 295 -29.72 16.89 -30.33
CA VAL A 295 -29.55 17.88 -29.26
C VAL A 295 -30.70 17.81 -28.26
N LYS A 296 -31.93 17.77 -28.74
CA LYS A 296 -33.07 17.73 -27.83
C LYS A 296 -33.00 16.49 -26.94
N HIS A 297 -32.61 15.35 -27.50
CA HIS A 297 -32.44 14.12 -26.73
C HIS A 297 -31.36 14.29 -25.66
N LEU A 298 -30.21 14.83 -26.05
CA LEU A 298 -29.12 15.05 -25.10
C LEU A 298 -29.45 16.13 -24.07
N SER A 299 -30.35 17.05 -24.40
CA SER A 299 -30.73 18.14 -23.51
C SER A 299 -31.63 17.68 -22.36
N LYS A 300 -32.06 16.41 -22.36
CA LYS A 300 -32.87 15.91 -21.25
C LYS A 300 -32.07 15.86 -19.96
N MET A 301 -30.74 15.86 -20.04
CA MET A 301 -29.91 15.77 -18.83
C MET A 301 -30.11 16.99 -17.93
N PHE A 302 -30.05 18.19 -18.50
CA PHE A 302 -30.24 19.41 -17.72
C PHE A 302 -31.70 19.87 -17.72
N LYS A 303 -32.18 20.22 -16.53
CA LYS A 303 -33.54 20.72 -16.30
C LYS A 303 -34.62 19.89 -17.01
N THR B 11 3.66 33.20 -27.76
CA THR B 11 2.38 32.88 -28.38
C THR B 11 1.76 31.67 -27.72
N GLN B 12 0.77 31.08 -28.39
CA GLN B 12 0.27 29.79 -27.93
C GLN B 12 1.29 28.66 -28.19
N GLU B 13 2.52 28.97 -28.61
CA GLU B 13 3.54 27.94 -28.74
C GLU B 13 4.06 27.45 -27.38
N THR B 14 3.45 27.86 -26.26
CA THR B 14 3.80 27.26 -24.98
C THR B 14 3.20 25.87 -24.87
N VAL B 15 2.21 25.57 -25.71
CA VAL B 15 1.60 24.24 -25.67
C VAL B 15 2.60 23.18 -26.12
N GLN B 16 3.25 23.42 -27.26
CA GLN B 16 4.21 22.45 -27.78
C GLN B 16 5.29 22.16 -26.74
N ARG B 17 5.83 23.20 -26.12
CA ARG B 17 6.83 23.01 -25.07
C ARG B 17 6.28 22.14 -23.95
N ILE B 18 5.07 22.46 -23.47
CA ILE B 18 4.46 21.67 -22.40
C ILE B 18 4.31 20.21 -22.80
N LEU B 19 3.90 19.96 -24.05
CA LEU B 19 3.67 18.60 -24.49
C LEU B 19 4.95 17.85 -24.83
N LEU B 20 5.99 18.57 -25.23
CA LEU B 20 7.24 17.92 -25.63
C LEU B 20 8.24 17.86 -24.50
N GLU B 21 7.90 18.35 -23.32
CA GLU B 21 8.87 18.34 -22.23
C GLU B 21 9.37 16.93 -21.93
N PRO B 22 8.51 15.93 -21.70
CA PRO B 22 9.05 14.58 -21.44
C PRO B 22 9.98 14.07 -22.53
N TYR B 23 9.68 14.38 -23.80
CA TYR B 23 10.59 13.99 -24.88
C TYR B 23 11.90 14.77 -24.80
N LYS B 24 11.82 16.08 -24.53
CA LYS B 24 13.04 16.87 -24.35
C LYS B 24 13.88 16.29 -23.22
N TYR B 25 13.23 15.78 -22.17
CA TYR B 25 13.96 15.18 -21.06
C TYR B 25 14.78 13.99 -21.52
N LEU B 26 14.18 13.12 -22.34
CA LEU B 26 14.89 11.92 -22.77
C LEU B 26 16.00 12.22 -23.76
N LEU B 27 15.94 13.35 -24.47
CA LEU B 27 17.02 13.67 -25.40
C LEU B 27 18.34 13.85 -24.68
N GLN B 28 18.31 14.17 -23.39
CA GLN B 28 19.52 14.34 -22.60
C GLN B 28 20.24 13.03 -22.33
N LEU B 29 19.63 11.88 -22.65
CA LEU B 29 20.21 10.56 -22.43
C LEU B 29 21.19 10.19 -23.54
N PRO B 30 22.24 9.44 -23.21
CA PRO B 30 23.13 8.94 -24.26
C PRO B 30 22.41 7.95 -25.17
N GLY B 31 22.92 7.84 -26.40
CA GLY B 31 22.35 6.90 -27.34
C GLY B 31 22.37 7.38 -28.77
N LYS B 32 22.20 8.70 -28.97
CA LYS B 32 22.16 9.24 -30.33
C LYS B 32 23.41 8.88 -31.10
N GLN B 33 24.55 8.74 -30.42
CA GLN B 33 25.80 8.38 -31.08
C GLN B 33 25.66 7.06 -31.83
N VAL B 34 25.13 6.03 -31.17
CA VAL B 34 24.98 4.74 -31.82
C VAL B 34 24.05 4.84 -33.01
N ARG B 35 22.90 5.51 -32.85
CA ARG B 35 21.97 5.67 -33.97
C ARG B 35 22.62 6.42 -35.11
N THR B 36 23.36 7.49 -34.80
CA THR B 36 24.04 8.25 -35.85
C THR B 36 25.10 7.39 -36.54
N LYS B 37 25.95 6.73 -35.75
CA LYS B 37 26.97 5.87 -36.34
C LYS B 37 26.35 4.76 -37.19
N LEU B 38 25.22 4.20 -36.73
CA LEU B 38 24.52 3.20 -37.52
C LEU B 38 24.04 3.80 -38.84
N SER B 39 23.43 4.99 -38.78
CA SER B 39 22.99 5.67 -39.99
C SER B 39 24.14 5.89 -40.95
N GLN B 40 25.27 6.39 -40.45
CA GLN B 40 26.44 6.59 -41.29
C GLN B 40 26.93 5.28 -41.88
N ALA B 41 27.03 4.24 -41.04
CA ALA B 41 27.54 2.95 -41.52
C ALA B 41 26.73 2.41 -42.68
N PHE B 42 25.40 2.49 -42.59
CA PHE B 42 24.56 2.00 -43.69
C PHE B 42 24.59 2.92 -44.90
N ASN B 43 24.90 4.20 -44.70
CA ASN B 43 25.01 5.12 -45.83
C ASN B 43 26.20 4.81 -46.74
N HIS B 44 27.20 4.08 -46.24
CA HIS B 44 28.31 3.65 -47.10
C HIS B 44 27.78 2.82 -48.26
N TRP B 45 26.67 2.13 -48.07
CA TRP B 45 25.98 1.34 -49.08
C TRP B 45 24.80 2.08 -49.70
N LEU B 46 24.00 2.76 -48.88
CA LEU B 46 22.79 3.38 -49.39
C LEU B 46 23.07 4.68 -50.12
N LYS B 47 24.00 5.49 -49.61
CA LYS B 47 24.37 6.78 -50.20
C LYS B 47 23.12 7.59 -50.58
N VAL B 48 22.38 7.96 -49.55
CA VAL B 48 21.10 8.66 -49.74
C VAL B 48 21.40 10.16 -49.77
N PRO B 49 20.69 10.95 -50.58
CA PRO B 49 20.89 12.41 -50.54
C PRO B 49 20.70 12.94 -49.12
N GLU B 50 21.63 13.82 -48.71
CA GLU B 50 21.63 14.32 -47.34
C GLU B 50 20.32 15.03 -46.97
N ASP B 51 19.70 15.74 -47.92
CA ASP B 51 18.44 16.43 -47.62
C ASP B 51 17.38 15.46 -47.09
N LYS B 52 17.22 14.32 -47.77
CA LYS B 52 16.27 13.32 -47.30
C LYS B 52 16.81 12.63 -46.05
N LEU B 53 18.10 12.31 -46.04
CA LEU B 53 18.73 11.63 -44.91
C LEU B 53 18.52 12.42 -43.61
N GLN B 54 18.68 13.74 -43.66
CA GLN B 54 18.48 14.55 -42.47
C GLN B 54 17.11 14.31 -41.87
N ILE B 55 16.06 14.31 -42.70
CA ILE B 55 14.71 14.02 -42.23
C ILE B 55 14.63 12.59 -41.67
N ILE B 56 15.20 11.63 -42.40
CA ILE B 56 15.15 10.23 -41.98
C ILE B 56 15.72 10.03 -40.58
N ILE B 57 16.88 10.63 -40.29
CA ILE B 57 17.44 10.50 -38.94
C ILE B 57 16.51 11.11 -37.90
N GLU B 58 15.97 12.30 -38.18
CA GLU B 58 15.05 12.94 -37.23
C GLU B 58 13.85 12.05 -36.97
N VAL B 59 13.20 11.55 -38.03
CA VAL B 59 12.07 10.65 -37.90
C VAL B 59 12.45 9.43 -37.07
N THR B 60 13.60 8.82 -37.37
CA THR B 60 14.05 7.65 -36.62
C THR B 60 14.22 7.97 -35.15
N GLU B 61 14.95 9.05 -34.84
CA GLU B 61 15.17 9.42 -33.44
C GLU B 61 13.86 9.71 -32.71
N MET B 62 12.95 10.45 -33.34
CA MET B 62 11.65 10.72 -32.71
C MET B 62 10.94 9.41 -32.40
N LEU B 63 10.73 8.57 -33.42
CA LEU B 63 9.97 7.35 -33.21
C LEU B 63 10.66 6.41 -32.24
N HIS B 64 12.00 6.31 -32.33
CA HIS B 64 12.73 5.45 -31.41
C HIS B 64 12.53 5.91 -29.97
N ASN B 65 12.83 7.19 -29.69
CA ASN B 65 12.65 7.73 -28.34
C ASN B 65 11.18 7.68 -27.91
N ALA B 66 10.26 7.98 -28.82
CA ALA B 66 8.84 7.95 -28.47
C ALA B 66 8.43 6.55 -28.01
N SER B 67 8.85 5.51 -28.74
CA SER B 67 8.55 4.14 -28.33
C SER B 67 9.22 3.80 -27.01
N LEU B 68 10.47 4.26 -26.80
CA LEU B 68 11.15 3.97 -25.55
C LEU B 68 10.43 4.62 -24.36
N LEU B 69 9.82 5.78 -24.56
CA LEU B 69 9.02 6.38 -23.48
C LEU B 69 7.88 5.46 -23.08
N ILE B 70 7.14 4.96 -24.08
CA ILE B 70 6.01 4.09 -23.82
C ILE B 70 6.46 2.77 -23.22
N ASP B 71 7.56 2.19 -23.73
CA ASP B 71 8.01 0.87 -23.27
C ASP B 71 8.36 0.89 -21.78
N ASP B 72 9.06 1.94 -21.32
CA ASP B 72 9.38 2.05 -19.90
C ASP B 72 8.12 2.02 -19.03
N ILE B 73 7.03 2.62 -19.52
CA ILE B 73 5.76 2.53 -18.81
C ILE B 73 5.24 1.10 -18.83
N GLU B 74 5.25 0.46 -20.00
CA GLU B 74 4.77 -0.91 -20.12
C GLU B 74 5.64 -1.90 -19.36
N ASP B 75 6.88 -1.55 -19.06
CA ASP B 75 7.81 -2.45 -18.39
C ASP B 75 8.03 -2.07 -16.93
N ASN B 76 7.32 -1.06 -16.43
CA ASN B 76 7.49 -0.54 -15.06
C ASN B 76 8.96 -0.35 -14.72
N SER B 77 9.74 0.11 -15.70
CA SER B 77 11.15 0.31 -15.49
C SER B 77 11.39 1.55 -14.62
N LYS B 78 12.55 1.58 -13.98
CA LYS B 78 12.93 2.69 -13.10
C LYS B 78 14.02 3.57 -13.67
N LEU B 79 15.01 2.99 -14.35
CA LEU B 79 16.14 3.73 -14.87
C LEU B 79 16.31 3.44 -16.35
N ARG B 80 16.83 4.44 -17.07
CA ARG B 80 17.18 4.22 -18.47
C ARG B 80 18.52 4.85 -18.76
N ARG B 81 19.48 4.00 -19.13
CA ARG B 81 20.84 4.44 -19.46
C ARG B 81 21.40 5.32 -18.33
N GLY B 82 21.01 5.00 -17.10
CA GLY B 82 21.44 5.72 -15.92
C GLY B 82 20.57 6.89 -15.50
N PHE B 83 19.58 7.30 -16.33
CA PHE B 83 18.68 8.39 -15.99
C PHE B 83 17.33 7.86 -15.52
N PRO B 84 16.65 8.59 -14.64
CA PRO B 84 15.28 8.22 -14.29
C PRO B 84 14.39 8.19 -15.52
N VAL B 85 13.44 7.26 -15.51
CA VAL B 85 12.48 7.18 -16.61
C VAL B 85 11.62 8.44 -16.61
N ALA B 86 11.13 8.81 -17.78
CA ALA B 86 10.39 10.05 -17.91
C ALA B 86 9.16 10.08 -16.99
N HIS B 87 8.42 8.96 -16.92
CA HIS B 87 7.22 8.95 -16.10
C HIS B 87 7.56 8.98 -14.61
N SER B 88 8.81 8.71 -14.24
CA SER B 88 9.23 8.86 -12.85
C SER B 88 9.23 10.32 -12.42
N ILE B 89 9.17 11.23 -13.39
CA ILE B 89 9.28 12.67 -13.15
C ILE B 89 8.01 13.37 -13.58
N TYR B 90 7.62 13.20 -14.84
CA TYR B 90 6.45 13.88 -15.35
C TYR B 90 5.16 13.10 -15.13
N GLY B 91 5.24 11.84 -14.74
CA GLY B 91 4.07 11.05 -14.47
C GLY B 91 3.69 10.20 -15.67
N ILE B 92 3.06 9.04 -15.42
CA ILE B 92 2.65 8.19 -16.54
C ILE B 92 1.67 8.88 -17.46
N PRO B 93 0.58 9.51 -17.02
CA PRO B 93 -0.35 10.12 -17.97
C PRO B 93 0.29 11.11 -18.93
N SER B 94 1.17 12.00 -18.44
CA SER B 94 1.77 12.99 -19.31
C SER B 94 2.68 12.36 -20.36
N VAL B 95 3.54 11.42 -19.94
CA VAL B 95 4.48 10.81 -20.88
C VAL B 95 3.74 10.00 -21.95
N ILE B 96 2.66 9.31 -21.58
CA ILE B 96 1.86 8.59 -22.57
C ILE B 96 1.39 9.53 -23.66
N ASN B 97 0.72 10.62 -23.26
CA ASN B 97 0.24 11.60 -24.24
C ASN B 97 1.39 12.20 -25.05
N SER B 98 2.49 12.54 -24.38
CA SER B 98 3.63 13.14 -25.07
C SER B 98 4.25 12.14 -26.06
N ALA B 99 4.45 10.90 -25.63
CA ALA B 99 5.06 9.91 -26.52
C ALA B 99 4.17 9.62 -27.73
N ASN B 100 2.85 9.51 -27.51
CA ASN B 100 1.94 9.36 -28.65
C ASN B 100 1.96 10.61 -29.53
N TYR B 101 2.10 11.78 -28.91
CA TYR B 101 2.22 13.02 -29.66
C TYR B 101 3.42 12.99 -30.62
N VAL B 102 4.58 12.52 -30.14
CA VAL B 102 5.79 12.47 -30.97
C VAL B 102 5.64 11.47 -32.12
N TYR B 103 4.92 10.37 -31.91
CA TYR B 103 4.66 9.43 -32.99
C TYR B 103 4.13 10.15 -34.22
N PHE B 104 3.05 10.90 -34.02
CA PHE B 104 2.34 11.58 -35.10
C PHE B 104 3.04 12.84 -35.56
N LEU B 105 3.86 13.46 -34.69
CA LEU B 105 4.79 14.46 -35.19
C LEU B 105 5.81 13.84 -36.12
N GLY B 106 6.24 12.61 -35.81
CA GLY B 106 7.14 11.90 -36.70
C GLY B 106 6.50 11.58 -38.03
N LEU B 107 5.20 11.21 -38.01
CA LEU B 107 4.47 11.00 -39.25
C LEU B 107 4.40 12.29 -40.07
N GLU B 108 4.11 13.42 -39.41
CA GLU B 108 4.13 14.69 -40.10
C GLU B 108 5.46 14.90 -40.82
N LYS B 109 6.57 14.54 -40.16
CA LYS B 109 7.89 14.71 -40.76
C LYS B 109 8.07 13.78 -41.95
N VAL B 110 7.53 12.56 -41.88
CA VAL B 110 7.60 11.64 -43.01
C VAL B 110 6.84 12.18 -44.20
N LEU B 111 5.84 13.04 -43.95
CA LEU B 111 5.09 13.64 -45.04
C LEU B 111 5.89 14.70 -45.77
N THR B 112 7.12 14.96 -45.35
CA THR B 112 8.01 15.89 -45.99
C THR B 112 9.05 15.20 -46.85
N LEU B 113 9.06 13.87 -46.85
CA LEU B 113 9.98 13.14 -47.72
C LEU B 113 9.48 13.06 -49.16
N ASP B 114 8.22 13.42 -49.40
CA ASP B 114 7.65 13.51 -50.75
C ASP B 114 7.79 12.22 -51.53
N HIS B 115 7.37 11.11 -50.91
CA HIS B 115 7.43 9.80 -51.54
C HIS B 115 6.12 9.07 -51.26
N GLN B 116 5.48 8.57 -52.32
CA GLN B 116 4.19 7.91 -52.15
C GLN B 116 4.30 6.64 -51.32
N ASP B 117 5.47 6.01 -51.31
CA ASP B 117 5.70 4.77 -50.58
C ASP B 117 6.32 5.00 -49.19
N ALA B 118 6.54 6.26 -48.81
CA ALA B 118 7.17 6.53 -47.52
C ALA B 118 6.21 6.24 -46.37
N VAL B 119 5.01 6.83 -46.41
CA VAL B 119 4.02 6.55 -45.38
C VAL B 119 3.65 5.07 -45.38
N LYS B 120 3.67 4.42 -46.55
CA LYS B 120 3.41 2.98 -46.61
C LYS B 120 4.44 2.20 -45.79
N LEU B 121 5.73 2.49 -46.02
CA LEU B 121 6.78 1.84 -45.22
C LEU B 121 6.63 2.22 -43.75
N PHE B 122 6.27 3.47 -43.48
CA PHE B 122 6.05 3.94 -42.12
C PHE B 122 5.01 3.08 -41.40
N THR B 123 3.82 2.96 -41.97
CA THR B 123 2.76 2.17 -41.36
C THR B 123 3.20 0.72 -41.13
N ARG B 124 3.74 0.06 -42.16
CA ARG B 124 4.11 -1.35 -42.03
C ARG B 124 5.13 -1.57 -40.92
N GLN B 125 6.22 -0.78 -40.93
CA GLN B 125 7.26 -0.97 -39.93
C GLN B 125 6.72 -0.69 -38.54
N LEU B 126 5.87 0.33 -38.40
CA LEU B 126 5.34 0.69 -37.09
C LEU B 126 4.44 -0.42 -36.56
N LEU B 127 3.55 -0.94 -37.40
CA LEU B 127 2.72 -2.07 -37.00
C LEU B 127 3.59 -3.27 -36.64
N GLU B 128 4.68 -3.49 -37.38
CA GLU B 128 5.59 -4.60 -37.08
C GLU B 128 6.15 -4.47 -35.68
N LEU B 129 6.56 -3.26 -35.28
CA LEU B 129 7.07 -3.04 -33.93
C LEU B 129 6.02 -3.37 -32.87
N HIS B 130 4.77 -2.96 -33.10
CA HIS B 130 3.71 -3.22 -32.11
C HIS B 130 3.44 -4.70 -31.93
N GLN B 131 3.58 -5.49 -33.00
CA GLN B 131 3.44 -6.94 -32.87
C GLN B 131 4.51 -7.51 -31.95
N GLY B 132 5.76 -7.07 -32.11
CA GLY B 132 6.82 -7.54 -31.24
C GLY B 132 6.58 -7.17 -29.78
N GLN B 133 6.29 -5.89 -29.52
CA GLN B 133 5.99 -5.44 -28.17
C GLN B 133 4.81 -6.20 -27.58
N GLY B 134 3.77 -6.43 -28.38
CA GLY B 134 2.60 -7.14 -27.88
C GLY B 134 2.92 -8.53 -27.35
N LEU B 135 3.69 -9.30 -28.12
CA LEU B 135 4.06 -10.65 -27.68
C LEU B 135 4.90 -10.60 -26.41
N ASP B 136 5.86 -9.67 -26.36
CA ASP B 136 6.66 -9.47 -25.16
C ASP B 136 5.75 -9.17 -23.96
N ILE B 137 4.79 -8.26 -24.16
CA ILE B 137 3.84 -7.93 -23.10
C ILE B 137 2.87 -9.09 -22.83
N TYR B 138 2.36 -9.71 -23.89
CA TYR B 138 1.39 -10.78 -23.73
C TYR B 138 1.98 -11.94 -22.93
N TRP B 139 3.12 -12.46 -23.38
CA TRP B 139 3.77 -13.56 -22.67
C TRP B 139 4.01 -13.22 -21.21
N ARG B 140 4.48 -12.00 -20.96
CA ARG B 140 4.83 -11.63 -19.58
C ARG B 140 3.57 -11.48 -18.73
N ASP B 141 2.56 -10.78 -19.22
CA ASP B 141 1.35 -10.53 -18.46
C ASP B 141 0.34 -11.69 -18.53
N ASN B 142 0.57 -12.71 -19.34
CA ASN B 142 -0.24 -13.92 -19.27
C ASN B 142 0.56 -15.12 -18.78
N TYR B 143 1.78 -14.90 -18.31
CA TYR B 143 2.63 -15.92 -17.68
C TYR B 143 2.79 -17.17 -18.55
N THR B 144 3.27 -16.96 -19.77
CA THR B 144 3.54 -18.05 -20.71
C THR B 144 4.90 -17.79 -21.36
N CYS B 145 5.93 -18.43 -20.84
CA CYS B 145 7.28 -18.26 -21.36
C CYS B 145 7.36 -18.77 -22.80
N PRO B 146 7.94 -18.01 -23.71
CA PRO B 146 8.06 -18.46 -25.11
C PRO B 146 9.25 -19.39 -25.29
N THR B 147 9.28 -20.02 -26.47
CA THR B 147 10.45 -20.78 -26.87
C THR B 147 11.49 -19.81 -27.42
N GLU B 148 12.72 -20.29 -27.55
CA GLU B 148 13.75 -19.48 -28.20
C GLU B 148 13.27 -19.03 -29.58
N GLU B 149 12.74 -19.98 -30.36
CA GLU B 149 12.24 -19.65 -31.69
C GLU B 149 11.12 -18.63 -31.62
N GLU B 150 10.15 -18.84 -30.73
CA GLU B 150 9.10 -17.84 -30.53
C GLU B 150 9.70 -16.51 -30.10
N TYR B 151 10.65 -16.56 -29.16
CA TYR B 151 11.28 -15.33 -28.68
C TYR B 151 12.00 -14.59 -29.80
N LYS B 152 12.95 -15.26 -30.47
CA LYS B 152 13.70 -14.59 -31.53
C LYS B 152 12.76 -14.06 -32.60
N ALA B 153 11.72 -14.83 -32.95
CA ALA B 153 10.75 -14.37 -33.94
C ALA B 153 10.13 -13.05 -33.52
N MET B 154 9.82 -12.89 -32.23
CA MET B 154 9.27 -11.64 -31.73
C MET B 154 10.27 -10.50 -31.87
N VAL B 155 11.51 -10.74 -31.45
CA VAL B 155 12.55 -9.71 -31.54
C VAL B 155 12.73 -9.24 -32.97
N LEU B 156 12.57 -10.15 -33.94
CA LEU B 156 12.76 -9.79 -35.34
C LEU B 156 11.75 -8.76 -35.82
N GLN B 157 10.59 -8.65 -35.18
CA GLN B 157 9.62 -7.63 -35.52
C GLN B 157 9.75 -6.39 -34.66
N LYS B 158 10.06 -6.56 -33.36
CA LYS B 158 10.23 -5.42 -32.46
C LYS B 158 11.37 -4.53 -32.94
N THR B 159 12.57 -5.09 -33.06
CA THR B 159 13.69 -4.31 -33.55
C THR B 159 13.52 -3.98 -35.04
N GLY B 160 13.06 -4.96 -35.82
CA GLY B 160 12.88 -4.74 -37.26
C GLY B 160 11.94 -3.60 -37.59
N GLY B 161 11.00 -3.29 -36.68
CA GLY B 161 10.12 -2.16 -36.88
C GLY B 161 10.86 -0.87 -37.12
N LEU B 162 11.80 -0.53 -36.24
CA LEU B 162 12.58 0.68 -36.38
C LEU B 162 13.78 0.50 -37.31
N PHE B 163 14.44 -0.67 -37.25
CA PHE B 163 15.54 -1.00 -38.15
C PHE B 163 15.12 -0.90 -39.62
N GLY B 164 13.99 -1.51 -39.97
CA GLY B 164 13.52 -1.46 -41.34
C GLY B 164 12.99 -0.09 -41.73
N LEU B 165 12.46 0.66 -40.75
CA LEU B 165 11.98 2.01 -41.01
C LEU B 165 13.09 2.91 -41.53
N ALA B 166 14.21 2.97 -40.79
CA ALA B 166 15.34 3.80 -41.18
C ALA B 166 15.91 3.33 -42.52
N VAL B 167 16.45 2.11 -42.55
CA VAL B 167 17.02 1.56 -43.77
C VAL B 167 16.01 1.61 -44.91
N GLY B 168 14.75 1.26 -44.63
CA GLY B 168 13.74 1.32 -45.67
C GLY B 168 13.56 2.72 -46.22
N LEU B 169 13.39 3.70 -45.33
CA LEU B 169 13.28 5.08 -45.79
C LEU B 169 14.53 5.51 -46.53
N MET B 170 15.70 5.05 -46.08
CA MET B 170 16.96 5.32 -46.78
C MET B 170 16.93 4.65 -48.14
N GLN B 171 16.45 3.41 -48.20
CA GLN B 171 16.34 2.70 -49.47
C GLN B 171 15.39 3.37 -50.43
N LEU B 172 14.41 4.11 -49.91
CA LEU B 172 13.44 4.80 -50.76
C LEU B 172 14.11 5.78 -51.71
N PHE B 173 15.28 6.30 -51.36
CA PHE B 173 15.99 7.28 -52.18
C PHE B 173 17.38 6.77 -52.55
N SER B 174 17.51 5.46 -52.78
CA SER B 174 18.82 4.92 -53.11
C SER B 174 18.71 3.91 -54.25
N ASP B 175 19.72 3.90 -55.12
CA ASP B 175 19.78 2.92 -56.18
C ASP B 175 20.37 1.59 -55.69
N TYR B 176 20.98 1.58 -54.50
CA TYR B 176 21.42 0.35 -53.86
C TYR B 176 20.19 -0.44 -53.46
N LYS B 177 19.89 -1.51 -54.21
CA LYS B 177 18.71 -2.33 -53.99
C LYS B 177 19.04 -3.72 -53.45
N GLU B 178 20.26 -3.92 -52.97
CA GLU B 178 20.65 -5.20 -52.40
C GLU B 178 20.02 -5.40 -51.02
N ASP B 179 19.73 -6.65 -50.70
CA ASP B 179 19.03 -7.01 -49.46
C ASP B 179 19.93 -6.85 -48.25
N LEU B 180 19.47 -6.03 -47.30
CA LEU B 180 20.11 -5.83 -46.01
C LEU B 180 19.30 -6.41 -44.86
N LYS B 181 18.11 -6.96 -45.15
CA LYS B 181 17.28 -7.55 -44.10
C LYS B 181 17.97 -8.66 -43.33
N PRO B 182 18.65 -9.64 -43.97
CA PRO B 182 19.42 -10.61 -43.16
C PRO B 182 20.33 -9.97 -42.14
N LEU B 183 21.10 -8.95 -42.56
CA LEU B 183 21.94 -8.23 -41.62
C LEU B 183 21.10 -7.44 -40.62
N LEU B 184 20.04 -6.78 -41.09
CA LEU B 184 19.15 -6.06 -40.19
C LEU B 184 18.56 -7.00 -39.14
N ASN B 185 18.15 -8.20 -39.55
CA ASN B 185 17.61 -9.17 -38.59
C ASN B 185 18.69 -9.66 -37.64
N THR B 186 19.88 -9.99 -38.17
CA THR B 186 21.00 -10.37 -37.33
C THR B 186 21.34 -9.28 -36.32
N LEU B 187 21.37 -8.02 -36.77
CA LEU B 187 21.69 -6.89 -35.89
C LEU B 187 20.62 -6.66 -34.83
N GLY B 188 19.35 -6.68 -35.22
CA GLY B 188 18.27 -6.56 -34.24
C GLY B 188 18.35 -7.61 -33.16
N LEU B 189 18.53 -8.86 -33.56
CA LEU B 189 18.74 -9.94 -32.61
C LEU B 189 19.95 -9.65 -31.73
N PHE B 190 21.08 -9.32 -32.36
CA PHE B 190 22.29 -8.96 -31.64
C PHE B 190 22.01 -7.92 -30.56
N PHE B 191 21.25 -6.88 -30.88
CA PHE B 191 21.03 -5.79 -29.94
C PHE B 191 20.25 -6.27 -28.73
N GLN B 192 19.09 -6.91 -28.95
CA GLN B 192 18.22 -7.30 -27.85
C GLN B 192 18.88 -8.33 -26.95
N ILE B 193 19.39 -9.41 -27.54
CA ILE B 193 20.05 -10.46 -26.75
C ILE B 193 21.21 -9.86 -25.95
N ARG B 194 21.94 -8.89 -26.56
CA ARG B 194 22.98 -8.12 -25.90
C ARG B 194 22.40 -7.31 -24.75
N ASP B 195 21.30 -6.61 -25.01
CA ASP B 195 20.63 -5.84 -23.97
C ASP B 195 20.14 -6.75 -22.85
N ASP B 196 19.49 -7.87 -23.21
CA ASP B 196 19.05 -8.83 -22.22
C ASP B 196 20.22 -9.29 -21.35
N TYR B 197 21.33 -9.63 -22.00
CA TYR B 197 22.51 -10.08 -21.25
C TYR B 197 22.97 -9.01 -20.28
N ALA B 198 23.08 -7.77 -20.74
CA ALA B 198 23.59 -6.70 -19.89
C ALA B 198 22.67 -6.44 -18.71
N ASN B 199 21.34 -6.44 -18.95
CA ASN B 199 20.38 -6.14 -17.88
C ASN B 199 20.45 -7.09 -16.70
N LEU B 200 21.08 -8.26 -16.87
CA LEU B 200 21.19 -9.27 -15.85
C LEU B 200 22.63 -9.54 -15.42
N HIS B 201 23.62 -9.38 -16.30
CA HIS B 201 25.00 -9.69 -15.93
C HIS B 201 25.74 -8.46 -15.39
N SER B 202 25.30 -7.25 -15.73
CA SER B 202 25.92 -6.02 -15.24
C SER B 202 25.19 -5.50 -13.98
N LYS B 209 19.81 0.47 -16.51
CA LYS B 209 18.79 -0.18 -15.68
C LYS B 209 19.32 -0.49 -14.28
N SER B 210 18.44 -0.43 -13.28
CA SER B 210 18.83 -0.79 -11.90
C SER B 210 19.10 -2.30 -11.85
N PHE B 211 19.54 -2.83 -10.71
CA PHE B 211 19.92 -4.25 -10.66
C PHE B 211 18.77 -5.11 -11.20
N CYS B 212 19.02 -5.88 -12.25
CA CYS B 212 18.01 -6.82 -12.80
C CYS B 212 16.61 -6.19 -12.83
N GLU B 213 16.44 -5.06 -13.52
CA GLU B 213 15.11 -4.45 -13.66
C GLU B 213 14.19 -5.34 -14.47
N ASP B 214 14.75 -6.19 -15.33
CA ASP B 214 13.93 -7.12 -16.11
C ASP B 214 13.27 -8.14 -15.21
N LEU B 215 13.96 -8.58 -14.15
CA LEU B 215 13.33 -9.51 -13.22
C LEU B 215 12.18 -8.86 -12.49
N THR B 216 12.32 -7.59 -12.11
CA THR B 216 11.21 -6.87 -11.49
C THR B 216 10.07 -6.70 -12.48
N GLU B 217 10.40 -6.46 -13.74
CA GLU B 217 9.38 -6.41 -14.78
C GLU B 217 8.69 -7.75 -14.92
N GLY B 218 9.41 -8.83 -14.60
CA GLY B 218 8.89 -10.16 -14.84
C GLY B 218 8.96 -10.61 -16.28
N LYS B 219 9.77 -9.94 -17.11
CA LYS B 219 9.82 -10.27 -18.53
C LYS B 219 10.67 -11.49 -18.78
N PHE B 220 10.34 -12.21 -19.85
CA PHE B 220 11.12 -13.38 -20.28
C PHE B 220 12.22 -12.88 -21.21
N SER B 221 13.41 -12.69 -20.67
CA SER B 221 14.56 -12.33 -21.50
C SER B 221 15.29 -13.59 -21.93
N PHE B 222 16.10 -13.46 -22.98
CA PHE B 222 16.84 -14.59 -23.52
C PHE B 222 17.53 -15.43 -22.45
N PRO B 223 18.31 -14.87 -21.51
CA PRO B 223 18.94 -15.73 -20.49
C PRO B 223 17.91 -16.52 -19.69
N THR B 224 16.87 -15.87 -19.18
CA THR B 224 15.88 -16.56 -18.38
C THR B 224 15.20 -17.68 -19.16
N ILE B 225 14.83 -17.40 -20.41
CA ILE B 225 14.16 -18.41 -21.24
C ILE B 225 14.98 -19.70 -21.31
N HIS B 226 16.31 -19.58 -21.45
CA HIS B 226 17.16 -20.77 -21.47
C HIS B 226 16.95 -21.65 -20.25
N ALA B 227 17.25 -21.12 -19.05
CA ALA B 227 17.11 -21.91 -17.83
C ALA B 227 15.71 -22.50 -17.67
N ILE B 228 14.67 -21.73 -18.03
CA ILE B 228 13.29 -22.21 -17.91
C ILE B 228 13.11 -23.50 -18.69
N TRP B 229 13.56 -23.50 -19.94
CA TRP B 229 13.44 -24.67 -20.79
C TRP B 229 14.58 -25.66 -20.57
N SER B 230 15.78 -25.18 -20.22
CA SER B 230 16.92 -26.08 -20.04
C SER B 230 16.70 -27.12 -18.94
N ARG B 231 16.29 -26.68 -17.75
CA ARG B 231 16.08 -27.57 -16.62
C ARG B 231 14.60 -27.46 -16.24
N PRO B 232 13.72 -28.22 -16.89
CA PRO B 232 12.28 -28.10 -16.65
C PRO B 232 11.80 -28.74 -15.37
N GLU B 233 12.69 -29.32 -14.58
CA GLU B 233 12.32 -29.88 -13.30
C GLU B 233 12.21 -28.81 -12.22
N SER B 234 12.49 -27.54 -12.55
CA SER B 234 12.36 -26.44 -11.61
C SER B 234 11.51 -25.34 -12.23
N THR B 235 10.65 -24.73 -11.40
CA THR B 235 9.84 -23.57 -11.78
C THR B 235 10.28 -22.31 -11.05
N GLN B 236 11.53 -22.29 -10.58
CA GLN B 236 12.07 -21.17 -9.81
C GLN B 236 11.92 -19.86 -10.57
N VAL B 237 12.54 -19.77 -11.76
CA VAL B 237 12.52 -18.55 -12.55
C VAL B 237 11.09 -18.08 -12.81
N GLN B 238 10.24 -19.00 -13.28
CA GLN B 238 8.84 -18.63 -13.54
C GLN B 238 8.19 -17.99 -12.33
N ASN B 239 8.37 -18.57 -11.14
CA ASN B 239 7.74 -18.00 -9.95
C ASN B 239 8.36 -16.66 -9.58
N ILE B 240 9.68 -16.56 -9.65
CA ILE B 240 10.36 -15.30 -9.32
C ILE B 240 9.91 -14.19 -10.26
N LEU B 241 9.72 -14.53 -11.55
CA LEU B 241 9.25 -13.55 -12.52
C LEU B 241 7.83 -13.10 -12.21
N CYS B 242 6.99 -14.01 -11.73
CA CYS B 242 5.60 -13.67 -11.42
C CYS B 242 5.49 -12.76 -10.20
N GLN B 243 6.41 -12.90 -9.24
CA GLN B 243 6.35 -12.04 -8.05
C GLN B 243 6.59 -10.57 -8.41
N ARG B 244 7.31 -10.31 -9.51
CA ARG B 244 7.70 -8.96 -9.91
C ARG B 244 8.24 -8.16 -8.74
N THR B 245 9.21 -8.75 -8.04
CA THR B 245 9.71 -8.22 -6.78
C THR B 245 10.93 -7.34 -7.01
N GLU B 246 11.21 -6.45 -6.05
CA GLU B 246 12.40 -5.62 -6.09
C GLU B 246 13.44 -6.05 -5.07
N ASN B 247 13.28 -7.23 -4.46
CA ASN B 247 14.24 -7.75 -3.50
C ASN B 247 15.57 -8.08 -4.18
N ILE B 248 16.63 -7.42 -3.73
CA ILE B 248 17.95 -7.61 -4.32
C ILE B 248 18.43 -9.05 -4.18
N ASP B 249 18.26 -9.64 -2.99
CA ASP B 249 18.73 -11.01 -2.79
C ASP B 249 17.96 -12.01 -3.67
N ILE B 250 16.64 -11.85 -3.78
CA ILE B 250 15.87 -12.73 -4.66
C ILE B 250 16.37 -12.59 -6.10
N LYS B 251 16.62 -11.35 -6.53
CA LYS B 251 17.20 -11.14 -7.85
C LYS B 251 18.60 -11.74 -7.94
N LYS B 252 19.42 -11.54 -6.90
CA LYS B 252 20.76 -12.11 -6.88
C LYS B 252 20.73 -13.63 -6.96
N TYR B 253 19.72 -14.26 -6.33
CA TYR B 253 19.58 -15.71 -6.39
C TYR B 253 19.34 -16.18 -7.82
N CYS B 254 18.44 -15.50 -8.52
CA CYS B 254 18.09 -15.89 -9.88
C CYS B 254 19.31 -15.89 -10.80
N VAL B 255 20.13 -14.83 -10.75
CA VAL B 255 21.29 -14.74 -11.65
C VAL B 255 22.30 -15.85 -11.37
N HIS B 256 22.57 -16.14 -10.09
CA HIS B 256 23.47 -17.24 -9.76
C HIS B 256 22.98 -18.57 -10.34
N TYR B 257 21.68 -18.84 -10.21
CA TYR B 257 21.08 -20.03 -10.80
C TYR B 257 21.23 -20.02 -12.33
N LEU B 258 20.88 -18.90 -12.96
CA LEU B 258 21.06 -18.77 -14.40
C LEU B 258 22.49 -19.05 -14.79
N GLU B 259 23.45 -18.53 -14.01
CA GLU B 259 24.85 -18.79 -14.28
C GLU B 259 25.19 -20.26 -14.06
N ASP B 260 24.63 -20.89 -13.03
CA ASP B 260 24.97 -22.28 -12.74
C ASP B 260 24.43 -23.26 -13.78
N VAL B 261 23.32 -22.93 -14.44
CA VAL B 261 22.77 -23.80 -15.49
C VAL B 261 23.34 -23.44 -16.86
N GLY B 262 24.30 -22.51 -16.89
CA GLY B 262 24.92 -22.12 -18.15
C GLY B 262 24.12 -21.17 -18.99
N SER B 263 23.10 -20.53 -18.42
CA SER B 263 22.27 -19.62 -19.19
C SER B 263 23.07 -18.45 -19.74
N PHE B 264 24.05 -17.94 -18.97
CA PHE B 264 24.83 -16.82 -19.48
C PHE B 264 25.82 -17.26 -20.57
N GLU B 265 26.50 -18.38 -20.35
CA GLU B 265 27.40 -18.90 -21.39
C GLU B 265 26.64 -19.16 -22.68
N TYR B 266 25.42 -19.70 -22.57
CA TYR B 266 24.59 -19.90 -23.76
C TYR B 266 24.29 -18.57 -24.44
N THR B 267 23.94 -17.54 -23.66
CA THR B 267 23.66 -16.23 -24.27
C THR B 267 24.90 -15.69 -24.95
N ARG B 268 26.06 -15.82 -24.29
CA ARG B 268 27.31 -15.37 -24.89
C ARG B 268 27.59 -16.14 -26.18
N ASN B 269 27.47 -17.46 -26.13
CA ASN B 269 27.72 -18.31 -27.30
C ASN B 269 26.79 -17.93 -28.45
N THR B 270 25.51 -17.67 -28.15
CA THR B 270 24.59 -17.16 -29.17
C THR B 270 25.05 -15.80 -29.70
N LEU B 271 25.48 -14.92 -28.79
CA LEU B 271 25.95 -13.60 -29.19
C LEU B 271 27.20 -13.72 -30.06
N LYS B 272 28.16 -14.56 -29.64
CA LYS B 272 29.35 -14.79 -30.45
C LYS B 272 28.99 -15.34 -31.82
N GLU B 273 27.98 -16.23 -31.88
CA GLU B 273 27.52 -16.73 -33.17
C GLU B 273 26.85 -15.63 -33.98
N LEU B 274 26.01 -14.81 -33.33
CA LEU B 274 25.37 -13.68 -34.00
C LEU B 274 26.40 -12.72 -34.56
N GLU B 275 27.48 -12.51 -33.83
CA GLU B 275 28.56 -11.63 -34.28
C GLU B 275 29.13 -12.10 -35.62
N ALA B 276 29.41 -13.39 -35.73
CA ALA B 276 29.95 -13.95 -36.97
C ALA B 276 28.99 -13.76 -38.13
N LYS B 277 27.70 -14.07 -37.92
CA LYS B 277 26.70 -13.90 -38.98
C LYS B 277 26.67 -12.46 -39.49
N ALA B 278 26.80 -11.49 -38.59
CA ALA B 278 26.86 -10.10 -39.02
C ALA B 278 28.11 -9.82 -39.86
N TYR B 279 29.29 -10.25 -39.36
CA TYR B 279 30.53 -10.03 -40.11
C TYR B 279 30.45 -10.62 -41.52
N LYS B 280 30.01 -11.89 -41.62
CA LYS B 280 29.90 -12.54 -42.92
C LYS B 280 28.91 -11.79 -43.82
N GLN B 281 27.77 -11.39 -43.28
CA GLN B 281 26.79 -10.65 -44.06
C GLN B 281 27.34 -9.31 -44.50
N ILE B 282 28.12 -8.64 -43.64
CA ILE B 282 28.73 -7.37 -44.03
C ILE B 282 29.65 -7.57 -45.23
N ASP B 283 30.59 -8.52 -45.12
CA ASP B 283 31.51 -8.78 -46.22
C ASP B 283 30.75 -9.21 -47.47
N ALA B 284 29.69 -10.01 -47.30
CA ALA B 284 28.91 -10.46 -48.45
C ALA B 284 28.17 -9.33 -49.15
N ARG B 285 28.08 -8.16 -48.52
CA ARG B 285 27.46 -6.99 -49.13
C ARG B 285 28.50 -5.96 -49.58
N GLY B 286 29.77 -6.35 -49.64
CA GLY B 286 30.85 -5.49 -50.08
C GLY B 286 31.75 -5.01 -48.96
N GLY B 287 31.31 -5.12 -47.71
CA GLY B 287 32.12 -4.65 -46.59
C GLY B 287 31.75 -3.25 -46.15
N ASN B 288 31.89 -3.01 -44.84
CA ASN B 288 31.56 -1.72 -44.26
C ASN B 288 32.45 -1.51 -43.05
N PRO B 289 33.66 -0.97 -43.25
CA PRO B 289 34.59 -0.80 -42.12
C PRO B 289 33.98 -0.07 -40.93
N GLU B 290 33.18 0.97 -41.19
CA GLU B 290 32.50 1.66 -40.09
C GLU B 290 31.57 0.72 -39.35
N LEU B 291 30.73 -0.02 -40.08
CA LEU B 291 29.81 -0.97 -39.46
C LEU B 291 30.55 -2.05 -38.71
N VAL B 292 31.54 -2.67 -39.36
CA VAL B 292 32.27 -3.77 -38.73
C VAL B 292 32.93 -3.33 -37.43
N ALA B 293 33.47 -2.11 -37.41
CA ALA B 293 34.07 -1.60 -36.17
C ALA B 293 33.00 -1.39 -35.10
N LEU B 294 31.85 -0.82 -35.48
CA LEU B 294 30.76 -0.62 -34.51
C LEU B 294 30.39 -1.93 -33.83
N VAL B 295 30.09 -2.96 -34.62
CA VAL B 295 29.75 -4.27 -34.05
C VAL B 295 30.84 -4.76 -33.12
N LYS B 296 32.10 -4.66 -33.57
CA LYS B 296 33.21 -5.09 -32.73
C LYS B 296 33.21 -4.34 -31.40
N HIS B 297 32.93 -3.04 -31.43
CA HIS B 297 32.89 -2.27 -30.20
C HIS B 297 31.80 -2.80 -29.27
N LEU B 298 30.64 -3.12 -29.84
CA LEU B 298 29.53 -3.66 -29.06
C LEU B 298 29.78 -5.09 -28.58
N SER B 299 30.58 -5.87 -29.31
CA SER B 299 30.83 -7.28 -28.98
C SER B 299 31.78 -7.49 -27.81
N LYS B 300 32.41 -6.43 -27.28
CA LYS B 300 33.34 -6.58 -26.18
C LYS B 300 32.68 -7.02 -24.89
N MET B 301 31.36 -6.84 -24.77
CA MET B 301 30.72 -7.16 -23.50
C MET B 301 30.72 -8.65 -23.22
N PHE B 302 30.43 -9.47 -24.23
CA PHE B 302 30.40 -10.91 -24.03
C PHE B 302 31.75 -11.53 -24.32
N LYS B 303 32.82 -10.87 -23.88
CA LYS B 303 34.18 -11.35 -24.04
C LYS B 303 34.82 -11.63 -22.67
N LYS C 10 -1.81 8.10 44.43
CA LYS C 10 -1.42 9.48 44.20
C LYS C 10 0.06 9.59 43.82
N THR C 11 0.57 10.83 43.78
CA THR C 11 1.97 11.09 43.45
C THR C 11 2.36 10.36 42.17
N GLN C 12 1.52 10.54 41.15
CA GLN C 12 1.64 9.77 39.91
C GLN C 12 2.35 10.60 38.84
N GLU C 13 3.64 10.80 39.08
CA GLU C 13 4.49 11.35 38.03
C GLU C 13 4.76 10.32 36.95
N THR C 14 4.03 9.20 37.00
CA THR C 14 4.08 8.21 35.92
C THR C 14 3.37 8.76 34.68
N VAL C 15 2.31 9.54 34.88
CA VAL C 15 1.65 10.16 33.75
C VAL C 15 2.61 11.12 33.06
N GLN C 16 3.34 11.90 33.86
CA GLN C 16 4.32 12.83 33.30
C GLN C 16 5.37 12.09 32.48
N ARG C 17 5.92 11.00 33.03
CA ARG C 17 6.90 10.21 32.30
C ARG C 17 6.32 9.71 30.99
N ILE C 18 5.13 9.10 31.05
CA ILE C 18 4.48 8.58 29.86
C ILE C 18 4.32 9.68 28.83
N LEU C 19 3.93 10.87 29.28
CA LEU C 19 3.67 11.97 28.36
C LEU C 19 4.95 12.65 27.89
N LEU C 20 6.01 12.61 28.69
CA LEU C 20 7.24 13.29 28.33
C LEU C 20 8.28 12.40 27.67
N GLU C 21 7.99 11.10 27.51
CA GLU C 21 8.98 10.21 26.90
C GLU C 21 9.39 10.64 25.50
N PRO C 22 8.47 10.96 24.58
CA PRO C 22 8.93 11.45 23.26
C PRO C 22 9.83 12.67 23.37
N TYR C 23 9.51 13.58 24.30
CA TYR C 23 10.33 14.79 24.45
C TYR C 23 11.72 14.45 24.96
N LYS C 24 11.80 13.60 26.00
CA LYS C 24 13.11 13.17 26.47
C LYS C 24 13.91 12.51 25.37
N TYR C 25 13.24 11.81 24.45
CA TYR C 25 13.95 11.16 23.35
C TYR C 25 14.70 12.18 22.51
N LEU C 26 14.07 13.33 22.22
CA LEU C 26 14.71 14.32 21.39
C LEU C 26 15.86 15.03 22.10
N LEU C 27 15.88 15.03 23.43
CA LEU C 27 16.99 15.65 24.15
C LEU C 27 18.31 14.92 23.93
N GLN C 28 18.26 13.64 23.56
CA GLN C 28 19.49 12.91 23.26
C GLN C 28 20.13 13.39 21.97
N LEU C 29 19.44 14.22 21.20
CA LEU C 29 19.96 14.69 19.93
C LEU C 29 20.90 15.89 20.14
N PRO C 30 21.95 16.02 19.33
CA PRO C 30 22.78 17.23 19.44
C PRO C 30 21.96 18.46 19.08
N GLY C 31 22.43 19.61 19.56
CA GLY C 31 21.75 20.87 19.26
C GLY C 31 21.83 21.89 20.37
N LYS C 32 21.84 21.42 21.62
CA LYS C 32 21.88 22.35 22.74
C LYS C 32 23.08 23.29 22.68
N GLN C 33 24.21 22.81 22.13
CA GLN C 33 25.44 23.61 22.11
C GLN C 33 25.24 24.94 21.40
N VAL C 34 24.72 24.92 20.17
CA VAL C 34 24.53 26.18 19.44
C VAL C 34 23.58 27.09 20.19
N ARG C 35 22.49 26.54 20.74
CA ARG C 35 21.57 27.36 21.52
C ARG C 35 22.29 27.97 22.72
N THR C 36 23.11 27.19 23.41
CA THR C 36 23.84 27.72 24.55
C THR C 36 24.77 28.86 24.13
N LYS C 37 25.56 28.63 23.07
CA LYS C 37 26.43 29.67 22.57
C LYS C 37 25.63 30.89 22.12
N LEU C 38 24.46 30.68 21.50
CA LEU C 38 23.61 31.80 21.09
C LEU C 38 23.16 32.62 22.29
N SER C 39 22.68 31.95 23.34
CA SER C 39 22.30 32.66 24.55
C SER C 39 23.47 33.47 25.11
N GLN C 40 24.66 32.85 25.18
CA GLN C 40 25.84 33.55 25.70
C GLN C 40 26.20 34.75 24.84
N ALA C 41 26.18 34.60 23.50
CA ALA C 41 26.55 35.71 22.63
C ALA C 41 25.65 36.92 22.87
N PHE C 42 24.34 36.69 23.01
CA PHE C 42 23.43 37.82 23.21
C PHE C 42 23.51 38.36 24.64
N ASN C 43 23.87 37.53 25.61
CA ASN C 43 24.02 38.03 26.97
C ASN C 43 25.18 39.00 27.08
N HIS C 44 26.14 38.94 26.16
CA HIS C 44 27.21 39.93 26.15
C HIS C 44 26.67 41.34 26.03
N TRP C 45 25.49 41.51 25.44
CA TRP C 45 24.82 42.80 25.36
C TRP C 45 23.73 42.96 26.41
N LEU C 46 22.91 41.92 26.63
CA LEU C 46 21.76 42.06 27.52
C LEU C 46 22.14 41.98 29.00
N LYS C 47 23.13 41.15 29.34
CA LYS C 47 23.61 40.98 30.73
C LYS C 47 22.45 40.77 31.70
N VAL C 48 21.80 39.61 31.52
CA VAL C 48 20.58 39.26 32.25
C VAL C 48 20.94 38.54 33.54
N PRO C 49 20.22 38.77 34.65
CA PRO C 49 20.47 38.00 35.87
C PRO C 49 20.35 36.51 35.59
N GLU C 50 21.28 35.74 36.18
CA GLU C 50 21.35 34.31 35.92
C GLU C 50 20.03 33.60 36.25
N ASP C 51 19.34 34.02 37.31
CA ASP C 51 18.06 33.41 37.66
C ASP C 51 17.05 33.56 36.53
N LYS C 52 16.94 34.77 35.96
CA LYS C 52 16.04 34.98 34.84
C LYS C 52 16.56 34.30 33.59
N LEU C 53 17.88 34.40 33.37
CA LEU C 53 18.49 33.78 32.20
C LEU C 53 18.21 32.29 32.15
N GLN C 54 18.41 31.59 33.28
CA GLN C 54 18.22 30.15 33.33
C GLN C 54 16.80 29.76 32.91
N ILE C 55 15.79 30.44 33.45
CA ILE C 55 14.41 30.14 33.07
C ILE C 55 14.22 30.39 31.58
N ILE C 56 14.69 31.55 31.10
CA ILE C 56 14.55 31.89 29.69
C ILE C 56 15.15 30.80 28.81
N ILE C 57 16.31 30.28 29.21
CA ILE C 57 16.95 29.20 28.44
C ILE C 57 16.06 27.98 28.38
N GLU C 58 15.55 27.53 29.53
CA GLU C 58 14.69 26.36 29.56
C GLU C 58 13.42 26.56 28.74
N VAL C 59 12.75 27.70 28.93
CA VAL C 59 11.57 28.00 28.12
C VAL C 59 11.89 27.86 26.65
N THR C 60 13.01 28.47 26.22
CA THR C 60 13.41 28.40 24.81
C THR C 60 13.64 26.95 24.39
N GLU C 61 14.41 26.19 25.18
CA GLU C 61 14.69 24.80 24.83
C GLU C 61 13.41 23.98 24.69
N MET C 62 12.48 24.12 25.63
CA MET C 62 11.21 23.40 25.56
C MET C 62 10.44 23.74 24.28
N LEU C 63 10.19 25.03 24.06
CA LEU C 63 9.38 25.45 22.91
C LEU C 63 10.06 25.10 21.60
N HIS C 64 11.37 25.28 21.50
CA HIS C 64 12.09 24.94 20.27
C HIS C 64 12.00 23.45 19.96
N ASN C 65 12.34 22.60 20.93
CA ASN C 65 12.24 21.15 20.72
C ASN C 65 10.81 20.72 20.44
N ALA C 66 9.84 21.31 21.14
CA ALA C 66 8.44 20.95 20.90
C ALA C 66 8.06 21.22 19.45
N SER C 67 8.46 22.36 18.91
CA SER C 67 8.15 22.68 17.52
C SER C 67 8.81 21.72 16.55
N LEU C 68 10.04 21.29 16.83
CA LEU C 68 10.71 20.34 15.94
C LEU C 68 9.99 18.99 15.93
N LEU C 69 9.47 18.55 17.08
CA LEU C 69 8.70 17.30 17.10
C LEU C 69 7.51 17.41 16.17
N ILE C 70 6.78 18.54 16.28
CA ILE C 70 5.64 18.81 15.42
C ILE C 70 6.10 18.98 13.97
N ASP C 71 7.20 19.71 13.76
CA ASP C 71 7.66 19.98 12.40
C ASP C 71 8.01 18.68 11.68
N ASP C 72 8.71 17.77 12.36
CA ASP C 72 9.07 16.49 11.74
C ASP C 72 7.82 15.74 11.31
N ILE C 73 6.74 15.83 12.08
CA ILE C 73 5.49 15.21 11.69
C ILE C 73 4.92 15.87 10.44
N GLU C 74 4.89 17.20 10.43
CA GLU C 74 4.35 17.95 9.29
C GLU C 74 5.20 17.79 8.04
N ASP C 75 6.46 17.40 8.19
CA ASP C 75 7.39 17.31 7.08
C ASP C 75 7.67 15.87 6.67
N ASN C 76 6.98 14.90 7.25
CA ASN C 76 7.20 13.49 6.96
C ASN C 76 8.69 13.14 7.00
N SER C 77 9.40 13.76 7.93
CA SER C 77 10.84 13.54 8.01
C SER C 77 11.15 12.17 8.59
N LYS C 78 12.33 11.67 8.22
CA LYS C 78 12.80 10.36 8.69
C LYS C 78 13.90 10.46 9.73
N LEU C 79 14.82 11.42 9.58
CA LEU C 79 15.96 11.57 10.48
C LEU C 79 16.06 13.00 10.95
N ARG C 80 16.55 13.18 12.18
CA ARG C 80 16.87 14.50 12.71
C ARG C 80 18.20 14.41 13.45
N ARG C 81 19.19 15.18 13.02
CA ARG C 81 20.50 15.20 13.67
C ARG C 81 21.11 13.80 13.75
N GLY C 82 20.84 12.97 12.74
CA GLY C 82 21.39 11.63 12.67
C GLY C 82 20.57 10.59 13.38
N PHE C 83 19.54 10.99 14.17
CA PHE C 83 18.67 10.13 14.95
C PHE C 83 17.33 9.96 14.25
N PRO C 84 16.67 8.82 14.44
CA PRO C 84 15.29 8.69 13.94
C PRO C 84 14.41 9.75 14.57
N VAL C 85 13.45 10.25 13.79
CA VAL C 85 12.50 11.22 14.33
C VAL C 85 11.65 10.53 15.38
N ALA C 86 11.20 11.32 16.36
CA ALA C 86 10.52 10.75 17.53
C ALA C 86 9.28 9.97 17.13
N HIS C 87 8.48 10.50 16.18
CA HIS C 87 7.26 9.80 15.81
C HIS C 87 7.53 8.50 15.05
N SER C 88 8.74 8.32 14.51
CA SER C 88 9.07 7.03 13.90
C SER C 88 9.19 5.94 14.95
N ILE C 89 9.18 6.29 16.24
CA ILE C 89 9.33 5.33 17.32
C ILE C 89 8.07 5.28 18.18
N TYR C 90 7.68 6.42 18.72
CA TYR C 90 6.53 6.53 19.63
C TYR C 90 5.20 6.74 18.91
N GLY C 91 5.21 7.02 17.63
CA GLY C 91 3.95 7.19 16.94
C GLY C 91 3.57 8.64 16.81
N ILE C 92 2.85 8.97 15.74
CA ILE C 92 2.43 10.36 15.52
C ILE C 92 1.47 10.84 16.61
N PRO C 93 0.39 10.13 16.96
CA PRO C 93 -0.51 10.66 17.99
C PRO C 93 0.18 10.99 19.31
N SER C 94 1.06 10.12 19.81
CA SER C 94 1.71 10.39 21.10
C SER C 94 2.59 11.63 21.02
N VAL C 95 3.39 11.75 19.95
CA VAL C 95 4.29 12.88 19.83
C VAL C 95 3.51 14.20 19.72
N ILE C 96 2.41 14.20 18.96
CA ILE C 96 1.60 15.42 18.85
C ILE C 96 1.15 15.88 20.23
N ASN C 97 0.50 14.96 20.96
CA ASN C 97 0.03 15.28 22.30
C ASN C 97 1.18 15.64 23.22
N SER C 98 2.29 14.91 23.12
CA SER C 98 3.44 15.22 23.97
C SER C 98 4.01 16.60 23.64
N ALA C 99 4.16 16.90 22.35
CA ALA C 99 4.71 18.20 21.95
C ALA C 99 3.79 19.34 22.33
N ASN C 100 2.48 19.18 22.12
CA ASN C 100 1.56 20.22 22.56
C ASN C 100 1.59 20.36 24.08
N TYR C 101 1.79 19.25 24.80
CA TYR C 101 1.95 19.30 26.25
C TYR C 101 3.11 20.19 26.67
N VAL C 102 4.25 20.08 25.98
CA VAL C 102 5.42 20.87 26.34
C VAL C 102 5.17 22.36 26.09
N TYR C 103 4.42 22.70 25.04
CA TYR C 103 4.05 24.10 24.80
C TYR C 103 3.48 24.72 26.06
N PHE C 104 2.48 24.04 26.66
CA PHE C 104 1.79 24.52 27.84
C PHE C 104 2.62 24.36 29.11
N LEU C 105 3.55 23.41 29.13
CA LEU C 105 4.55 23.40 30.19
C LEU C 105 5.48 24.60 30.09
N GLY C 106 5.86 24.96 28.87
CA GLY C 106 6.69 26.15 28.68
C GLY C 106 5.97 27.41 29.09
N LEU C 107 4.66 27.49 28.82
CA LEU C 107 3.87 28.61 29.31
C LEU C 107 3.91 28.66 30.82
N GLU C 108 3.72 27.52 31.48
CA GLU C 108 3.83 27.47 32.93
C GLU C 108 5.16 28.02 33.40
N LYS C 109 6.25 27.66 32.71
CA LYS C 109 7.56 28.14 33.09
C LYS C 109 7.69 29.65 32.88
N VAL C 110 7.12 30.17 31.79
CA VAL C 110 7.18 31.61 31.56
C VAL C 110 6.41 32.35 32.65
N LEU C 111 5.44 31.70 33.28
CA LEU C 111 4.73 32.36 34.36
C LEU C 111 5.58 32.51 35.60
N THR C 112 6.81 32.00 35.60
CA THR C 112 7.69 32.09 36.74
C THR C 112 8.76 33.16 36.56
N LEU C 113 8.79 33.84 35.41
CA LEU C 113 9.71 34.96 35.21
C LEU C 113 9.20 36.24 35.86
N ASP C 114 7.97 36.23 36.39
CA ASP C 114 7.38 37.32 37.17
C ASP C 114 7.32 38.66 36.42
N HIS C 115 7.41 38.67 35.10
CA HIS C 115 7.24 39.89 34.32
C HIS C 115 5.82 39.94 33.77
N GLN C 116 5.13 41.08 33.95
CA GLN C 116 3.76 41.18 33.51
C GLN C 116 3.63 41.04 31.99
N ASP C 117 4.68 41.36 31.24
CA ASP C 117 4.66 41.29 29.79
C ASP C 117 5.27 40.00 29.24
N ALA C 118 5.64 39.05 30.10
CA ALA C 118 6.26 37.83 29.61
C ALA C 118 5.27 36.97 28.82
N VAL C 119 4.09 36.71 29.40
CA VAL C 119 3.07 35.93 28.68
C VAL C 119 2.67 36.63 27.40
N LYS C 120 2.61 37.96 27.42
CA LYS C 120 2.27 38.70 26.20
C LYS C 120 3.32 38.42 25.13
N LEU C 121 4.60 38.53 25.49
CA LEU C 121 5.67 38.24 24.52
C LEU C 121 5.64 36.78 24.09
N PHE C 122 5.42 35.86 25.04
CA PHE C 122 5.30 34.45 24.71
C PHE C 122 4.20 34.20 23.67
N THR C 123 2.98 34.66 23.97
CA THR C 123 1.86 34.49 23.04
C THR C 123 2.19 35.05 21.68
N ARG C 124 2.64 36.31 21.66
CA ARG C 124 2.93 36.99 20.40
C ARG C 124 3.94 36.19 19.58
N GLN C 125 5.04 35.78 20.21
CA GLN C 125 6.06 35.04 19.47
C GLN C 125 5.53 33.72 18.95
N LEU C 126 4.71 33.02 19.75
CA LEU C 126 4.19 31.73 19.30
C LEU C 126 3.25 31.90 18.13
N LEU C 127 2.37 32.90 18.17
CA LEU C 127 1.50 33.15 17.02
C LEU C 127 2.33 33.41 15.77
N GLU C 128 3.42 34.17 15.89
CA GLU C 128 4.29 34.46 14.77
C GLU C 128 4.93 33.19 14.20
N LEU C 129 5.42 32.31 15.07
CA LEU C 129 6.00 31.05 14.60
C LEU C 129 4.98 30.23 13.83
N HIS C 130 3.75 30.14 14.35
CA HIS C 130 2.71 29.40 13.65
C HIS C 130 2.34 30.07 12.34
N GLN C 131 2.48 31.40 12.25
CA GLN C 131 2.27 32.08 10.98
C GLN C 131 3.28 31.59 9.95
N GLY C 132 4.56 31.53 10.33
CA GLY C 132 5.58 31.10 9.40
C GLY C 132 5.42 29.66 8.95
N GLN C 133 5.28 28.75 9.93
CA GLN C 133 5.11 27.34 9.62
C GLN C 133 3.92 27.10 8.71
N GLY C 134 2.78 27.75 9.01
CA GLY C 134 1.61 27.60 8.16
C GLY C 134 1.90 27.98 6.72
N LEU C 135 2.60 29.10 6.52
CA LEU C 135 2.92 29.53 5.17
C LEU C 135 3.81 28.49 4.48
N ASP C 136 4.79 27.94 5.22
CA ASP C 136 5.65 26.91 4.66
C ASP C 136 4.84 25.70 4.22
N ILE C 137 3.93 25.23 5.08
CA ILE C 137 3.08 24.08 4.76
C ILE C 137 2.07 24.41 3.66
N TYR C 138 1.49 25.62 3.70
CA TYR C 138 0.49 25.98 2.70
C TYR C 138 1.07 25.90 1.29
N TRP C 139 2.19 26.58 1.05
CA TRP C 139 2.83 26.53 -0.27
C TRP C 139 3.15 25.09 -0.68
N ARG C 140 3.61 24.27 0.26
CA ARG C 140 4.02 22.90 -0.10
C ARG C 140 2.82 22.03 -0.43
N ASP C 141 1.80 22.02 0.42
CA ASP C 141 0.66 21.13 0.23
C ASP C 141 -0.38 21.70 -0.74
N ASN C 142 -0.22 22.94 -1.19
CA ASN C 142 -1.06 23.48 -2.25
C ASN C 142 -0.27 23.69 -3.54
N TYR C 143 0.98 23.20 -3.60
CA TYR C 143 1.78 23.16 -4.82
C TYR C 143 1.85 24.51 -5.53
N THR C 144 2.26 25.56 -4.80
CA THR C 144 2.45 26.89 -5.37
C THR C 144 3.78 27.44 -4.85
N CYS C 145 4.81 27.39 -5.70
CA CYS C 145 6.14 27.84 -5.29
C CYS C 145 6.14 29.32 -4.94
N PRO C 146 6.74 29.72 -3.81
CA PRO C 146 6.82 31.15 -3.46
C PRO C 146 8.01 31.82 -4.15
N THR C 147 7.98 33.15 -4.12
CA THR C 147 9.11 33.92 -4.60
C THR C 147 10.16 34.05 -3.50
N GLU C 148 11.37 34.44 -3.90
CA GLU C 148 12.44 34.66 -2.94
C GLU C 148 11.99 35.63 -1.84
N GLU C 149 11.42 36.76 -2.23
CA GLU C 149 10.93 37.73 -1.26
C GLU C 149 9.86 37.10 -0.37
N GLU C 150 8.89 36.41 -0.97
CA GLU C 150 7.85 35.75 -0.19
C GLU C 150 8.45 34.73 0.78
N TYR C 151 9.44 33.94 0.30
CA TYR C 151 10.10 32.96 1.17
C TYR C 151 10.81 33.63 2.32
N LYS C 152 11.67 34.62 2.02
CA LYS C 152 12.41 35.32 3.06
C LYS C 152 11.48 35.91 4.10
N ALA C 153 10.38 36.53 3.67
CA ALA C 153 9.41 37.08 4.61
C ALA C 153 8.85 36.00 5.51
N MET C 154 8.57 34.81 4.95
CA MET C 154 8.06 33.72 5.78
C MET C 154 9.09 33.26 6.81
N VAL C 155 10.35 33.12 6.39
CA VAL C 155 11.41 32.70 7.31
C VAL C 155 11.55 33.66 8.49
N LEU C 156 11.37 34.97 8.25
CA LEU C 156 11.48 35.92 9.36
C LEU C 156 10.42 35.70 10.42
N GLN C 157 9.32 35.03 10.07
CA GLN C 157 8.31 34.73 11.07
C GLN C 157 8.54 33.37 11.71
N LYS C 158 8.93 32.37 10.92
CA LYS C 158 9.23 31.05 11.46
C LYS C 158 10.39 31.10 12.44
N THR C 159 11.56 31.58 11.98
CA THR C 159 12.70 31.72 12.88
C THR C 159 12.46 32.84 13.88
N GLY C 160 11.85 33.94 13.42
CA GLY C 160 11.65 35.07 14.30
C GLY C 160 10.83 34.75 15.53
N GLY C 161 9.95 33.76 15.44
CA GLY C 161 9.16 33.36 16.59
C GLY C 161 10.00 33.00 17.79
N LEU C 162 10.93 32.06 17.61
CA LEU C 162 11.75 31.60 18.72
C LEU C 162 12.93 32.52 18.98
N PHE C 163 13.56 33.04 17.92
CA PHE C 163 14.62 34.02 18.12
C PHE C 163 14.13 35.19 18.96
N GLY C 164 12.99 35.76 18.59
CA GLY C 164 12.46 36.91 19.32
C GLY C 164 11.95 36.55 20.70
N LEU C 165 11.44 35.32 20.86
CA LEU C 165 11.01 34.90 22.18
C LEU C 165 12.17 34.92 23.16
N ALA C 166 13.28 34.28 22.81
CA ALA C 166 14.44 34.23 23.68
C ALA C 166 14.98 35.62 23.96
N VAL C 167 15.46 36.28 22.89
CA VAL C 167 16.04 37.62 23.02
C VAL C 167 15.03 38.58 23.65
N GLY C 168 13.76 38.49 23.24
CA GLY C 168 12.74 39.36 23.83
C GLY C 168 12.62 39.17 25.32
N LEU C 169 12.53 37.91 25.76
CA LEU C 169 12.45 37.62 27.19
C LEU C 169 13.67 38.14 27.95
N MET C 170 14.86 38.01 27.35
CA MET C 170 16.09 38.51 27.97
C MET C 170 16.05 40.02 28.09
N GLN C 171 15.62 40.70 27.03
CA GLN C 171 15.57 42.15 27.05
C GLN C 171 14.58 42.68 28.09
N LEU C 172 13.58 41.89 28.47
CA LEU C 172 12.67 42.30 29.53
C LEU C 172 13.41 42.55 30.84
N PHE C 173 14.56 41.89 31.03
CA PHE C 173 15.36 41.98 32.25
C PHE C 173 16.74 42.53 31.93
N SER C 174 16.81 43.46 30.99
CA SER C 174 18.07 44.04 30.55
C SER C 174 17.91 45.54 30.38
N ASP C 175 18.98 46.27 30.71
CA ASP C 175 19.00 47.70 30.48
C ASP C 175 19.43 48.04 29.06
N TYR C 176 19.98 47.07 28.35
CA TYR C 176 20.27 47.21 26.93
C TYR C 176 18.95 47.29 26.18
N LYS C 177 18.59 48.48 25.70
CA LYS C 177 17.31 48.69 25.02
C LYS C 177 17.48 48.99 23.53
N GLU C 178 18.66 48.69 22.97
CA GLU C 178 18.89 48.86 21.54
C GLU C 178 18.20 47.76 20.73
N ASP C 179 17.82 48.11 19.50
CA ASP C 179 17.08 47.20 18.62
C ASP C 179 17.96 46.09 18.07
N LEU C 180 17.56 44.84 18.32
CA LEU C 180 18.26 43.66 17.83
C LEU C 180 17.48 42.89 16.78
N LYS C 181 16.26 43.33 16.46
CA LYS C 181 15.45 42.64 15.45
C LYS C 181 16.13 42.55 14.08
N PRO C 182 16.68 43.63 13.52
CA PRO C 182 17.41 43.48 12.24
C PRO C 182 18.46 42.39 12.26
N LEU C 183 19.29 42.35 13.29
CA LEU C 183 20.27 41.28 13.40
C LEU C 183 19.57 39.94 13.59
N LEU C 184 18.53 39.93 14.41
CA LEU C 184 17.77 38.70 14.61
C LEU C 184 17.23 38.17 13.29
N ASN C 185 16.79 39.07 12.41
CA ASN C 185 16.28 38.66 11.11
C ASN C 185 17.39 38.13 10.21
N THR C 186 18.52 38.84 10.15
CA THR C 186 19.64 38.34 9.35
C THR C 186 20.05 36.93 9.78
N LEU C 187 20.17 36.71 11.10
CA LEU C 187 20.52 35.39 11.60
C LEU C 187 19.43 34.36 11.28
N GLY C 188 18.16 34.76 11.41
CA GLY C 188 17.09 33.84 11.06
C GLY C 188 17.21 33.31 9.64
N LEU C 189 17.39 34.22 8.68
CA LEU C 189 17.60 33.81 7.28
C LEU C 189 18.85 32.95 7.15
N PHE C 190 19.96 33.40 7.70
CA PHE C 190 21.20 32.64 7.67
C PHE C 190 20.98 31.20 8.09
N PHE C 191 20.24 31.00 9.19
CA PHE C 191 20.05 29.65 9.71
C PHE C 191 19.25 28.79 8.74
N GLN C 192 18.10 29.31 8.28
CA GLN C 192 17.22 28.51 7.42
C GLN C 192 17.88 28.18 6.09
N ILE C 193 18.42 29.21 5.41
CA ILE C 193 19.01 29.02 4.09
C ILE C 193 20.21 28.07 4.18
N ARG C 194 20.99 28.16 5.27
CA ARG C 194 22.08 27.23 5.48
C ARG C 194 21.58 25.81 5.63
N ASP C 195 20.49 25.62 6.37
CA ASP C 195 19.88 24.30 6.44
C ASP C 195 19.44 23.82 5.06
N ASP C 196 18.75 24.69 4.31
CA ASP C 196 18.33 24.33 2.96
C ASP C 196 19.50 23.87 2.11
N TYR C 197 20.60 24.63 2.16
CA TYR C 197 21.78 24.27 1.37
C TYR C 197 22.28 22.88 1.74
N ALA C 198 22.41 22.61 3.04
CA ALA C 198 22.96 21.34 3.50
C ALA C 198 22.07 20.17 3.11
N ASN C 199 20.74 20.34 3.24
CA ASN C 199 19.82 19.24 2.99
C ASN C 199 19.94 18.67 1.58
N LEU C 200 20.52 19.43 0.65
CA LEU C 200 20.65 19.01 -0.74
C LEU C 200 22.08 18.82 -1.19
N HIS C 201 23.02 19.59 -0.63
CA HIS C 201 24.42 19.55 -1.03
C HIS C 201 25.23 18.53 -0.23
N SER C 202 24.79 18.19 0.98
CA SER C 202 25.49 17.20 1.78
C SER C 202 24.88 15.82 1.56
N SER C 206 25.34 17.84 6.82
CA SER C 206 25.39 18.51 8.12
C SER C 206 25.17 17.50 9.26
N GLU C 207 25.23 16.21 8.93
CA GLU C 207 24.89 15.13 9.86
C GLU C 207 23.54 15.40 10.53
N ASN C 208 22.53 15.61 9.70
CA ASN C 208 21.20 15.98 10.17
C ASN C 208 20.15 15.05 9.57
N LYS C 209 19.65 15.39 8.39
CA LYS C 209 18.57 14.62 7.78
C LYS C 209 19.14 13.58 6.81
N SER C 210 18.24 12.74 6.28
CA SER C 210 18.59 11.74 5.30
C SER C 210 18.79 12.40 3.94
N PHE C 211 19.26 11.61 2.97
CA PHE C 211 19.62 12.15 1.66
C PHE C 211 18.44 12.89 1.03
N CYS C 212 18.66 14.18 0.76
CA CYS C 212 17.69 15.08 0.15
C CYS C 212 16.28 14.81 0.65
N GLU C 213 16.12 14.83 1.97
CA GLU C 213 14.80 14.62 2.53
C GLU C 213 13.85 15.75 2.16
N ASP C 214 14.38 16.94 1.85
CA ASP C 214 13.52 18.05 1.47
C ASP C 214 12.80 17.78 0.15
N LEU C 215 13.45 17.07 -0.77
CA LEU C 215 12.79 16.69 -2.01
C LEU C 215 11.64 15.72 -1.76
N THR C 216 11.84 14.79 -0.81
CA THR C 216 10.79 13.85 -0.44
C THR C 216 9.63 14.56 0.25
N GLU C 217 9.94 15.57 1.07
CA GLU C 217 8.89 16.39 1.68
C GLU C 217 8.11 17.18 0.64
N GLY C 218 8.75 17.50 -0.49
CA GLY C 218 8.14 18.36 -1.49
C GLY C 218 8.16 19.83 -1.14
N LYS C 219 9.01 20.25 -0.21
CA LYS C 219 9.02 21.64 0.23
C LYS C 219 9.80 22.53 -0.73
N PHE C 220 9.41 23.79 -0.77
CA PHE C 220 10.13 24.79 -1.55
C PHE C 220 11.18 25.43 -0.66
N SER C 221 12.42 24.96 -0.79
CA SER C 221 13.59 25.52 -0.12
C SER C 221 14.31 26.48 -1.06
N PHE C 222 15.14 27.35 -0.48
CA PHE C 222 15.87 28.35 -1.26
C PHE C 222 16.55 27.81 -2.52
N PRO C 223 17.33 26.72 -2.47
CA PRO C 223 17.94 26.21 -3.72
C PRO C 223 16.90 25.85 -4.77
N THR C 224 15.88 25.08 -4.40
CA THR C 224 14.85 24.69 -5.36
C THR C 224 14.13 25.91 -5.92
N ILE C 225 13.80 26.87 -5.05
CA ILE C 225 13.10 28.09 -5.46
C ILE C 225 13.82 28.76 -6.61
N HIS C 226 15.14 28.86 -6.51
CA HIS C 226 15.95 29.46 -7.57
C HIS C 226 15.68 28.77 -8.91
N ALA C 227 15.93 27.45 -8.96
CA ALA C 227 15.74 26.69 -10.20
C ALA C 227 14.35 26.89 -10.79
N ILE C 228 13.33 27.03 -9.93
CA ILE C 228 11.96 27.21 -10.42
C ILE C 228 11.87 28.46 -11.28
N TRP C 229 12.35 29.59 -10.76
CA TRP C 229 12.28 30.87 -11.46
C TRP C 229 13.44 31.09 -12.42
N SER C 230 14.63 30.59 -12.09
CA SER C 230 15.80 30.78 -12.95
C SER C 230 15.55 30.23 -14.35
N ARG C 231 14.99 29.03 -14.45
CA ARG C 231 14.65 28.40 -15.71
C ARG C 231 13.15 28.14 -15.70
N PRO C 232 12.32 29.13 -16.06
CA PRO C 232 10.87 28.93 -16.05
C PRO C 232 10.36 28.15 -17.24
N GLU C 233 11.24 27.75 -18.16
CA GLU C 233 10.88 26.88 -19.28
C GLU C 233 10.84 25.42 -18.88
N SER C 234 11.13 25.10 -17.62
CA SER C 234 11.13 23.74 -17.12
C SER C 234 10.24 23.62 -15.89
N THR C 235 9.50 22.51 -15.83
CA THR C 235 8.68 22.14 -14.69
C THR C 235 9.24 20.93 -13.97
N GLN C 236 10.52 20.63 -14.22
CA GLN C 236 11.18 19.45 -13.66
C GLN C 236 11.13 19.45 -12.14
N VAL C 237 11.69 20.49 -11.52
CA VAL C 237 11.76 20.55 -10.07
C VAL C 237 10.37 20.44 -9.43
N GLN C 238 9.42 21.26 -9.89
CA GLN C 238 8.06 21.22 -9.35
C GLN C 238 7.49 19.82 -9.43
N ASN C 239 7.62 19.17 -10.58
CA ASN C 239 7.07 17.82 -10.74
C ASN C 239 7.79 16.84 -9.83
N ILE C 240 9.12 16.94 -9.74
CA ILE C 240 9.86 16.05 -8.85
C ILE C 240 9.42 16.28 -7.40
N LEU C 241 9.18 17.54 -7.03
CA LEU C 241 8.72 17.83 -5.68
C LEU C 241 7.32 17.28 -5.44
N CYS C 242 6.46 17.30 -6.47
CA CYS C 242 5.10 16.78 -6.33
C CYS C 242 5.08 15.27 -6.17
N GLN C 243 6.04 14.56 -6.77
CA GLN C 243 6.06 13.11 -6.64
C GLN C 243 6.25 12.67 -5.20
N ARG C 244 6.80 13.54 -4.35
CA ARG C 244 7.11 13.20 -2.97
C ARG C 244 7.80 11.85 -2.91
N THR C 245 8.85 11.73 -3.71
CA THR C 245 9.48 10.44 -3.94
C THR C 245 10.67 10.23 -3.01
N GLU C 246 10.99 8.96 -2.79
CA GLU C 246 12.17 8.56 -2.03
C GLU C 246 13.22 7.92 -2.91
N ASN C 247 13.05 7.96 -4.24
CA ASN C 247 14.02 7.38 -5.14
C ASN C 247 15.31 8.17 -5.10
N ILE C 248 16.39 7.52 -4.69
CA ILE C 248 17.69 8.18 -4.62
C ILE C 248 18.11 8.66 -6.00
N ASP C 249 17.83 7.87 -7.03
CA ASP C 249 18.23 8.28 -8.37
C ASP C 249 17.50 9.55 -8.82
N ILE C 250 16.19 9.65 -8.53
CA ILE C 250 15.46 10.87 -8.85
C ILE C 250 16.03 12.04 -8.05
N LYS C 251 16.29 11.82 -6.77
CA LYS C 251 16.86 12.88 -5.94
C LYS C 251 18.22 13.32 -6.46
N LYS C 252 19.08 12.36 -6.82
CA LYS C 252 20.39 12.69 -7.36
C LYS C 252 20.26 13.50 -8.64
N TYR C 253 19.24 13.21 -9.45
CA TYR C 253 19.04 13.97 -10.68
C TYR C 253 18.70 15.43 -10.37
N CYS C 254 17.80 15.65 -9.41
CA CYS C 254 17.44 17.01 -9.06
C CYS C 254 18.67 17.81 -8.65
N VAL C 255 19.53 17.20 -7.83
CA VAL C 255 20.75 17.87 -7.39
C VAL C 255 21.62 18.24 -8.59
N HIS C 256 21.75 17.33 -9.56
CA HIS C 256 22.49 17.65 -10.77
C HIS C 256 21.86 18.85 -11.49
N TYR C 257 20.54 18.85 -11.60
CA TYR C 257 19.85 19.98 -12.25
C TYR C 257 20.07 21.27 -11.47
N LEU C 258 19.89 21.21 -10.15
CA LEU C 258 20.11 22.40 -9.31
C LEU C 258 21.51 22.98 -9.50
N GLU C 259 22.53 22.10 -9.51
CA GLU C 259 23.90 22.59 -9.71
C GLU C 259 24.09 23.14 -11.11
N ASP C 260 23.54 22.48 -12.12
CA ASP C 260 23.77 22.93 -13.49
C ASP C 260 23.09 24.26 -13.81
N VAL C 261 21.98 24.57 -13.12
CA VAL C 261 21.35 25.89 -13.28
C VAL C 261 21.91 26.90 -12.28
N GLY C 262 22.91 26.54 -11.49
CA GLY C 262 23.58 27.43 -10.55
C GLY C 262 22.86 27.70 -9.24
N SER C 263 21.83 26.91 -8.91
CA SER C 263 21.07 27.15 -7.69
C SER C 263 21.95 27.05 -6.45
N PHE C 264 22.90 26.12 -6.44
CA PHE C 264 23.76 25.98 -5.28
C PHE C 264 24.72 27.16 -5.17
N GLU C 265 25.30 27.57 -6.31
CA GLU C 265 26.14 28.76 -6.29
C GLU C 265 25.37 30.01 -5.86
N TYR C 266 24.13 30.18 -6.36
CA TYR C 266 23.32 31.32 -5.95
C TYR C 266 23.04 31.29 -4.44
N THR C 267 22.72 30.11 -3.90
CA THR C 267 22.49 30.00 -2.46
C THR C 267 23.74 30.35 -1.66
N ARG C 268 24.90 29.87 -2.11
CA ARG C 268 26.15 30.16 -1.42
C ARG C 268 26.42 31.66 -1.36
N ASN C 269 26.31 32.35 -2.50
CA ASN C 269 26.52 33.80 -2.52
C ASN C 269 25.50 34.53 -1.62
N THR C 270 24.25 34.09 -1.61
CA THR C 270 23.27 34.70 -0.70
C THR C 270 23.70 34.55 0.74
N LEU C 271 24.18 33.36 1.11
CA LEU C 271 24.63 33.12 2.48
C LEU C 271 25.84 33.97 2.82
N LYS C 272 26.81 34.04 1.91
CA LYS C 272 27.99 34.89 2.11
C LYS C 272 27.58 36.34 2.35
N GLU C 273 26.56 36.82 1.62
CA GLU C 273 26.07 38.17 1.82
C GLU C 273 25.46 38.33 3.22
N LEU C 274 24.65 37.35 3.64
CA LEU C 274 24.07 37.39 4.97
C LEU C 274 25.16 37.42 6.04
N GLU C 275 26.23 36.66 5.83
CA GLU C 275 27.36 36.67 6.76
C GLU C 275 27.95 38.05 6.90
N ALA C 276 28.22 38.72 5.78
CA ALA C 276 28.77 40.07 5.84
C ALA C 276 27.80 41.02 6.53
N LYS C 277 26.53 40.99 6.11
CA LYS C 277 25.52 41.84 6.71
C LYS C 277 25.44 41.61 8.22
N ALA C 278 25.54 40.35 8.66
CA ALA C 278 25.53 40.06 10.08
C ALA C 278 26.71 40.72 10.78
N TYR C 279 27.91 40.59 10.22
CA TYR C 279 29.09 41.24 10.79
C TYR C 279 28.88 42.75 10.90
N LYS C 280 28.36 43.38 9.83
CA LYS C 280 28.11 44.81 9.88
C LYS C 280 27.10 45.15 10.97
N GLN C 281 26.03 44.37 11.06
CA GLN C 281 25.02 44.62 12.09
C GLN C 281 25.59 44.40 13.50
N ILE C 282 26.42 43.37 13.67
CA ILE C 282 27.02 43.12 14.99
C ILE C 282 27.92 44.28 15.40
N ASP C 283 28.80 44.72 14.48
CA ASP C 283 29.65 45.86 14.80
C ASP C 283 28.82 47.08 15.16
N ALA C 284 27.68 47.27 14.48
CA ALA C 284 26.83 48.42 14.73
C ALA C 284 26.22 48.44 16.13
N ARG C 285 26.24 47.32 16.86
CA ARG C 285 25.71 47.30 18.22
C ARG C 285 26.81 47.25 19.28
N GLY C 286 28.04 47.56 18.91
CA GLY C 286 29.15 47.53 19.84
C GLY C 286 30.12 46.39 19.62
N GLY C 287 29.77 45.41 18.82
CA GLY C 287 30.65 44.27 18.62
C GLY C 287 30.31 43.11 19.54
N ASN C 288 30.51 41.92 19.01
CA ASN C 288 30.22 40.70 19.77
C ASN C 288 31.13 39.59 19.30
N PRO C 289 32.36 39.53 19.83
CA PRO C 289 33.30 38.49 19.39
C PRO C 289 32.73 37.09 19.50
N GLU C 290 31.93 36.82 20.54
CA GLU C 290 31.30 35.52 20.66
C GLU C 290 30.36 35.25 19.48
N LEU C 291 29.45 36.19 19.21
CA LEU C 291 28.52 36.01 18.10
C LEU C 291 29.26 35.95 16.76
N VAL C 292 30.26 36.82 16.58
CA VAL C 292 31.05 36.82 15.34
C VAL C 292 31.68 35.46 15.11
N ALA C 293 32.16 34.82 16.18
CA ALA C 293 32.76 33.49 16.04
C ALA C 293 31.73 32.45 15.58
N LEU C 294 30.52 32.48 16.16
CA LEU C 294 29.48 31.53 15.77
C LEU C 294 29.22 31.62 14.27
N VAL C 295 28.94 32.83 13.77
CA VAL C 295 28.69 33.04 12.33
C VAL C 295 29.86 32.51 11.50
N LYS C 296 31.08 32.84 11.90
CA LYS C 296 32.25 32.37 11.13
C LYS C 296 32.31 30.84 11.08
N HIS C 297 32.04 30.18 12.22
CA HIS C 297 32.06 28.71 12.24
C HIS C 297 30.97 28.13 11.35
N LEU C 298 29.74 28.64 11.47
CA LEU C 298 28.64 28.14 10.66
C LEU C 298 28.82 28.48 9.19
N SER C 299 29.58 29.53 8.89
CA SER C 299 29.78 29.93 7.50
C SER C 299 30.75 29.02 6.76
N LYS C 300 31.43 28.10 7.46
CA LYS C 300 32.37 27.22 6.78
C LYS C 300 31.67 26.27 5.83
N MET C 301 30.34 26.10 5.99
CA MET C 301 29.59 25.18 5.15
C MET C 301 29.66 25.58 3.68
N PHE C 302 29.44 26.85 3.38
CA PHE C 302 29.46 27.35 2.01
C PHE C 302 30.81 27.89 1.58
N LYS C 303 31.90 27.26 1.98
CA LYS C 303 33.24 27.69 1.57
C LYS C 303 33.97 26.53 0.94
N GLU C 304 34.68 26.82 -0.17
CA GLU C 304 35.41 25.78 -0.88
C GLU C 304 36.48 25.16 0.00
N GLU C 305 37.13 25.97 0.84
CA GLU C 305 38.16 25.47 1.73
C GLU C 305 38.47 26.49 2.81
N GLN D 12 -4.17 44.80 6.65
CA GLN D 12 -2.80 44.35 6.42
C GLN D 12 -2.76 42.95 5.84
N GLU D 13 -1.54 42.45 5.56
CA GLU D 13 -1.37 41.09 5.05
C GLU D 13 -1.69 40.06 6.11
N THR D 14 -2.96 40.03 6.54
CA THR D 14 -3.48 39.02 7.48
C THR D 14 -3.63 37.66 6.79
N VAL D 15 -2.49 36.97 6.64
CA VAL D 15 -2.47 35.61 6.11
C VAL D 15 -3.17 34.67 7.10
N GLN D 16 -3.72 35.25 8.17
CA GLN D 16 -4.45 34.48 9.16
C GLN D 16 -5.58 33.67 8.52
N ARG D 17 -6.32 34.29 7.59
CA ARG D 17 -7.43 33.62 6.93
C ARG D 17 -6.98 32.30 6.31
N ILE D 18 -5.86 32.34 5.57
CA ILE D 18 -5.35 31.13 4.95
C ILE D 18 -5.07 30.07 6.00
N LEU D 19 -4.51 30.47 7.14
CA LEU D 19 -4.16 29.53 8.22
C LEU D 19 -5.36 29.13 9.06
N LEU D 20 -6.41 29.94 9.11
CA LEU D 20 -7.58 29.62 9.91
C LEU D 20 -8.65 28.90 9.11
N GLU D 21 -8.39 28.61 7.84
CA GLU D 21 -9.37 27.93 7.00
C GLU D 21 -9.79 26.59 7.59
N PRO D 22 -8.89 25.68 7.99
CA PRO D 22 -9.37 24.43 8.62
C PRO D 22 -10.25 24.68 9.82
N TYR D 23 -9.95 25.72 10.62
CA TYR D 23 -10.79 26.03 11.77
C TYR D 23 -12.16 26.48 11.30
N LYS D 24 -12.20 27.37 10.30
CA LYS D 24 -13.48 27.79 9.75
C LYS D 24 -14.27 26.58 9.26
N TYR D 25 -13.57 25.59 8.71
CA TYR D 25 -14.26 24.41 8.20
C TYR D 25 -15.01 23.71 9.32
N LEU D 26 -14.39 23.59 10.51
CA LEU D 26 -15.04 22.91 11.61
C LEU D 26 -16.18 23.71 12.23
N LEU D 27 -16.19 25.04 12.07
CA LEU D 27 -17.29 25.82 12.62
C LEU D 27 -18.62 25.47 11.96
N GLN D 28 -18.59 24.91 10.76
CA GLN D 28 -19.84 24.49 10.13
C GLN D 28 -20.44 23.28 10.79
N LEU D 29 -19.74 22.64 11.68
CA LEU D 29 -20.27 21.44 12.29
C LEU D 29 -21.22 21.80 13.44
N PRO D 30 -22.25 21.00 13.65
CA PRO D 30 -23.14 21.24 14.79
C PRO D 30 -22.38 21.12 16.09
N GLY D 31 -22.92 21.79 17.13
CA GLY D 31 -22.32 21.69 18.43
C GLY D 31 -22.37 22.94 19.28
N LYS D 32 -22.28 24.12 18.64
CA LYS D 32 -22.25 25.37 19.41
C LYS D 32 -23.46 25.50 20.32
N GLN D 33 -24.61 24.94 19.92
CA GLN D 33 -25.82 25.02 20.73
C GLN D 33 -25.61 24.38 22.10
N VAL D 34 -25.11 23.14 22.14
CA VAL D 34 -24.89 22.46 23.41
C VAL D 34 -23.87 23.21 24.26
N ARG D 35 -22.79 23.68 23.66
CA ARG D 35 -21.82 24.49 24.41
C ARG D 35 -22.49 25.73 24.98
N THR D 36 -23.34 26.38 24.18
CA THR D 36 -24.06 27.57 24.64
C THR D 36 -24.99 27.25 25.80
N LYS D 37 -25.82 26.20 25.67
CA LYS D 37 -26.75 25.82 26.74
C LYS D 37 -26.02 25.48 28.02
N LEU D 38 -24.84 24.84 27.93
CA LEU D 38 -24.06 24.58 29.14
C LEU D 38 -23.67 25.88 29.82
N SER D 39 -23.19 26.85 29.04
CA SER D 39 -22.85 28.17 29.58
C SER D 39 -24.05 28.80 30.29
N GLN D 40 -25.22 28.76 29.65
CA GLN D 40 -26.41 29.32 30.27
C GLN D 40 -26.77 28.59 31.55
N ALA D 41 -26.75 27.26 31.51
CA ALA D 41 -27.08 26.46 32.69
C ALA D 41 -26.15 26.76 33.86
N PHE D 42 -24.86 26.84 33.60
CA PHE D 42 -23.93 27.10 34.70
C PHE D 42 -23.98 28.57 35.14
N ASN D 43 -24.35 29.48 34.23
CA ASN D 43 -24.47 30.88 34.62
C ASN D 43 -25.65 31.10 35.56
N HIS D 44 -26.62 30.19 35.59
CA HIS D 44 -27.71 30.27 36.55
C HIS D 44 -27.20 30.26 37.98
N TRP D 45 -26.02 29.67 38.21
CA TRP D 45 -25.41 29.71 39.53
C TRP D 45 -24.34 30.79 39.62
N LEU D 46 -23.47 30.86 38.62
CA LEU D 46 -22.33 31.75 38.69
C LEU D 46 -22.71 33.21 38.43
N LYS D 47 -23.68 33.46 37.56
CA LYS D 47 -24.10 34.82 37.21
C LYS D 47 -22.90 35.71 36.92
N VAL D 48 -22.26 35.40 35.79
CA VAL D 48 -21.02 36.04 35.40
C VAL D 48 -21.37 37.30 34.62
N PRO D 49 -20.63 38.39 34.81
CA PRO D 49 -20.86 39.60 34.01
C PRO D 49 -20.79 39.32 32.53
N GLU D 50 -21.71 39.94 31.77
CA GLU D 50 -21.85 39.64 30.34
C GLU D 50 -20.56 39.90 29.58
N ASP D 51 -19.81 40.96 29.92
CA ASP D 51 -18.57 41.24 29.21
C ASP D 51 -17.58 40.08 29.31
N LYS D 52 -17.38 39.56 30.53
CA LYS D 52 -16.43 38.47 30.71
C LYS D 52 -16.97 37.17 30.12
N LEU D 53 -18.27 36.91 30.32
CA LEU D 53 -18.86 35.66 29.84
C LEU D 53 -18.69 35.50 28.34
N GLN D 54 -18.94 36.55 27.56
CA GLN D 54 -18.80 36.46 26.11
C GLN D 54 -17.40 35.99 25.72
N ILE D 55 -16.37 36.55 26.36
CA ILE D 55 -15.00 36.12 26.07
C ILE D 55 -14.80 34.67 26.47
N ILE D 56 -15.22 34.31 27.68
CA ILE D 56 -15.08 32.95 28.18
C ILE D 56 -15.68 31.96 27.21
N ILE D 57 -16.86 32.31 26.66
CA ILE D 57 -17.51 31.48 25.66
C ILE D 57 -16.62 31.32 24.44
N GLU D 58 -16.07 32.45 23.97
CA GLU D 58 -15.18 32.41 22.80
C GLU D 58 -13.92 31.60 23.09
N VAL D 59 -13.27 31.87 24.23
CA VAL D 59 -12.09 31.08 24.60
C VAL D 59 -12.41 29.59 24.62
N THR D 60 -13.52 29.22 25.27
CA THR D 60 -13.91 27.81 25.34
C THR D 60 -14.13 27.23 23.95
N GLU D 61 -14.95 27.91 23.13
CA GLU D 61 -15.22 27.40 21.78
C GLU D 61 -13.92 27.22 20.98
N MET D 62 -13.01 28.20 21.06
CA MET D 62 -11.74 28.08 20.33
C MET D 62 -10.97 26.85 20.77
N LEU D 63 -10.67 26.75 22.07
CA LEU D 63 -9.85 25.66 22.57
C LEU D 63 -10.54 24.32 22.37
N HIS D 64 -11.86 24.27 22.56
CA HIS D 64 -12.57 23.02 22.36
C HIS D 64 -12.46 22.53 20.93
N ASN D 65 -12.81 23.40 19.95
CA ASN D 65 -12.70 23.00 18.55
C ASN D 65 -11.26 22.68 18.17
N ALA D 66 -10.30 23.45 18.70
CA ALA D 66 -8.90 23.17 18.38
C ALA D 66 -8.51 21.76 18.80
N SER D 67 -8.93 21.35 19.99
CA SER D 67 -8.60 20.01 20.47
C SER D 67 -9.24 18.93 19.60
N LEU D 68 -10.49 19.15 19.14
CA LEU D 68 -11.10 18.17 18.26
C LEU D 68 -10.36 18.05 16.94
N LEU D 69 -9.82 19.15 16.43
CA LEU D 69 -8.99 19.09 15.23
C LEU D 69 -7.78 18.19 15.46
N ILE D 70 -7.07 18.39 16.58
CA ILE D 70 -5.92 17.56 16.93
C ILE D 70 -6.35 16.12 17.21
N ASP D 71 -7.47 15.94 17.91
CA ASP D 71 -7.92 14.60 18.30
C ASP D 71 -8.21 13.73 17.08
N ASP D 72 -8.90 14.30 16.09
CA ASP D 72 -9.24 13.53 14.88
C ASP D 72 -7.98 13.00 14.20
N ILE D 73 -6.91 13.78 14.18
CA ILE D 73 -5.65 13.30 13.62
C ILE D 73 -5.09 12.15 14.47
N GLU D 74 -5.07 12.34 15.79
CA GLU D 74 -4.57 11.31 16.70
C GLU D 74 -5.45 10.06 16.68
N ASP D 75 -6.71 10.18 16.31
CA ASP D 75 -7.64 9.07 16.35
C ASP D 75 -7.93 8.49 14.97
N ASN D 76 -7.26 8.99 13.94
CA ASN D 76 -7.48 8.58 12.55
C ASN D 76 -8.95 8.52 12.20
N SER D 77 -9.75 9.44 12.74
CA SER D 77 -11.17 9.37 12.45
C SER D 77 -11.44 9.78 11.00
N LYS D 78 -12.59 9.33 10.48
CA LYS D 78 -12.99 9.66 9.13
C LYS D 78 -14.06 10.74 9.10
N LEU D 79 -14.99 10.72 10.05
CA LEU D 79 -16.09 11.67 10.12
C LEU D 79 -16.16 12.27 11.52
N ARG D 80 -16.64 13.52 11.57
CA ARG D 80 -17.00 14.18 12.83
C ARG D 80 -18.30 14.92 12.60
N ARG D 81 -19.32 14.61 13.41
CA ARG D 81 -20.62 15.27 13.30
C ARG D 81 -21.21 15.16 11.90
N GLY D 82 -20.89 14.06 11.19
CA GLY D 82 -21.42 13.84 9.86
C GLY D 82 -20.63 14.46 8.74
N PHE D 83 -19.62 15.27 9.05
CA PHE D 83 -18.76 15.97 8.11
C PHE D 83 -17.42 15.25 8.01
N PRO D 84 -16.75 15.30 6.86
CA PRO D 84 -15.38 14.77 6.80
C PRO D 84 -14.52 15.48 7.83
N VAL D 85 -13.54 14.74 8.37
CA VAL D 85 -12.61 15.39 9.29
C VAL D 85 -11.79 16.40 8.52
N ALA D 86 -11.38 17.47 9.20
CA ALA D 86 -10.72 18.58 8.53
C ALA D 86 -9.45 18.12 7.82
N HIS D 87 -8.65 17.27 8.45
CA HIS D 87 -7.40 16.86 7.80
C HIS D 87 -7.65 15.96 6.59
N SER D 88 -8.84 15.40 6.44
CA SER D 88 -9.16 14.67 5.23
C SER D 88 -9.29 15.58 4.01
N ILE D 89 -9.30 16.91 4.21
CA ILE D 89 -9.45 17.86 3.11
C ILE D 89 -8.20 18.72 3.01
N TYR D 90 -7.86 19.41 4.09
CA TYR D 90 -6.73 20.33 4.12
C TYR D 90 -5.42 19.63 4.46
N GLY D 91 -5.48 18.41 4.96
CA GLY D 91 -4.24 17.69 5.25
C GLY D 91 -3.86 17.76 6.72
N ILE D 92 -3.15 16.72 7.17
CA ILE D 92 -2.71 16.66 8.58
C ILE D 92 -1.77 17.82 8.92
N PRO D 93 -0.69 18.09 8.17
CA PRO D 93 0.21 19.19 8.56
C PRO D 93 -0.48 20.54 8.72
N SER D 94 -1.40 20.88 7.83
CA SER D 94 -2.08 22.17 7.91
C SER D 94 -2.94 22.23 9.17
N VAL D 95 -3.73 21.19 9.43
CA VAL D 95 -4.62 21.20 10.58
C VAL D 95 -3.84 21.20 11.88
N ILE D 96 -2.72 20.47 11.94
CA ILE D 96 -1.91 20.48 13.15
C ILE D 96 -1.50 21.91 13.49
N ASN D 97 -0.86 22.58 12.53
CA ASN D 97 -0.41 23.95 12.72
C ASN D 97 -1.56 24.91 13.00
N SER D 98 -2.68 24.73 12.28
CA SER D 98 -3.84 25.59 12.45
C SER D 98 -4.48 25.41 13.82
N ALA D 99 -4.65 24.16 14.28
CA ALA D 99 -5.22 23.94 15.59
C ALA D 99 -4.32 24.47 16.70
N ASN D 100 -2.99 24.25 16.58
CA ASN D 100 -2.08 24.83 17.56
C ASN D 100 -2.09 26.35 17.48
N TYR D 101 -2.24 26.92 16.29
CA TYR D 101 -2.39 28.37 16.16
C TYR D 101 -3.57 28.88 16.97
N VAL D 102 -4.70 28.16 16.90
CA VAL D 102 -5.90 28.58 17.63
C VAL D 102 -5.69 28.47 19.13
N TYR D 103 -4.96 27.46 19.60
CA TYR D 103 -4.62 27.37 21.02
C TYR D 103 -4.07 28.69 21.52
N PHE D 104 -3.04 29.20 20.83
CA PHE D 104 -2.38 30.44 21.22
C PHE D 104 -3.21 31.66 20.88
N LEU D 105 -4.10 31.56 19.89
CA LEU D 105 -5.11 32.59 19.71
C LEU D 105 -6.05 32.62 20.90
N GLY D 106 -6.39 31.44 21.43
CA GLY D 106 -7.20 31.39 22.64
C GLY D 106 -6.47 31.94 23.85
N LEU D 107 -5.15 31.67 23.93
CA LEU D 107 -4.36 32.26 25.01
C LEU D 107 -4.38 33.77 24.93
N GLU D 108 -4.13 34.31 23.73
CA GLU D 108 -4.23 35.75 23.52
C GLU D 108 -5.57 36.27 24.00
N LYS D 109 -6.64 35.53 23.73
CA LYS D 109 -7.96 35.97 24.15
C LYS D 109 -8.14 35.88 25.67
N VAL D 110 -7.63 34.82 26.29
CA VAL D 110 -7.82 34.67 27.74
C VAL D 110 -7.15 35.79 28.50
N LEU D 111 -6.13 36.43 27.91
CA LEU D 111 -5.44 37.55 28.52
C LEU D 111 -6.26 38.83 28.49
N THR D 112 -7.48 38.81 27.95
CA THR D 112 -8.33 39.99 27.91
C THR D 112 -9.35 40.00 29.05
N LEU D 113 -9.37 38.96 29.87
CA LEU D 113 -10.19 38.93 31.07
C LEU D 113 -9.59 39.75 32.19
N ASP D 114 -8.35 40.23 32.03
CA ASP D 114 -7.66 41.10 33.00
C ASP D 114 -7.56 40.46 34.38
N HIS D 115 -7.70 39.14 34.49
CA HIS D 115 -7.54 38.45 35.77
C HIS D 115 -6.15 37.83 35.87
N GLN D 116 -5.48 38.08 37.01
CA GLN D 116 -4.15 37.56 37.22
C GLN D 116 -4.12 36.04 37.24
N ASP D 117 -5.24 35.39 37.56
CA ASP D 117 -5.30 33.93 37.62
C ASP D 117 -5.88 33.30 36.37
N ALA D 118 -6.25 34.08 35.36
CA ALA D 118 -6.87 33.49 34.17
C ALA D 118 -5.87 32.66 33.37
N VAL D 119 -4.70 33.25 33.08
CA VAL D 119 -3.63 32.51 32.41
C VAL D 119 -3.20 31.32 33.25
N LYS D 120 -3.16 31.48 34.58
CA LYS D 120 -2.81 30.37 35.45
C LYS D 120 -3.81 29.24 35.27
N LEU D 121 -5.11 29.55 35.35
CA LEU D 121 -6.12 28.53 35.14
C LEU D 121 -6.08 27.95 33.74
N PHE D 122 -5.84 28.80 32.73
CA PHE D 122 -5.70 28.34 31.36
C PHE D 122 -4.60 27.27 31.24
N THR D 123 -3.38 27.60 31.69
CA THR D 123 -2.27 26.65 31.64
C THR D 123 -2.63 25.36 32.36
N ARG D 124 -3.14 25.47 33.58
CA ARG D 124 -3.46 24.28 34.36
C ARG D 124 -4.46 23.40 33.61
N GLN D 125 -5.54 24.00 33.13
CA GLN D 125 -6.62 23.22 32.51
C GLN D 125 -6.15 22.53 31.24
N LEU D 126 -5.34 23.21 30.42
CA LEU D 126 -4.88 22.57 29.19
C LEU D 126 -3.91 21.43 29.49
N LEU D 127 -3.03 21.61 30.47
CA LEU D 127 -2.16 20.50 30.86
C LEU D 127 -2.97 19.30 31.31
N GLU D 128 -4.08 19.53 32.02
CA GLU D 128 -4.92 18.42 32.43
C GLU D 128 -5.49 17.69 31.21
N LEU D 129 -5.98 18.44 30.23
CA LEU D 129 -6.53 17.80 29.04
C LEU D 129 -5.49 16.94 28.34
N HIS D 130 -4.27 17.45 28.22
CA HIS D 130 -3.21 16.68 27.58
C HIS D 130 -2.85 15.43 28.37
N GLN D 131 -2.95 15.49 29.70
CA GLN D 131 -2.74 14.28 30.49
C GLN D 131 -3.78 13.24 30.14
N GLY D 132 -5.05 13.66 30.05
CA GLY D 132 -6.09 12.74 29.67
C GLY D 132 -5.89 12.19 28.27
N GLN D 133 -5.69 13.08 27.29
CA GLN D 133 -5.47 12.65 25.93
C GLN D 133 -4.27 11.71 25.82
N GLY D 134 -3.17 12.06 26.49
CA GLY D 134 -1.98 11.22 26.43
C GLY D 134 -2.23 9.81 26.92
N LEU D 135 -2.94 9.67 28.04
CA LEU D 135 -3.22 8.36 28.59
C LEU D 135 -4.10 7.54 27.65
N ASP D 136 -5.12 8.18 27.06
CA ASP D 136 -5.95 7.50 26.07
C ASP D 136 -5.10 7.00 24.91
N ILE D 137 -4.23 7.86 24.39
CA ILE D 137 -3.35 7.46 23.29
C ILE D 137 -2.38 6.40 23.77
N TYR D 138 -1.85 6.53 24.99
CA TYR D 138 -0.88 5.59 25.50
C TYR D 138 -1.44 4.17 25.52
N TRP D 139 -2.57 3.98 26.19
CA TRP D 139 -3.18 2.65 26.29
C TRP D 139 -3.43 2.06 24.91
N ARG D 140 -3.94 2.87 23.98
CA ARG D 140 -4.32 2.35 22.67
C ARG D 140 -3.10 1.94 21.86
N ASP D 141 -2.13 2.84 21.75
CA ASP D 141 -0.97 2.59 20.89
C ASP D 141 0.08 1.71 21.55
N ASN D 142 -0.08 1.36 22.82
CA ASN D 142 0.75 0.35 23.46
C ASN D 142 -0.02 -0.92 23.76
N TYR D 143 -1.23 -1.04 23.22
CA TYR D 143 -2.03 -2.25 23.31
C TYR D 143 -2.13 -2.73 24.76
N THR D 144 -2.63 -1.83 25.60
CA THR D 144 -2.81 -2.10 27.03
C THR D 144 -4.18 -1.56 27.44
N CYS D 145 -5.16 -2.44 27.50
CA CYS D 145 -6.51 -2.04 27.91
C CYS D 145 -6.50 -1.58 29.36
N PRO D 146 -7.10 -0.44 29.68
CA PRO D 146 -7.18 -0.01 31.08
C PRO D 146 -8.35 -0.69 31.78
N THR D 147 -8.33 -0.60 33.11
CA THR D 147 -9.47 -1.05 33.90
C THR D 147 -10.55 0.03 33.88
N GLU D 148 -11.76 -0.35 34.27
CA GLU D 148 -12.86 0.61 34.28
C GLU D 148 -12.51 1.84 35.11
N GLU D 149 -12.01 1.64 36.33
CA GLU D 149 -11.64 2.79 37.16
C GLU D 149 -10.57 3.64 36.48
N GLU D 150 -9.54 2.99 35.92
CA GLU D 150 -8.51 3.72 35.18
C GLU D 150 -9.11 4.53 34.03
N TYR D 151 -10.05 3.94 33.30
CA TYR D 151 -10.67 4.64 32.19
C TYR D 151 -11.38 5.90 32.67
N LYS D 152 -12.24 5.75 33.70
CA LYS D 152 -12.95 6.90 34.25
C LYS D 152 -12.00 7.99 34.73
N ALA D 153 -10.90 7.60 35.37
CA ALA D 153 -9.92 8.57 35.85
C ALA D 153 -9.37 9.41 34.69
N MET D 154 -9.08 8.78 33.55
CA MET D 154 -8.59 9.51 32.39
C MET D 154 -9.65 10.45 31.83
N VAL D 155 -10.89 9.97 31.70
CA VAL D 155 -11.98 10.78 31.18
C VAL D 155 -12.18 12.03 32.02
N LEU D 156 -12.05 11.88 33.35
CA LEU D 156 -12.19 13.04 34.23
C LEU D 156 -11.09 14.06 33.98
N GLN D 157 -9.97 13.63 33.41
CA GLN D 157 -8.88 14.55 33.07
C GLN D 157 -9.02 15.08 31.65
N LYS D 158 -9.43 14.23 30.72
CA LYS D 158 -9.69 14.68 29.35
C LYS D 158 -10.83 15.69 29.31
N THR D 159 -12.01 15.28 29.79
CA THR D 159 -13.18 16.15 29.82
C THR D 159 -13.01 17.27 30.84
N GLY D 160 -12.46 16.96 32.01
CA GLY D 160 -12.28 17.97 33.03
C GLY D 160 -11.44 19.15 32.56
N GLY D 161 -10.56 18.93 31.58
CA GLY D 161 -9.74 19.98 31.02
C GLY D 161 -10.51 21.16 30.50
N LEU D 162 -11.48 20.94 29.60
CA LEU D 162 -12.26 22.06 29.06
C LEU D 162 -13.42 22.43 29.98
N PHE D 163 -14.07 21.43 30.58
CA PHE D 163 -15.11 21.71 31.57
C PHE D 163 -14.61 22.62 32.67
N GLY D 164 -13.44 22.31 33.23
CA GLY D 164 -12.93 23.11 34.32
C GLY D 164 -12.45 24.47 33.89
N LEU D 165 -11.92 24.57 32.66
CA LEU D 165 -11.51 25.87 32.16
C LEU D 165 -12.69 26.82 32.05
N ALA D 166 -13.78 26.36 31.44
CA ALA D 166 -14.99 27.17 31.27
C ALA D 166 -15.59 27.59 32.61
N VAL D 167 -16.10 26.60 33.37
CA VAL D 167 -16.71 26.91 34.66
C VAL D 167 -15.70 27.62 35.57
N GLY D 168 -14.46 27.16 35.58
CA GLY D 168 -13.44 27.80 36.41
C GLY D 168 -13.23 29.26 36.07
N LEU D 169 -13.07 29.56 34.77
CA LEU D 169 -12.92 30.95 34.35
C LEU D 169 -14.16 31.76 34.72
N MET D 170 -15.34 31.16 34.60
CA MET D 170 -16.56 31.86 35.01
C MET D 170 -16.56 32.16 36.50
N GLN D 171 -16.13 31.20 37.31
CA GLN D 171 -16.12 31.40 38.75
C GLN D 171 -15.15 32.49 39.19
N LEU D 172 -14.12 32.78 38.38
CA LEU D 172 -13.20 33.87 38.68
C LEU D 172 -13.92 35.20 38.76
N PHE D 173 -15.07 35.34 38.10
CA PHE D 173 -15.87 36.56 38.09
C PHE D 173 -17.26 36.31 38.65
N SER D 174 -17.36 35.45 39.66
CA SER D 174 -18.64 35.09 40.25
C SER D 174 -18.57 35.12 41.76
N ASP D 175 -19.67 35.55 42.39
CA ASP D 175 -19.76 35.50 43.85
C ASP D 175 -20.18 34.11 44.33
N TYR D 176 -20.68 33.27 43.43
CA TYR D 176 -20.96 31.88 43.75
C TYR D 176 -19.64 31.16 43.96
N LYS D 177 -19.42 30.61 45.15
CA LYS D 177 -18.15 29.95 45.45
C LYS D 177 -18.32 28.50 45.91
N GLU D 178 -19.47 27.89 45.67
CA GLU D 178 -19.66 26.48 45.99
C GLU D 178 -18.91 25.60 44.98
N ASP D 179 -18.45 24.46 45.47
CA ASP D 179 -17.66 23.54 44.64
C ASP D 179 -18.56 22.84 43.63
N LEU D 180 -18.23 22.99 42.34
CA LEU D 180 -18.99 22.35 41.27
C LEU D 180 -18.22 21.22 40.61
N LYS D 181 -16.98 20.99 41.02
CA LYS D 181 -16.18 19.92 40.42
C LYS D 181 -16.87 18.56 40.49
N PRO D 182 -17.43 18.12 41.63
CA PRO D 182 -18.19 16.85 41.62
C PRO D 182 -19.21 16.74 40.50
N LEU D 183 -19.99 17.80 40.26
CA LEU D 183 -20.93 17.78 39.15
C LEU D 183 -20.21 17.77 37.81
N LEU D 184 -19.16 18.58 37.65
CA LEU D 184 -18.40 18.59 36.41
C LEU D 184 -17.85 17.20 36.07
N ASN D 185 -17.44 16.44 37.08
CA ASN D 185 -16.94 15.09 36.83
C ASN D 185 -18.05 14.17 36.31
N THR D 186 -19.21 14.20 36.97
CA THR D 186 -20.34 13.40 36.51
C THR D 186 -20.69 13.70 35.06
N LEU D 187 -20.76 15.00 34.74
CA LEU D 187 -21.09 15.42 33.39
C LEU D 187 -20.02 14.98 32.40
N GLY D 188 -18.75 15.12 32.78
CA GLY D 188 -17.68 14.64 31.92
C GLY D 188 -17.81 13.16 31.60
N LEU D 189 -17.98 12.32 32.63
CA LEU D 189 -18.16 10.89 32.39
C LEU D 189 -19.38 10.64 31.52
N PHE D 190 -20.53 11.21 31.92
CA PHE D 190 -21.74 11.10 31.14
C PHE D 190 -21.49 11.41 29.66
N PHE D 191 -20.76 12.48 29.40
CA PHE D 191 -20.53 12.88 28.01
C PHE D 191 -19.73 11.83 27.26
N GLN D 192 -18.60 11.40 27.82
CA GLN D 192 -17.74 10.46 27.14
C GLN D 192 -18.41 9.09 26.97
N ILE D 193 -18.96 8.54 28.06
CA ILE D 193 -19.57 7.21 27.97
C ILE D 193 -20.75 7.23 27.01
N ARG D 194 -21.49 8.34 26.98
CA ARG D 194 -22.56 8.50 26.00
C ARG D 194 -21.99 8.45 24.60
N ASP D 195 -20.87 9.14 24.38
CA ASP D 195 -20.17 9.10 23.10
C ASP D 195 -19.70 7.68 22.76
N ASP D 196 -19.05 7.01 23.71
CA ASP D 196 -18.58 5.65 23.50
C ASP D 196 -19.72 4.72 23.09
N TYR D 197 -20.83 4.79 23.81
CA TYR D 197 -21.99 3.95 23.48
C TYR D 197 -22.50 4.23 22.08
N ALA D 198 -22.68 5.51 21.74
CA ALA D 198 -23.25 5.86 20.44
C ALA D 198 -22.36 5.39 19.30
N ASN D 199 -21.04 5.56 19.43
CA ASN D 199 -20.14 5.21 18.34
C ASN D 199 -20.21 3.74 17.98
N LEU D 200 -20.73 2.89 18.86
CA LEU D 200 -20.77 1.45 18.63
C LEU D 200 -22.16 0.86 18.52
N HIS D 201 -23.14 1.43 19.22
CA HIS D 201 -24.51 0.93 19.22
C HIS D 201 -25.40 1.60 18.19
N SER D 202 -25.07 2.82 17.77
CA SER D 202 -25.91 3.53 16.81
C SER D 202 -25.41 3.30 15.38
N LYS D 203 -25.50 2.04 14.97
CA LYS D 203 -25.31 1.69 13.56
C LYS D 203 -26.47 2.16 12.68
N GLU D 204 -27.55 2.65 13.29
CA GLU D 204 -28.72 3.05 12.51
C GLU D 204 -28.42 4.22 11.60
N TYR D 205 -27.60 5.18 12.07
CA TYR D 205 -27.33 6.39 11.31
C TYR D 205 -25.86 6.77 11.45
N SER D 206 -25.40 7.53 10.47
CA SER D 206 -24.07 8.16 10.49
C SER D 206 -24.19 9.63 10.88
N GLU D 207 -24.76 9.84 12.08
CA GLU D 207 -25.02 11.19 12.55
C GLU D 207 -23.75 11.88 13.01
N ASN D 208 -22.95 11.19 13.83
CA ASN D 208 -21.65 11.71 14.24
C ASN D 208 -20.53 11.10 13.40
N LYS D 209 -19.94 10.02 13.89
CA LYS D 209 -18.86 9.38 13.16
C LYS D 209 -19.44 8.34 12.19
N SER D 210 -18.56 7.71 11.41
CA SER D 210 -18.94 6.60 10.55
C SER D 210 -19.13 5.34 11.40
N PHE D 211 -19.45 4.23 10.73
CA PHE D 211 -19.77 2.98 11.40
C PHE D 211 -18.59 2.50 12.26
N CYS D 212 -18.85 2.37 13.56
CA CYS D 212 -17.90 1.84 14.56
C CYS D 212 -16.47 2.30 14.28
N GLU D 213 -16.31 3.61 14.18
CA GLU D 213 -14.97 4.14 13.97
C GLU D 213 -14.07 3.89 15.16
N ASP D 214 -14.65 3.74 16.34
CA ASP D 214 -13.81 3.51 17.52
C ASP D 214 -13.07 2.18 17.40
N LEU D 215 -13.71 1.18 16.81
CA LEU D 215 -13.04 -0.09 16.59
C LEU D 215 -11.91 0.06 15.57
N THR D 216 -12.11 0.88 14.53
CA THR D 216 -11.02 1.14 13.58
C THR D 216 -9.89 1.94 14.22
N GLU D 217 -10.23 2.87 15.10
CA GLU D 217 -9.19 3.60 15.83
C GLU D 217 -8.42 2.65 16.74
N GLY D 218 -9.03 1.54 17.16
CA GLY D 218 -8.38 0.66 18.11
C GLY D 218 -8.41 1.17 19.53
N LYS D 219 -9.27 2.14 19.84
CA LYS D 219 -9.30 2.70 21.18
C LYS D 219 -10.08 1.79 22.10
N PHE D 220 -9.75 1.86 23.39
CA PHE D 220 -10.50 1.16 24.43
C PHE D 220 -11.57 2.12 24.90
N SER D 221 -12.79 1.93 24.40
CA SER D 221 -13.96 2.66 24.85
C SER D 221 -14.72 1.84 25.89
N PHE D 222 -15.60 2.53 26.64
CA PHE D 222 -16.35 1.88 27.72
C PHE D 222 -17.00 0.56 27.30
N PRO D 223 -17.77 0.49 26.20
CA PRO D 223 -18.34 -0.83 25.83
C PRO D 223 -17.29 -1.90 25.65
N THR D 224 -16.25 -1.61 24.88
CA THR D 224 -15.20 -2.60 24.64
C THR D 224 -14.49 -3.01 25.94
N ILE D 225 -14.18 -2.05 26.81
CA ILE D 225 -13.49 -2.35 28.06
C ILE D 225 -14.23 -3.41 28.86
N HIS D 226 -15.55 -3.28 28.97
CA HIS D 226 -16.34 -4.25 29.70
C HIS D 226 -16.11 -5.67 29.19
N ALA D 227 -16.38 -5.91 27.91
CA ALA D 227 -16.22 -7.25 27.35
C ALA D 227 -14.82 -7.80 27.61
N ILE D 228 -13.80 -6.95 27.52
CA ILE D 228 -12.43 -7.40 27.71
C ILE D 228 -12.25 -8.02 29.10
N TRP D 229 -12.68 -7.30 30.14
CA TRP D 229 -12.51 -7.82 31.50
C TRP D 229 -13.62 -8.75 31.92
N SER D 230 -14.85 -8.51 31.45
CA SER D 230 -15.97 -9.37 31.79
C SER D 230 -15.72 -10.81 31.34
N ARG D 231 -15.20 -11.00 30.13
CA ARG D 231 -14.91 -12.32 29.57
C ARG D 231 -13.40 -12.39 29.35
N PRO D 232 -12.64 -12.73 30.38
CA PRO D 232 -11.19 -12.81 30.23
C PRO D 232 -10.72 -14.10 29.59
N GLU D 233 -11.62 -15.03 29.30
CA GLU D 233 -11.23 -16.24 28.59
C GLU D 233 -11.17 -16.03 27.09
N SER D 234 -11.52 -14.85 26.62
CA SER D 234 -11.52 -14.53 25.20
C SER D 234 -10.66 -13.31 24.95
N THR D 235 -9.91 -13.35 23.85
CA THR D 235 -9.06 -12.24 23.43
C THR D 235 -9.55 -11.63 22.12
N GLN D 236 -10.81 -11.89 21.74
CA GLN D 236 -11.35 -11.39 20.48
C GLN D 236 -11.28 -9.87 20.37
N VAL D 237 -11.90 -9.17 21.32
CA VAL D 237 -11.96 -7.70 21.24
C VAL D 237 -10.55 -7.12 21.08
N GLN D 238 -9.63 -7.55 21.95
CA GLN D 238 -8.26 -7.06 21.84
C GLN D 238 -7.70 -7.28 20.44
N ASN D 239 -7.91 -8.48 19.88
CA ASN D 239 -7.38 -8.77 18.57
C ASN D 239 -8.05 -7.92 17.49
N ILE D 240 -9.36 -7.72 17.58
CA ILE D 240 -10.05 -6.88 16.60
C ILE D 240 -9.52 -5.46 16.66
N LEU D 241 -9.31 -4.95 17.87
CA LEU D 241 -8.80 -3.59 18.01
C LEU D 241 -7.38 -3.48 17.45
N CYS D 242 -6.57 -4.54 17.60
CA CYS D 242 -5.20 -4.48 17.09
C CYS D 242 -5.16 -4.42 15.57
N GLN D 243 -6.14 -5.04 14.91
CA GLN D 243 -6.16 -5.03 13.45
C GLN D 243 -6.40 -3.62 12.90
N ARG D 244 -7.06 -2.76 13.67
CA ARG D 244 -7.47 -1.44 13.20
C ARG D 244 -8.03 -1.53 11.79
N THR D 245 -8.98 -2.44 11.63
CA THR D 245 -9.50 -2.76 10.31
C THR D 245 -10.72 -1.90 10.01
N GLU D 246 -10.99 -1.75 8.72
CA GLU D 246 -12.19 -1.06 8.28
C GLU D 246 -13.21 -2.03 7.74
N ASN D 247 -13.00 -3.31 8.00
CA ASN D 247 -13.91 -4.36 7.55
C ASN D 247 -15.25 -4.19 8.25
N ILE D 248 -16.30 -3.97 7.46
CA ILE D 248 -17.63 -3.85 8.03
C ILE D 248 -18.03 -5.15 8.71
N ASP D 249 -17.70 -6.29 8.08
CA ASP D 249 -18.11 -7.58 8.62
C ASP D 249 -17.43 -7.87 9.97
N ILE D 250 -16.14 -7.57 10.08
CA ILE D 250 -15.48 -7.74 11.37
C ILE D 250 -16.08 -6.82 12.42
N LYS D 251 -16.38 -5.57 12.05
CA LYS D 251 -16.98 -4.66 13.00
C LYS D 251 -18.34 -5.16 13.46
N LYS D 252 -19.18 -5.60 12.51
CA LYS D 252 -20.50 -6.10 12.87
C LYS D 252 -20.38 -7.28 13.82
N TYR D 253 -19.36 -8.11 13.64
CA TYR D 253 -19.14 -9.23 14.54
C TYR D 253 -18.84 -8.74 15.95
N CYS D 254 -17.97 -7.74 16.07
CA CYS D 254 -17.62 -7.20 17.38
C CYS D 254 -18.85 -6.69 18.12
N VAL D 255 -19.70 -5.91 17.44
CA VAL D 255 -20.92 -5.39 18.07
C VAL D 255 -21.82 -6.53 18.52
N HIS D 256 -21.99 -7.55 17.67
CA HIS D 256 -22.78 -8.71 18.07
C HIS D 256 -22.21 -9.35 19.33
N TYR D 257 -20.89 -9.48 19.41
CA TYR D 257 -20.25 -10.03 20.60
C TYR D 257 -20.46 -9.11 21.81
N LEU D 258 -20.23 -7.80 21.63
CA LEU D 258 -20.45 -6.85 22.72
C LEU D 258 -21.87 -6.92 23.26
N GLU D 259 -22.87 -6.98 22.37
CA GLU D 259 -24.25 -7.08 22.87
C GLU D 259 -24.47 -8.40 23.58
N ASP D 260 -23.92 -9.48 23.04
CA ASP D 260 -24.19 -10.80 23.62
C ASP D 260 -23.58 -10.97 25.01
N VAL D 261 -22.49 -10.25 25.31
CA VAL D 261 -21.93 -10.30 26.66
C VAL D 261 -22.47 -9.19 27.55
N GLY D 262 -23.43 -8.40 27.07
CA GLY D 262 -24.05 -7.36 27.86
C GLY D 262 -23.27 -6.08 28.00
N SER D 263 -22.24 -5.88 27.18
CA SER D 263 -21.47 -4.63 27.29
C SER D 263 -22.34 -3.41 27.02
N PHE D 264 -23.29 -3.53 26.10
CA PHE D 264 -24.15 -2.37 25.83
C PHE D 264 -25.15 -2.16 26.96
N GLU D 265 -25.76 -3.23 27.45
CA GLU D 265 -26.64 -3.08 28.61
C GLU D 265 -25.88 -2.53 29.81
N TYR D 266 -24.66 -3.03 30.04
CA TYR D 266 -23.84 -2.51 31.12
C TYR D 266 -23.57 -1.03 30.93
N THR D 267 -23.23 -0.63 29.69
CA THR D 267 -22.99 0.79 29.43
C THR D 267 -24.25 1.62 29.66
N ARG D 268 -25.42 1.13 29.22
CA ARG D 268 -26.65 1.89 29.45
C ARG D 268 -26.92 2.05 30.93
N ASN D 269 -26.82 0.96 31.70
CA ASN D 269 -27.06 1.07 33.13
C ASN D 269 -26.09 2.06 33.78
N THR D 270 -24.83 2.04 33.37
CA THR D 270 -23.88 3.03 33.87
C THR D 270 -24.30 4.44 33.51
N LEU D 271 -24.77 4.65 32.27
CA LEU D 271 -25.23 5.97 31.88
C LEU D 271 -26.47 6.37 32.65
N LYS D 272 -27.42 5.44 32.81
CA LYS D 272 -28.62 5.72 33.58
C LYS D 272 -28.26 6.14 35.00
N GLU D 273 -27.26 5.50 35.59
CA GLU D 273 -26.84 5.90 36.92
C GLU D 273 -26.20 7.28 36.91
N LEU D 274 -25.34 7.56 35.94
CA LEU D 274 -24.71 8.87 35.86
C LEU D 274 -25.76 9.97 35.74
N GLU D 275 -26.83 9.71 34.99
CA GLU D 275 -27.94 10.65 34.90
C GLU D 275 -28.56 10.92 36.27
N ALA D 276 -28.83 9.84 37.02
CA ALA D 276 -29.42 10.00 38.35
C ALA D 276 -28.50 10.80 39.28
N LYS D 277 -27.22 10.45 39.31
CA LYS D 277 -26.27 11.18 40.15
C LYS D 277 -26.23 12.66 39.81
N ALA D 278 -26.29 12.98 38.51
CA ALA D 278 -26.28 14.38 38.08
C ALA D 278 -27.50 15.13 38.63
N TYR D 279 -28.69 14.55 38.48
CA TYR D 279 -29.89 15.20 39.00
C TYR D 279 -29.75 15.50 40.49
N LYS D 280 -29.31 14.50 41.27
CA LYS D 280 -29.14 14.70 42.70
C LYS D 280 -28.10 15.77 43.00
N GLN D 281 -26.98 15.75 42.29
CA GLN D 281 -25.95 16.77 42.51
C GLN D 281 -26.47 18.16 42.16
N ILE D 282 -27.25 18.28 41.09
CA ILE D 282 -27.82 19.57 40.75
C ILE D 282 -28.72 20.06 41.87
N ASP D 283 -29.60 19.19 42.36
CA ASP D 283 -30.49 19.57 43.47
C ASP D 283 -29.69 19.98 44.70
N ALA D 284 -28.60 19.28 44.99
CA ALA D 284 -27.78 19.64 46.15
C ALA D 284 -27.09 20.98 45.96
N ARG D 285 -27.07 21.50 44.75
CA ARG D 285 -26.48 22.80 44.45
C ARG D 285 -27.54 23.87 44.29
N GLY D 286 -28.76 23.60 44.71
CA GLY D 286 -29.86 24.55 44.64
C GLY D 286 -30.86 24.27 43.53
N GLY D 287 -30.53 23.41 42.59
CA GLY D 287 -31.40 23.15 41.48
C GLY D 287 -31.02 23.99 40.27
N ASN D 288 -31.23 23.42 39.09
CA ASN D 288 -30.88 24.09 37.83
C ASN D 288 -31.82 23.60 36.75
N PRO D 289 -32.99 24.20 36.62
CA PRO D 289 -33.95 23.74 35.59
C PRO D 289 -33.32 23.64 34.21
N GLU D 290 -32.47 24.59 33.87
CA GLU D 290 -31.79 24.55 32.57
C GLU D 290 -30.89 23.33 32.46
N LEU D 291 -30.01 23.12 33.44
CA LEU D 291 -29.11 21.98 33.37
C LEU D 291 -29.89 20.68 33.39
N VAL D 292 -30.91 20.57 34.26
CA VAL D 292 -31.72 19.36 34.33
C VAL D 292 -32.32 19.02 32.97
N ALA D 293 -32.77 20.04 32.23
CA ALA D 293 -33.35 19.80 30.91
C ALA D 293 -32.32 19.24 29.94
N LEU D 294 -31.11 19.81 29.93
CA LEU D 294 -30.06 19.30 29.05
C LEU D 294 -29.81 17.82 29.32
N VAL D 295 -29.56 17.45 30.58
CA VAL D 295 -29.31 16.05 30.92
C VAL D 295 -30.46 15.18 30.45
N LYS D 296 -31.70 15.60 30.70
CA LYS D 296 -32.84 14.81 30.27
C LYS D 296 -32.81 14.63 28.76
N HIS D 297 -32.49 15.69 28.02
CA HIS D 297 -32.41 15.61 26.56
C HIS D 297 -31.25 14.71 26.12
N LEU D 298 -30.07 14.88 26.74
CA LEU D 298 -28.95 14.02 26.40
C LEU D 298 -29.17 12.58 26.86
N SER D 299 -30.03 12.36 27.85
CA SER D 299 -30.32 11.00 28.28
C SER D 299 -31.28 10.28 27.36
N LYS D 300 -31.89 10.97 26.38
CA LYS D 300 -32.86 10.31 25.52
C LYS D 300 -32.26 9.22 24.64
N MET D 301 -30.96 9.29 24.34
CA MET D 301 -30.38 8.31 23.43
C MET D 301 -30.35 6.90 24.01
N PHE D 302 -29.98 6.75 25.29
CA PHE D 302 -29.89 5.41 25.85
C PHE D 302 -31.19 4.94 26.48
N LYS D 303 -32.18 5.81 26.66
CA LYS D 303 -33.47 5.36 27.17
C LYS D 303 -34.27 4.53 26.18
N GLU D 304 -33.82 4.40 24.93
CA GLU D 304 -34.62 3.74 23.90
C GLU D 304 -34.72 2.23 24.12
N THR E 11 -4.18 -21.67 35.84
CA THR E 11 -4.80 -22.93 35.45
C THR E 11 -3.83 -23.82 34.68
N GLN E 12 -2.70 -24.14 35.32
CA GLN E 12 -1.68 -25.09 34.83
C GLN E 12 -1.31 -24.67 33.42
N GLU E 13 -1.34 -25.56 32.43
CA GLU E 13 -1.13 -25.15 31.05
C GLU E 13 -2.36 -24.44 30.47
N THR E 14 -2.46 -23.15 30.76
CA THR E 14 -3.46 -22.34 30.05
C THR E 14 -3.06 -22.13 28.59
N VAL E 15 -1.88 -22.65 28.21
CA VAL E 15 -1.39 -22.52 26.85
C VAL E 15 -2.36 -23.16 25.87
N GLN E 16 -3.00 -24.29 26.26
CA GLN E 16 -3.96 -24.93 25.37
C GLN E 16 -5.02 -23.93 24.91
N ARG E 17 -5.56 -23.14 25.85
CA ARG E 17 -6.54 -22.12 25.50
C ARG E 17 -5.99 -21.12 24.49
N ILE E 18 -4.76 -20.64 24.73
CA ILE E 18 -4.18 -19.67 23.81
C ILE E 18 -4.08 -20.26 22.41
N LEU E 19 -3.66 -21.52 22.30
CA LEU E 19 -3.48 -22.13 20.99
C LEU E 19 -4.78 -22.62 20.37
N LEU E 20 -5.79 -22.93 21.18
CA LEU E 20 -7.04 -23.43 20.62
C LEU E 20 -8.06 -22.33 20.38
N GLU E 21 -7.75 -21.08 20.69
CA GLU E 21 -8.74 -20.02 20.51
C GLU E 21 -9.22 -19.90 19.06
N PRO E 22 -8.35 -19.80 18.04
CA PRO E 22 -8.87 -19.71 16.67
C PRO E 22 -9.80 -20.84 16.29
N TYR E 23 -9.53 -22.06 16.75
CA TYR E 23 -10.38 -23.20 16.42
C TYR E 23 -11.76 -23.05 17.04
N LYS E 24 -11.81 -22.69 18.33
CA LYS E 24 -13.08 -22.45 18.98
C LYS E 24 -13.86 -21.35 18.27
N TYR E 25 -13.16 -20.37 17.69
CA TYR E 25 -13.87 -19.33 16.95
C TYR E 25 -14.65 -19.94 15.78
N LEU E 26 -14.03 -20.86 15.05
CA LEU E 26 -14.68 -21.45 13.88
C LEU E 26 -15.81 -22.40 14.25
N LEU E 27 -15.81 -22.97 15.47
CA LEU E 27 -16.91 -23.85 15.86
C LEU E 27 -18.24 -23.13 15.91
N GLN E 28 -18.24 -21.81 16.07
CA GLN E 28 -19.45 -21.02 16.10
C GLN E 28 -20.13 -20.95 14.74
N LEU E 29 -19.47 -21.40 13.68
CA LEU E 29 -19.98 -21.34 12.32
C LEU E 29 -20.92 -22.50 12.03
N PRO E 30 -21.97 -22.27 11.24
CA PRO E 30 -22.84 -23.37 10.83
C PRO E 30 -22.07 -24.36 9.95
N GLY E 31 -22.56 -25.61 9.93
CA GLY E 31 -21.96 -26.64 9.12
C GLY E 31 -22.01 -28.02 9.76
N LYS E 32 -21.93 -28.07 11.08
CA LYS E 32 -21.90 -29.35 11.78
C LYS E 32 -23.11 -30.22 11.44
N GLN E 33 -24.27 -29.58 11.17
CA GLN E 33 -25.48 -30.32 10.85
C GLN E 33 -25.26 -31.24 9.65
N VAL E 34 -24.69 -30.70 8.57
CA VAL E 34 -24.43 -31.52 7.38
C VAL E 34 -23.50 -32.67 7.73
N ARG E 35 -22.43 -32.39 8.48
CA ARG E 35 -21.52 -33.46 8.91
C ARG E 35 -22.24 -34.50 9.76
N THR E 36 -23.08 -34.05 10.70
CA THR E 36 -23.82 -35.00 11.52
C THR E 36 -24.75 -35.85 10.67
N LYS E 37 -25.57 -35.20 9.82
CA LYS E 37 -26.50 -35.95 8.97
C LYS E 37 -25.75 -36.89 8.03
N LEU E 38 -24.59 -36.46 7.51
CA LEU E 38 -23.80 -37.32 6.62
C LEU E 38 -23.34 -38.59 7.34
N SER E 39 -22.75 -38.44 8.52
CA SER E 39 -22.35 -39.60 9.31
C SER E 39 -23.54 -40.52 9.56
N GLN E 40 -24.69 -39.94 9.91
CA GLN E 40 -25.90 -40.72 10.15
C GLN E 40 -26.31 -41.52 8.91
N ALA E 41 -26.33 -40.86 7.75
CA ALA E 41 -26.74 -41.55 6.52
C ALA E 41 -25.85 -42.75 6.24
N PHE E 42 -24.54 -42.60 6.41
CA PHE E 42 -23.64 -43.71 6.12
C PHE E 42 -23.71 -44.79 7.20
N ASN E 43 -24.06 -44.42 8.43
CA ASN E 43 -24.20 -45.42 9.47
C ASN E 43 -25.35 -46.38 9.19
N HIS E 44 -26.30 -45.97 8.35
CA HIS E 44 -27.40 -46.87 7.96
C HIS E 44 -26.87 -48.13 7.29
N TRP E 45 -25.68 -48.06 6.68
CA TRP E 45 -24.98 -49.20 6.08
C TRP E 45 -23.85 -49.73 6.94
N LEU E 46 -23.05 -48.84 7.51
CA LEU E 46 -21.86 -49.26 8.25
C LEU E 46 -22.21 -49.79 9.63
N LYS E 47 -23.23 -49.22 10.28
CA LYS E 47 -23.65 -49.62 11.63
C LYS E 47 -22.44 -49.70 12.57
N VAL E 48 -21.87 -48.54 12.84
CA VAL E 48 -20.62 -48.44 13.59
C VAL E 48 -20.91 -48.39 15.09
N PRO E 49 -20.11 -49.05 15.92
CA PRO E 49 -20.29 -48.92 17.38
C PRO E 49 -20.21 -47.48 17.83
N GLU E 50 -21.14 -47.09 18.72
CA GLU E 50 -21.22 -45.69 19.15
C GLU E 50 -19.91 -45.21 19.78
N ASP E 51 -19.23 -46.06 20.55
CA ASP E 51 -17.97 -45.65 21.15
C ASP E 51 -16.95 -45.29 20.07
N LYS E 52 -16.84 -46.13 19.03
CA LYS E 52 -15.92 -45.83 17.93
C LYS E 52 -16.44 -44.71 17.06
N LEU E 53 -17.75 -44.70 16.77
CA LEU E 53 -18.34 -43.67 15.93
C LEU E 53 -18.10 -42.27 16.51
N GLN E 54 -18.34 -42.11 17.82
CA GLN E 54 -18.13 -40.80 18.46
C GLN E 54 -16.71 -40.31 18.27
N ILE E 55 -15.73 -41.20 18.45
CA ILE E 55 -14.33 -40.82 18.26
C ILE E 55 -14.11 -40.36 16.82
N ILE E 56 -14.62 -41.14 15.85
CA ILE E 56 -14.50 -40.79 14.44
C ILE E 56 -15.12 -39.42 14.16
N ILE E 57 -16.31 -39.17 14.74
CA ILE E 57 -17.00 -37.90 14.50
C ILE E 57 -16.15 -36.73 14.95
N GLU E 58 -15.60 -36.80 16.18
CA GLU E 58 -14.74 -35.72 16.66
C GLU E 58 -13.51 -35.58 15.78
N VAL E 59 -12.85 -36.71 15.49
CA VAL E 59 -11.67 -36.70 14.63
C VAL E 59 -11.98 -36.02 13.30
N THR E 60 -13.11 -36.37 12.69
CA THR E 60 -13.50 -35.74 11.42
C THR E 60 -13.67 -34.23 11.58
N GLU E 61 -14.44 -33.82 12.60
CA GLU E 61 -14.70 -32.40 12.82
C GLU E 61 -13.40 -31.62 13.01
N MET E 62 -12.46 -32.14 13.80
CA MET E 62 -11.20 -31.44 14.03
C MET E 62 -10.45 -31.17 12.73
N LEU E 63 -10.15 -32.23 11.98
CA LEU E 63 -9.39 -32.04 10.74
C LEU E 63 -10.15 -31.19 9.74
N HIS E 64 -11.46 -31.41 9.61
CA HIS E 64 -12.23 -30.63 8.64
C HIS E 64 -12.13 -29.14 8.96
N ASN E 65 -12.43 -28.75 10.21
CA ASN E 65 -12.30 -27.34 10.59
C ASN E 65 -10.87 -26.86 10.46
N ALA E 66 -9.89 -27.69 10.87
CA ALA E 66 -8.50 -27.27 10.77
C ALA E 66 -8.10 -26.99 9.33
N SER E 67 -8.51 -27.87 8.39
CA SER E 67 -8.21 -27.65 6.98
C SER E 67 -8.89 -26.38 6.46
N LEU E 68 -10.12 -26.11 6.89
CA LEU E 68 -10.81 -24.89 6.44
C LEU E 68 -10.11 -23.65 6.93
N LEU E 69 -9.53 -23.68 8.13
CA LEU E 69 -8.73 -22.55 8.62
C LEU E 69 -7.55 -22.30 7.70
N ILE E 70 -6.81 -23.37 7.34
CA ILE E 70 -5.67 -23.23 6.46
C ILE E 70 -6.11 -22.78 5.07
N ASP E 71 -7.21 -23.37 4.56
CA ASP E 71 -7.67 -23.05 3.21
C ASP E 71 -8.03 -21.57 3.09
N ASP E 72 -8.70 -21.01 4.11
CA ASP E 72 -9.06 -19.60 4.08
C ASP E 72 -7.81 -18.73 3.94
N ILE E 73 -6.71 -19.11 4.60
CA ILE E 73 -5.45 -18.37 4.47
C ILE E 73 -4.89 -18.51 3.05
N GLU E 74 -4.84 -19.75 2.54
CA GLU E 74 -4.29 -19.96 1.21
C GLU E 74 -5.14 -19.31 0.14
N ASP E 75 -6.40 -19.04 0.43
CA ASP E 75 -7.34 -18.51 -0.54
C ASP E 75 -7.60 -17.03 -0.32
N ASN E 76 -6.91 -16.40 0.62
CA ASN E 76 -7.12 -15.00 0.96
C ASN E 76 -8.60 -14.66 1.08
N SER E 77 -9.38 -15.61 1.63
CA SER E 77 -10.80 -15.40 1.78
C SER E 77 -11.08 -14.42 2.90
N LYS E 78 -12.24 -13.78 2.82
CA LYS E 78 -12.64 -12.80 3.82
C LYS E 78 -13.74 -13.29 4.75
N LEU E 79 -14.69 -14.06 4.23
CA LEU E 79 -15.81 -14.56 5.02
C LEU E 79 -15.95 -16.06 4.84
N ARG E 80 -16.42 -16.71 5.89
CA ARG E 80 -16.75 -18.13 5.89
C ARG E 80 -18.08 -18.34 6.57
N ARG E 81 -19.06 -18.85 5.82
CA ARG E 81 -20.39 -19.13 6.36
C ARG E 81 -20.98 -17.90 7.03
N GLY E 82 -20.67 -16.71 6.49
CA GLY E 82 -21.19 -15.45 7.01
C GLY E 82 -20.40 -14.81 8.12
N PHE E 83 -19.42 -15.49 8.66
CA PHE E 83 -18.55 -15.07 9.75
C PHE E 83 -17.20 -14.64 9.20
N PRO E 84 -16.54 -13.68 9.85
CA PRO E 84 -15.15 -13.35 9.47
C PRO E 84 -14.27 -14.58 9.56
N VAL E 85 -13.31 -14.70 8.64
CA VAL E 85 -12.37 -15.81 8.73
C VAL E 85 -11.51 -15.62 9.97
N ALA E 86 -11.04 -16.74 10.53
CA ALA E 86 -10.32 -16.67 11.80
C ALA E 86 -9.09 -15.78 11.71
N HIS E 87 -8.33 -15.89 10.62
CA HIS E 87 -7.13 -15.07 10.50
C HIS E 87 -7.48 -13.59 10.31
N SER E 88 -8.74 -13.27 9.98
CA SER E 88 -9.12 -11.86 9.99
C SER E 88 -9.14 -11.27 11.39
N ILE E 89 -9.10 -12.10 12.42
CA ILE E 89 -9.20 -11.62 13.80
C ILE E 89 -7.91 -11.91 14.56
N TYR E 90 -7.51 -13.18 14.61
CA TYR E 90 -6.36 -13.58 15.39
C TYR E 90 -5.04 -13.47 14.63
N GLY E 91 -5.09 -13.28 13.32
CA GLY E 91 -3.88 -13.12 12.55
C GLY E 91 -3.50 -14.41 11.83
N ILE E 92 -2.85 -14.25 10.68
CA ILE E 92 -2.44 -15.43 9.91
C ILE E 92 -1.47 -16.32 10.67
N PRO E 93 -0.40 -15.82 11.29
CA PRO E 93 0.52 -16.72 12.01
C PRO E 93 -0.15 -17.56 13.08
N SER E 94 -1.03 -16.95 13.88
CA SER E 94 -1.68 -17.68 14.97
C SER E 94 -2.54 -18.79 14.41
N VAL E 95 -3.33 -18.49 13.38
CA VAL E 95 -4.26 -19.48 12.82
C VAL E 95 -3.50 -20.62 12.18
N ILE E 96 -2.38 -20.34 11.51
CA ILE E 96 -1.55 -21.41 10.96
C ILE E 96 -1.12 -22.36 12.07
N ASN E 97 -0.51 -21.82 13.11
CA ASN E 97 -0.03 -22.65 14.21
C ASN E 97 -1.16 -23.46 14.84
N SER E 98 -2.30 -22.82 15.09
CA SER E 98 -3.41 -23.51 15.73
C SER E 98 -3.97 -24.61 14.83
N ALA E 99 -4.20 -24.30 13.54
CA ALA E 99 -4.75 -25.31 12.64
C ALA E 99 -3.80 -26.51 12.53
N ASN E 100 -2.50 -26.26 12.45
CA ASN E 100 -1.54 -27.37 12.46
C ASN E 100 -1.55 -28.09 13.80
N TYR E 101 -1.75 -27.35 14.89
CA TYR E 101 -1.91 -27.97 16.21
C TYR E 101 -3.09 -28.94 16.22
N VAL E 102 -4.23 -28.52 15.65
CA VAL E 102 -5.43 -29.35 15.65
C VAL E 102 -5.24 -30.60 14.78
N TYR E 103 -4.50 -30.49 13.67
CA TYR E 103 -4.19 -31.68 12.87
C TYR E 103 -3.66 -32.79 13.74
N PHE E 104 -2.60 -32.48 14.49
CA PHE E 104 -1.87 -33.43 15.36
C PHE E 104 -2.61 -33.72 16.64
N LEU E 105 -3.51 -32.84 17.11
CA LEU E 105 -4.46 -33.26 18.14
C LEU E 105 -5.39 -34.37 17.63
N GLY E 106 -5.81 -34.27 16.36
CA GLY E 106 -6.62 -35.30 15.77
C GLY E 106 -5.90 -36.62 15.66
N LEU E 107 -4.61 -36.61 15.33
CA LEU E 107 -3.86 -37.86 15.30
C LEU E 107 -3.83 -38.49 16.69
N GLU E 108 -3.60 -37.68 17.73
CA GLU E 108 -3.70 -38.19 19.10
C GLU E 108 -5.05 -38.86 19.35
N LYS E 109 -6.14 -38.25 18.87
CA LYS E 109 -7.46 -38.82 19.05
C LYS E 109 -7.62 -40.11 18.27
N VAL E 110 -7.05 -40.18 17.06
CA VAL E 110 -7.13 -41.40 16.26
C VAL E 110 -6.38 -42.54 16.95
N LEU E 111 -5.42 -42.22 17.81
CA LEU E 111 -4.69 -43.26 18.52
C LEU E 111 -5.51 -43.90 19.62
N THR E 112 -6.76 -43.47 19.79
CA THR E 112 -7.67 -44.04 20.78
C THR E 112 -8.67 -45.00 20.15
N LEU E 113 -8.64 -45.14 18.82
CA LEU E 113 -9.47 -46.08 18.09
C LEU E 113 -8.96 -47.51 18.14
N ASP E 114 -7.80 -47.74 18.77
CA ASP E 114 -7.19 -49.06 18.97
C ASP E 114 -6.84 -49.82 17.70
N HIS E 115 -7.68 -49.73 16.65
CA HIS E 115 -7.38 -50.38 15.38
C HIS E 115 -5.99 -50.01 14.87
N GLN E 116 -5.18 -51.03 14.57
CA GLN E 116 -3.79 -50.81 14.17
C GLN E 116 -3.68 -50.09 12.83
N ASP E 117 -4.72 -50.15 12.01
CA ASP E 117 -4.74 -49.56 10.68
C ASP E 117 -5.31 -48.13 10.67
N ALA E 118 -5.60 -47.56 11.84
CA ALA E 118 -6.19 -46.23 11.87
C ALA E 118 -5.19 -45.16 11.43
N VAL E 119 -4.00 -45.15 12.04
CA VAL E 119 -2.98 -44.17 11.66
C VAL E 119 -2.62 -44.31 10.19
N LYS E 120 -2.59 -45.54 9.69
CA LYS E 120 -2.35 -45.75 8.26
C LYS E 120 -3.44 -45.07 7.44
N LEU E 121 -4.71 -45.29 7.81
CA LEU E 121 -5.80 -44.61 7.13
C LEU E 121 -5.68 -43.10 7.26
N PHE E 122 -5.34 -42.63 8.45
CA PHE E 122 -5.15 -41.21 8.70
C PHE E 122 -4.09 -40.62 7.77
N THR E 123 -2.89 -41.21 7.77
CA THR E 123 -1.79 -40.70 6.94
C THR E 123 -2.18 -40.63 5.47
N ARG E 124 -2.66 -41.75 4.90
CA ARG E 124 -2.97 -41.78 3.48
C ARG E 124 -4.02 -40.74 3.12
N GLN E 125 -5.12 -40.69 3.87
CA GLN E 125 -6.20 -39.76 3.55
C GLN E 125 -5.75 -38.31 3.63
N LEU E 126 -4.87 -37.99 4.59
CA LEU E 126 -4.39 -36.62 4.72
C LEU E 126 -3.47 -36.23 3.57
N LEU E 127 -2.56 -37.13 3.18
CA LEU E 127 -1.69 -36.84 2.05
C LEU E 127 -2.49 -36.62 0.79
N GLU E 128 -3.56 -37.39 0.60
CA GLU E 128 -4.42 -37.19 -0.57
C GLU E 128 -5.06 -35.80 -0.57
N LEU E 129 -5.57 -35.36 0.58
CA LEU E 129 -6.15 -34.02 0.67
C LEU E 129 -5.12 -32.96 0.32
N HIS E 130 -3.89 -33.10 0.82
CA HIS E 130 -2.86 -32.13 0.51
C HIS E 130 -2.53 -32.11 -0.97
N GLN E 131 -2.60 -33.27 -1.63
CA GLN E 131 -2.40 -33.32 -3.08
C GLN E 131 -3.47 -32.51 -3.81
N GLY E 132 -4.73 -32.68 -3.40
CA GLY E 132 -5.80 -31.94 -4.05
C GLY E 132 -5.65 -30.44 -3.87
N GLN E 133 -5.47 -29.99 -2.62
CA GLN E 133 -5.27 -28.57 -2.37
C GLN E 133 -4.06 -28.05 -3.15
N GLY E 134 -2.98 -28.84 -3.18
CA GLY E 134 -1.77 -28.40 -3.88
C GLY E 134 -2.01 -28.09 -5.34
N LEU E 135 -2.70 -28.99 -6.06
CA LEU E 135 -2.99 -28.74 -7.47
C LEU E 135 -3.88 -27.52 -7.64
N ASP E 136 -4.90 -27.38 -6.79
CA ASP E 136 -5.75 -26.19 -6.85
C ASP E 136 -4.91 -24.93 -6.66
N ILE E 137 -4.02 -24.96 -5.67
CA ILE E 137 -3.11 -23.84 -5.44
C ILE E 137 -2.11 -23.72 -6.58
N TYR E 138 -1.58 -24.84 -7.05
CA TYR E 138 -0.57 -24.79 -8.11
C TYR E 138 -1.14 -24.12 -9.35
N TRP E 139 -2.29 -24.62 -9.84
CA TRP E 139 -2.93 -24.03 -11.00
C TRP E 139 -3.18 -22.54 -10.80
N ARG E 140 -3.67 -22.16 -9.62
CA ARG E 140 -4.03 -20.76 -9.41
C ARG E 140 -2.79 -19.87 -9.37
N ASP E 141 -1.80 -20.25 -8.56
CA ASP E 141 -0.61 -19.41 -8.36
C ASP E 141 0.44 -19.58 -9.45
N ASN E 142 0.28 -20.54 -10.35
CA ASN E 142 1.15 -20.64 -11.52
C ASN E 142 0.39 -20.32 -12.79
N TYR E 143 -0.83 -19.80 -12.67
CA TYR E 143 -1.62 -19.28 -13.78
C TYR E 143 -1.71 -20.26 -14.95
N THR E 144 -2.18 -21.47 -14.66
CA THR E 144 -2.38 -22.52 -15.67
C THR E 144 -3.75 -23.15 -15.39
N CYS E 145 -4.76 -22.74 -16.13
CA CYS E 145 -6.10 -23.26 -15.93
C CYS E 145 -6.14 -24.76 -16.22
N PRO E 146 -6.73 -25.58 -15.35
CA PRO E 146 -6.83 -27.01 -15.62
C PRO E 146 -8.00 -27.32 -16.53
N THR E 147 -7.99 -28.55 -17.05
CA THR E 147 -9.12 -29.07 -17.80
C THR E 147 -10.18 -29.61 -16.85
N GLU E 148 -11.39 -29.82 -17.39
CA GLU E 148 -12.46 -30.39 -16.59
C GLU E 148 -12.02 -31.70 -15.94
N GLU E 149 -11.41 -32.59 -16.74
CA GLU E 149 -10.92 -33.85 -16.19
C GLU E 149 -9.87 -33.59 -15.11
N GLU E 150 -8.93 -32.68 -15.38
CA GLU E 150 -7.91 -32.34 -14.40
C GLU E 150 -8.52 -31.79 -13.13
N TYR E 151 -9.48 -30.86 -13.25
CA TYR E 151 -10.14 -30.30 -12.08
C TYR E 151 -10.85 -31.40 -11.29
N LYS E 152 -11.69 -32.17 -11.99
CA LYS E 152 -12.43 -33.26 -11.35
C LYS E 152 -11.49 -34.22 -10.64
N ALA E 153 -10.36 -34.57 -11.27
CA ALA E 153 -9.38 -35.43 -10.62
C ALA E 153 -8.89 -34.80 -9.33
N MET E 154 -8.65 -33.49 -9.35
CA MET E 154 -8.19 -32.81 -8.14
C MET E 154 -9.25 -32.79 -7.05
N VAL E 155 -10.50 -32.47 -7.43
CA VAL E 155 -11.59 -32.41 -6.46
C VAL E 155 -11.77 -33.76 -5.77
N LEU E 156 -11.65 -34.85 -6.54
CA LEU E 156 -11.78 -36.17 -5.98
C LEU E 156 -10.69 -36.48 -4.97
N GLN E 157 -9.57 -35.76 -5.03
CA GLN E 157 -8.50 -35.94 -4.06
C GLN E 157 -8.66 -35.01 -2.87
N LYS E 158 -9.07 -33.77 -3.11
CA LYS E 158 -9.33 -32.83 -2.02
C LYS E 158 -10.48 -33.32 -1.14
N THR E 159 -11.66 -33.48 -1.74
CA THR E 159 -12.82 -33.94 -1.00
C THR E 159 -12.64 -35.36 -0.54
N GLY E 160 -12.11 -36.23 -1.42
CA GLY E 160 -11.93 -37.62 -1.05
C GLY E 160 -11.08 -37.80 0.18
N GLY E 161 -10.19 -36.85 0.45
CA GLY E 161 -9.35 -36.89 1.63
C GLY E 161 -10.11 -37.04 2.93
N LEU E 162 -11.06 -36.14 3.20
CA LEU E 162 -11.79 -36.19 4.46
C LEU E 162 -12.98 -37.16 4.38
N PHE E 163 -13.67 -37.19 3.23
CA PHE E 163 -14.75 -38.15 3.02
C PHE E 163 -14.28 -39.58 3.23
N GLY E 164 -13.19 -39.97 2.57
CA GLY E 164 -12.70 -41.33 2.71
C GLY E 164 -12.14 -41.60 4.10
N LEU E 165 -11.58 -40.58 4.75
CA LEU E 165 -11.11 -40.77 6.11
C LEU E 165 -12.27 -41.10 7.05
N ALA E 166 -13.34 -40.30 6.99
CA ALA E 166 -14.51 -40.54 7.83
C ALA E 166 -15.11 -41.91 7.53
N VAL E 167 -15.63 -42.07 6.31
CA VAL E 167 -16.21 -43.34 5.91
C VAL E 167 -15.21 -44.49 6.10
N GLY E 168 -13.95 -44.25 5.74
CA GLY E 168 -12.95 -45.30 5.92
C GLY E 168 -12.82 -45.73 7.36
N LEU E 169 -12.65 -44.77 8.26
CA LEU E 169 -12.55 -45.11 9.68
C LEU E 169 -13.78 -45.86 10.15
N MET E 170 -14.96 -45.48 9.65
CA MET E 170 -16.17 -46.21 10.02
C MET E 170 -16.13 -47.65 9.53
N GLN E 171 -15.68 -47.86 8.30
CA GLN E 171 -15.62 -49.21 7.74
C GLN E 171 -14.62 -50.10 8.48
N LEU E 172 -13.63 -49.52 9.15
CA LEU E 172 -12.70 -50.32 9.94
C LEU E 172 -13.41 -51.08 11.05
N PHE E 173 -14.55 -50.58 11.52
CA PHE E 173 -15.35 -51.17 12.59
C PHE E 173 -16.75 -51.52 12.12
N SER E 174 -16.86 -52.01 10.88
CA SER E 174 -18.15 -52.30 10.28
C SER E 174 -18.09 -53.63 9.55
N ASP E 175 -19.23 -54.33 9.50
CA ASP E 175 -19.29 -55.55 8.69
C ASP E 175 -19.63 -55.26 7.23
N TYR E 176 -20.18 -54.09 6.92
CA TYR E 176 -20.43 -53.66 5.54
C TYR E 176 -19.10 -53.39 4.87
N LYS E 177 -18.61 -54.36 4.08
CA LYS E 177 -17.32 -54.26 3.42
C LYS E 177 -17.44 -53.95 1.93
N GLU E 178 -18.61 -53.50 1.49
CA GLU E 178 -18.80 -53.13 0.09
C GLU E 178 -18.12 -51.80 -0.23
N ASP E 179 -17.72 -51.67 -1.50
CA ASP E 179 -17.01 -50.49 -1.97
C ASP E 179 -17.96 -49.28 -2.04
N LEU E 180 -17.63 -48.25 -1.28
CA LEU E 180 -18.42 -47.02 -1.26
C LEU E 180 -17.68 -45.87 -1.94
N LYS E 181 -16.45 -46.12 -2.40
CA LYS E 181 -15.66 -45.06 -3.03
C LYS E 181 -16.33 -44.41 -4.23
N PRO E 182 -16.93 -45.14 -5.19
CA PRO E 182 -17.62 -44.44 -6.29
C PRO E 182 -18.60 -43.37 -5.83
N LEU E 183 -19.44 -43.70 -4.84
CA LEU E 183 -20.38 -42.72 -4.31
C LEU E 183 -19.65 -41.60 -3.58
N LEU E 184 -18.64 -41.96 -2.76
CA LEU E 184 -17.85 -40.96 -2.05
C LEU E 184 -17.24 -39.95 -3.03
N ASN E 185 -16.75 -40.45 -4.16
CA ASN E 185 -16.22 -39.57 -5.19
C ASN E 185 -17.34 -38.74 -5.82
N THR E 186 -18.45 -39.39 -6.18
CA THR E 186 -19.58 -38.67 -6.76
C THR E 186 -20.05 -37.55 -5.84
N LEU E 187 -20.19 -37.86 -4.54
CA LEU E 187 -20.61 -36.83 -3.59
C LEU E 187 -19.55 -35.74 -3.46
N GLY E 188 -18.28 -36.13 -3.39
CA GLY E 188 -17.22 -35.13 -3.31
C GLY E 188 -17.26 -34.12 -4.44
N LEU E 189 -17.34 -34.61 -5.68
CA LEU E 189 -17.50 -33.73 -6.83
C LEU E 189 -18.77 -32.90 -6.69
N PHE E 190 -19.89 -33.55 -6.38
CA PHE E 190 -21.14 -32.86 -6.14
C PHE E 190 -20.97 -31.69 -5.19
N PHE E 191 -20.28 -31.92 -4.06
CA PHE E 191 -20.13 -30.87 -3.05
C PHE E 191 -19.33 -29.69 -3.60
N GLN E 192 -18.14 -29.96 -4.13
CA GLN E 192 -17.27 -28.88 -4.61
C GLN E 192 -17.92 -28.12 -5.75
N ILE E 193 -18.39 -28.84 -6.77
CA ILE E 193 -19.02 -28.19 -7.93
C ILE E 193 -20.25 -27.41 -7.46
N ARG E 194 -20.95 -27.91 -6.46
CA ARG E 194 -22.08 -27.16 -5.89
C ARG E 194 -21.58 -25.87 -5.23
N ASP E 195 -20.50 -25.96 -4.45
CA ASP E 195 -19.87 -24.79 -3.85
C ASP E 195 -19.42 -23.79 -4.90
N ASP E 196 -18.74 -24.27 -5.94
CA ASP E 196 -18.29 -23.39 -7.02
C ASP E 196 -19.46 -22.62 -7.62
N TYR E 197 -20.57 -23.31 -7.87
CA TYR E 197 -21.75 -22.68 -8.46
C TYR E 197 -22.24 -21.51 -7.61
N ALA E 198 -22.42 -21.77 -6.31
CA ALA E 198 -22.98 -20.75 -5.41
C ALA E 198 -22.05 -19.57 -5.21
N ASN E 199 -20.74 -19.82 -5.06
CA ASN E 199 -19.80 -18.74 -4.78
C ASN E 199 -19.83 -17.66 -5.85
N LEU E 200 -20.34 -17.98 -7.02
CA LEU E 200 -20.42 -17.06 -8.15
C LEU E 200 -21.85 -16.73 -8.54
N HIS E 201 -22.82 -17.62 -8.26
CA HIS E 201 -24.21 -17.41 -8.64
C HIS E 201 -24.99 -16.58 -7.62
N SER E 202 -24.52 -16.50 -6.37
CA SER E 202 -25.14 -15.68 -5.34
C SER E 202 -24.13 -14.65 -4.82
N LYS E 203 -24.63 -13.76 -3.96
CA LYS E 203 -23.80 -12.73 -3.34
C LYS E 203 -23.76 -12.79 -1.82
N GLU E 204 -24.83 -13.29 -1.18
CA GLU E 204 -24.93 -13.33 0.29
C GLU E 204 -23.88 -14.27 0.90
N GLU E 207 -24.55 -15.58 3.91
CA GLU E 207 -24.83 -16.99 3.65
C GLU E 207 -23.56 -17.83 3.80
N ASN E 208 -22.60 -17.63 2.90
CA ASN E 208 -21.29 -18.27 3.03
C ASN E 208 -20.18 -17.22 2.85
N LYS E 209 -19.59 -17.17 1.66
CA LYS E 209 -18.55 -16.19 1.37
C LYS E 209 -19.17 -14.92 0.78
N SER E 210 -18.35 -13.89 0.63
CA SER E 210 -18.76 -12.62 0.07
C SER E 210 -18.95 -12.75 -1.44
N PHE E 211 -19.37 -11.66 -2.08
CA PHE E 211 -19.66 -11.68 -3.51
C PHE E 211 -18.44 -12.15 -4.30
N CYS E 212 -18.62 -13.27 -5.02
CA CYS E 212 -17.60 -13.88 -5.87
C CYS E 212 -16.21 -13.78 -5.25
N GLU E 213 -16.09 -14.26 -4.02
CA GLU E 213 -14.78 -14.26 -3.35
C GLU E 213 -13.80 -15.15 -4.09
N ASP E 214 -14.31 -16.15 -4.81
CA ASP E 214 -13.46 -17.06 -5.56
C ASP E 214 -12.75 -16.35 -6.71
N LEU E 215 -13.42 -15.38 -7.34
CA LEU E 215 -12.77 -14.59 -8.40
C LEU E 215 -11.62 -13.76 -7.84
N THR E 216 -11.82 -13.19 -6.64
CA THR E 216 -10.75 -12.43 -6.00
C THR E 216 -9.59 -13.33 -5.61
N GLU E 217 -9.88 -14.58 -5.24
CA GLU E 217 -8.80 -15.53 -5.00
C GLU E 217 -8.05 -15.82 -6.30
N GLY E 218 -8.70 -15.66 -7.45
CA GLY E 218 -8.12 -16.00 -8.73
C GLY E 218 -8.09 -17.48 -9.02
N LYS E 219 -8.85 -18.26 -8.28
CA LYS E 219 -8.80 -19.70 -8.44
C LYS E 219 -9.69 -20.12 -9.61
N PHE E 220 -9.34 -21.27 -10.18
CA PHE E 220 -10.12 -21.85 -11.27
C PHE E 220 -11.20 -22.74 -10.66
N SER E 221 -12.42 -22.22 -10.59
CA SER E 221 -13.58 -23.00 -10.18
C SER E 221 -14.30 -23.56 -11.42
N PHE E 222 -15.13 -24.58 -11.19
CA PHE E 222 -15.85 -25.23 -12.29
C PHE E 222 -16.50 -24.26 -13.27
N PRO E 223 -17.29 -23.26 -12.85
CA PRO E 223 -17.90 -22.36 -13.85
C PRO E 223 -16.86 -21.66 -14.72
N THR E 224 -15.84 -21.06 -14.11
CA THR E 224 -14.81 -20.35 -14.88
C THR E 224 -14.08 -21.29 -15.84
N ILE E 225 -13.73 -22.49 -15.36
CA ILE E 225 -13.03 -23.46 -16.20
C ILE E 225 -13.77 -23.67 -17.51
N HIS E 226 -15.09 -23.83 -17.43
CA HIS E 226 -15.89 -23.98 -18.64
C HIS E 226 -15.69 -22.80 -19.60
N ALA E 227 -15.97 -21.58 -19.13
CA ALA E 227 -15.85 -20.39 -19.97
C ALA E 227 -14.46 -20.27 -20.59
N ILE E 228 -13.42 -20.60 -19.83
CA ILE E 228 -12.07 -20.52 -20.36
C ILE E 228 -11.91 -21.41 -21.58
N TRP E 229 -12.33 -22.68 -21.48
CA TRP E 229 -12.15 -23.59 -22.61
C TRP E 229 -13.27 -23.46 -23.63
N SER E 230 -14.48 -23.11 -23.20
CA SER E 230 -15.59 -22.97 -24.14
C SER E 230 -15.29 -21.93 -25.21
N ARG E 231 -14.77 -20.78 -24.81
CA ARG E 231 -14.46 -19.68 -25.72
C ARG E 231 -12.96 -19.38 -25.70
N PRO E 232 -12.16 -20.10 -26.49
CA PRO E 232 -10.71 -19.86 -26.48
C PRO E 232 -10.28 -18.62 -27.23
N GLU E 233 -11.23 -17.89 -27.83
CA GLU E 233 -10.92 -16.61 -28.46
C GLU E 233 -10.90 -15.47 -27.46
N SER E 234 -11.20 -15.73 -26.19
CA SER E 234 -11.19 -14.71 -25.15
C SER E 234 -10.31 -15.15 -23.98
N THR E 235 -9.56 -14.20 -23.43
CA THR E 235 -8.75 -14.40 -22.23
C THR E 235 -9.27 -13.58 -21.06
N GLN E 236 -10.52 -13.13 -21.14
CA GLN E 236 -11.10 -12.28 -20.10
C GLN E 236 -11.01 -12.95 -18.73
N VAL E 237 -11.58 -14.15 -18.63
CA VAL E 237 -11.60 -14.85 -17.35
C VAL E 237 -10.19 -14.97 -16.77
N GLN E 238 -9.26 -15.50 -17.58
CA GLN E 238 -7.88 -15.63 -17.12
C GLN E 238 -7.34 -14.30 -16.62
N ASN E 239 -7.56 -13.24 -17.40
CA ASN E 239 -7.02 -11.95 -17.03
C ASN E 239 -7.72 -11.39 -15.80
N ILE E 240 -9.04 -11.54 -15.71
CA ILE E 240 -9.77 -11.08 -14.53
C ILE E 240 -9.31 -11.85 -13.29
N LEU E 241 -9.07 -13.15 -13.45
CA LEU E 241 -8.58 -13.94 -12.32
C LEU E 241 -7.18 -13.51 -11.89
N CYS E 242 -6.34 -13.11 -12.86
CA CYS E 242 -4.98 -12.69 -12.52
C CYS E 242 -4.98 -11.39 -11.73
N GLN E 243 -5.95 -10.52 -11.98
CA GLN E 243 -6.01 -9.26 -11.24
C GLN E 243 -6.23 -9.46 -9.75
N ARG E 244 -6.83 -10.56 -9.34
CA ARG E 244 -7.18 -10.78 -7.94
C ARG E 244 -7.81 -9.52 -7.36
N THR E 245 -8.81 -9.02 -8.07
CA THR E 245 -9.42 -7.72 -7.80
C THR E 245 -10.61 -7.88 -6.87
N GLU E 246 -10.90 -6.80 -6.15
CA GLU E 246 -12.06 -6.74 -5.28
C GLU E 246 -13.12 -5.79 -5.83
N ASN E 247 -12.94 -5.32 -7.06
CA ASN E 247 -13.90 -4.42 -7.66
C ASN E 247 -15.19 -5.18 -7.94
N ILE E 248 -16.30 -4.73 -7.34
CA ILE E 248 -17.57 -5.41 -7.55
C ILE E 248 -17.94 -5.36 -9.03
N ASP E 249 -17.68 -4.23 -9.68
CA ASP E 249 -18.08 -4.05 -11.07
C ASP E 249 -17.36 -5.04 -12.00
N ILE E 250 -16.06 -5.26 -11.80
CA ILE E 250 -15.38 -6.30 -12.58
C ILE E 250 -15.97 -7.67 -12.30
N LYS E 251 -16.22 -7.99 -11.02
CA LYS E 251 -16.79 -9.29 -10.70
C LYS E 251 -18.17 -9.46 -11.34
N LYS E 252 -19.01 -8.42 -11.28
CA LYS E 252 -20.32 -8.51 -11.92
C LYS E 252 -20.19 -8.78 -13.41
N TYR E 253 -19.17 -8.21 -14.05
CA TYR E 253 -18.94 -8.50 -15.46
C TYR E 253 -18.59 -9.96 -15.66
N CYS E 254 -17.71 -10.50 -14.81
CA CYS E 254 -17.27 -11.88 -14.98
C CYS E 254 -18.44 -12.86 -14.93
N VAL E 255 -19.31 -12.75 -13.93
CA VAL E 255 -20.45 -13.66 -13.84
C VAL E 255 -21.37 -13.50 -15.05
N HIS E 256 -21.60 -12.25 -15.47
CA HIS E 256 -22.42 -12.02 -16.66
C HIS E 256 -21.85 -12.78 -17.86
N TYR E 257 -20.54 -12.71 -18.06
CA TYR E 257 -19.90 -13.48 -19.13
C TYR E 257 -20.08 -14.97 -18.91
N LEU E 258 -19.81 -15.45 -17.68
CA LEU E 258 -20.05 -16.87 -17.38
C LEU E 258 -21.48 -17.27 -17.69
N GLU E 259 -22.45 -16.43 -17.31
CA GLU E 259 -23.83 -16.74 -17.63
C GLU E 259 -24.09 -16.68 -19.13
N ASP E 260 -23.52 -15.68 -19.82
CA ASP E 260 -23.78 -15.56 -21.25
C ASP E 260 -23.12 -16.68 -22.06
N VAL E 261 -22.04 -17.29 -21.55
CA VAL E 261 -21.45 -18.44 -22.25
C VAL E 261 -22.05 -19.76 -21.81
N GLY E 262 -23.05 -19.73 -20.92
CA GLY E 262 -23.72 -20.94 -20.46
C GLY E 262 -22.96 -21.74 -19.43
N SER E 263 -21.91 -21.18 -18.84
CA SER E 263 -21.13 -21.91 -17.84
C SER E 263 -21.98 -22.26 -16.63
N PHE E 264 -22.93 -21.39 -16.27
CA PHE E 264 -23.79 -21.68 -15.12
C PHE E 264 -24.74 -22.81 -15.44
N GLU E 265 -25.35 -22.78 -16.63
CA GLU E 265 -26.20 -23.89 -17.07
C GLU E 265 -25.40 -25.19 -17.13
N TYR E 266 -24.16 -25.13 -17.65
CA TYR E 266 -23.32 -26.32 -17.71
C TYR E 266 -23.06 -26.87 -16.31
N THR E 267 -22.80 -25.99 -15.34
CA THR E 267 -22.60 -26.44 -13.97
C THR E 267 -23.87 -27.07 -13.40
N ARG E 268 -25.03 -26.45 -13.65
CA ARG E 268 -26.27 -27.02 -13.15
C ARG E 268 -26.47 -28.41 -13.73
N ASN E 269 -26.36 -28.54 -15.06
CA ASN E 269 -26.53 -29.85 -15.69
C ASN E 269 -25.51 -30.85 -15.16
N THR E 270 -24.28 -30.41 -14.95
CA THR E 270 -23.28 -31.28 -14.35
C THR E 270 -23.70 -31.70 -12.95
N LEU E 271 -24.21 -30.75 -12.17
CA LEU E 271 -24.69 -31.06 -10.83
C LEU E 271 -25.93 -31.96 -10.87
N LYS E 272 -26.88 -31.62 -11.73
CA LYS E 272 -28.07 -32.45 -11.87
C LYS E 272 -27.71 -33.87 -12.28
N GLU E 273 -26.71 -34.01 -13.16
CA GLU E 273 -26.24 -35.33 -13.55
C GLU E 273 -25.60 -36.04 -12.37
N LEU E 274 -24.77 -35.33 -11.60
CA LEU E 274 -24.16 -35.91 -10.41
C LEU E 274 -25.23 -36.35 -9.40
N GLU E 275 -26.28 -35.55 -9.23
CA GLU E 275 -27.38 -35.94 -8.33
C GLU E 275 -28.01 -37.23 -8.79
N ALA E 276 -28.31 -37.34 -10.08
CA ALA E 276 -28.91 -38.56 -10.61
C ALA E 276 -27.99 -39.75 -10.42
N LYS E 277 -26.71 -39.59 -10.79
CA LYS E 277 -25.73 -40.66 -10.62
C LYS E 277 -25.66 -41.10 -9.17
N ALA E 278 -25.70 -40.16 -8.23
CA ALA E 278 -25.67 -40.51 -6.82
C ALA E 278 -26.83 -41.42 -6.48
N TYR E 279 -28.05 -41.04 -6.87
CA TYR E 279 -29.23 -41.87 -6.61
C TYR E 279 -29.04 -43.30 -7.10
N LYS E 280 -28.50 -43.47 -8.31
CA LYS E 280 -28.24 -44.80 -8.83
C LYS E 280 -27.29 -45.57 -7.93
N GLN E 281 -26.23 -44.90 -7.46
CA GLN E 281 -25.25 -45.54 -6.58
C GLN E 281 -25.85 -45.87 -5.21
N ILE E 282 -26.70 -45.00 -4.67
CA ILE E 282 -27.32 -45.28 -3.37
C ILE E 282 -28.17 -46.54 -3.44
N ASP E 283 -29.05 -46.62 -4.45
CA ASP E 283 -29.91 -47.80 -4.60
C ASP E 283 -29.08 -49.06 -4.75
N ALA E 284 -27.97 -48.99 -5.48
CA ALA E 284 -27.12 -50.15 -5.72
C ALA E 284 -26.46 -50.68 -4.45
N ARG E 285 -26.49 -49.92 -3.35
CA ARG E 285 -25.94 -50.36 -2.08
C ARG E 285 -27.04 -50.76 -1.10
N GLY E 286 -28.26 -50.95 -1.61
CA GLY E 286 -29.41 -51.34 -0.82
C GLY E 286 -30.39 -50.21 -0.61
N GLY E 287 -29.98 -48.98 -0.88
CA GLY E 287 -30.81 -47.82 -0.62
C GLY E 287 -30.47 -47.19 0.72
N ASN E 288 -30.62 -45.87 0.79
CA ASN E 288 -30.28 -45.12 2.00
C ASN E 288 -31.20 -43.92 2.08
N PRO E 289 -32.40 -44.08 2.64
CA PRO E 289 -33.37 -42.98 2.67
C PRO E 289 -32.84 -41.69 3.27
N GLU E 290 -32.03 -41.79 4.32
CA GLU E 290 -31.43 -40.61 4.92
C GLU E 290 -30.54 -39.90 3.92
N LEU E 291 -29.62 -40.63 3.28
CA LEU E 291 -28.70 -40.04 2.31
C LEU E 291 -29.46 -39.47 1.12
N VAL E 292 -30.46 -40.20 0.62
CA VAL E 292 -31.23 -39.71 -0.52
C VAL E 292 -31.84 -38.35 -0.22
N ALA E 293 -32.35 -38.16 1.01
CA ALA E 293 -32.94 -36.89 1.41
C ALA E 293 -31.89 -35.79 1.42
N LEU E 294 -30.70 -36.07 1.99
CA LEU E 294 -29.64 -35.07 2.03
C LEU E 294 -29.33 -34.55 0.64
N VAL E 295 -29.09 -35.46 -0.30
CA VAL E 295 -28.82 -35.08 -1.69
C VAL E 295 -29.95 -34.21 -2.24
N LYS E 296 -31.19 -34.64 -2.03
CA LYS E 296 -32.35 -33.91 -2.54
C LYS E 296 -32.39 -32.49 -1.97
N HIS E 297 -32.11 -32.34 -0.68
CA HIS E 297 -32.09 -31.01 -0.06
C HIS E 297 -31.01 -30.14 -0.66
N LEU E 298 -29.80 -30.69 -0.81
CA LEU E 298 -28.70 -29.91 -1.37
C LEU E 298 -28.94 -29.55 -2.84
N SER E 299 -29.72 -30.35 -3.55
CA SER E 299 -29.98 -30.12 -4.97
C SER E 299 -30.94 -28.99 -5.25
N LYS E 300 -31.55 -28.39 -4.21
CA LYS E 300 -32.54 -27.34 -4.44
C LYS E 300 -31.94 -26.08 -5.06
N MET E 301 -30.62 -25.89 -4.95
CA MET E 301 -29.99 -24.71 -5.52
C MET E 301 -30.08 -24.67 -7.03
N PHE E 302 -29.91 -25.82 -7.70
CA PHE E 302 -29.95 -25.83 -9.17
C PHE E 302 -31.33 -25.49 -9.70
N LYS E 303 -32.36 -25.47 -8.85
CA LYS E 303 -33.73 -25.15 -9.23
C LYS E 303 -34.19 -25.90 -10.46
N LYS F 10 4.13 -43.27 -12.96
CA LYS F 10 4.44 -42.09 -13.75
C LYS F 10 3.67 -40.88 -13.24
N THR F 11 2.35 -40.89 -13.40
CA THR F 11 1.52 -39.85 -12.80
C THR F 11 1.54 -39.98 -11.28
N GLN F 12 0.93 -39.00 -10.60
CA GLN F 12 0.93 -38.92 -9.14
C GLN F 12 2.32 -38.66 -8.61
N GLU F 13 3.31 -39.44 -9.07
CA GLU F 13 4.69 -39.17 -8.69
C GLU F 13 5.16 -37.86 -9.29
N THR F 14 4.59 -37.46 -10.43
CA THR F 14 4.87 -36.13 -10.95
C THR F 14 4.20 -35.07 -10.09
N VAL F 15 3.01 -35.38 -9.56
CA VAL F 15 2.33 -34.44 -8.67
C VAL F 15 3.13 -34.26 -7.38
N GLN F 16 3.66 -35.36 -6.84
CA GLN F 16 4.48 -35.28 -5.63
C GLN F 16 5.65 -34.34 -5.85
N ARG F 17 6.34 -34.47 -6.99
CA ARG F 17 7.48 -33.59 -7.26
C ARG F 17 7.05 -32.13 -7.30
N ILE F 18 5.99 -31.81 -8.06
CA ILE F 18 5.53 -30.42 -8.14
C ILE F 18 5.14 -29.88 -6.77
N LEU F 19 4.46 -30.70 -5.96
CA LEU F 19 3.99 -30.23 -4.67
C LEU F 19 5.11 -30.16 -3.64
N LEU F 20 6.19 -30.91 -3.83
CA LEU F 20 7.30 -30.91 -2.89
C LEU F 20 8.41 -29.96 -3.31
N GLU F 21 8.24 -29.21 -4.40
CA GLU F 21 9.31 -28.32 -4.84
C GLU F 21 9.73 -27.31 -3.78
N PRO F 22 8.83 -26.55 -3.13
CA PRO F 22 9.31 -25.61 -2.10
C PRO F 22 10.17 -26.27 -1.05
N TYR F 23 9.87 -27.53 -0.71
CA TYR F 23 10.71 -28.27 0.22
C TYR F 23 12.08 -28.58 -0.41
N LYS F 24 12.07 -29.01 -1.67
CA LYS F 24 13.33 -29.27 -2.35
C LYS F 24 14.20 -28.02 -2.37
N TYR F 25 13.58 -26.84 -2.49
CA TYR F 25 14.35 -25.59 -2.50
C TYR F 25 15.08 -25.40 -1.17
N LEU F 26 14.41 -25.68 -0.05
CA LEU F 26 15.07 -25.47 1.23
C LEU F 26 16.19 -26.48 1.47
N LEU F 27 16.16 -27.62 0.77
CA LEU F 27 17.24 -28.59 0.94
C LEU F 27 18.57 -28.04 0.48
N GLN F 28 18.56 -27.05 -0.42
CA GLN F 28 19.81 -26.42 -0.86
C GLN F 28 20.42 -25.55 0.22
N LEU F 29 19.70 -25.29 1.31
CA LEU F 29 20.19 -24.41 2.34
C LEU F 29 21.13 -25.18 3.27
N PRO F 30 22.17 -24.53 3.78
CA PRO F 30 23.06 -25.19 4.74
C PRO F 30 22.33 -25.54 6.03
N GLY F 31 22.87 -26.55 6.72
CA GLY F 31 22.31 -26.93 7.99
C GLY F 31 22.36 -28.42 8.25
N LYS F 32 22.23 -29.22 7.19
CA LYS F 32 22.19 -30.68 7.34
C LYS F 32 23.41 -31.18 8.10
N GLN F 33 24.55 -30.50 7.96
CA GLN F 33 25.76 -30.89 8.66
C GLN F 33 25.55 -30.86 10.18
N VAL F 34 25.05 -29.74 10.71
CA VAL F 34 24.84 -29.63 12.15
C VAL F 34 23.86 -30.71 12.63
N ARG F 35 22.76 -30.92 11.89
CA ARG F 35 21.83 -31.99 12.24
C ARG F 35 22.53 -33.35 12.20
N THR F 36 23.37 -33.57 11.19
CA THR F 36 24.09 -34.83 11.07
C THR F 36 25.03 -35.04 12.25
N LYS F 37 25.85 -34.03 12.57
CA LYS F 37 26.78 -34.15 13.70
C LYS F 37 26.03 -34.40 15.00
N LEU F 38 24.85 -33.79 15.16
CA LEU F 38 24.04 -34.04 16.35
C LEU F 38 23.65 -35.52 16.45
N SER F 39 23.15 -36.07 15.34
CA SER F 39 22.77 -37.49 15.31
C SER F 39 23.94 -38.38 15.67
N GLN F 40 25.12 -38.13 15.07
CA GLN F 40 26.30 -38.93 15.39
C GLN F 40 26.69 -38.78 16.85
N ALA F 41 26.73 -37.54 17.36
CA ALA F 41 27.14 -37.31 18.74
C ALA F 41 26.23 -38.01 19.74
N PHE F 42 24.92 -37.94 19.55
CA PHE F 42 24.02 -38.57 20.52
C PHE F 42 24.02 -40.08 20.40
N ASN F 43 24.32 -40.60 19.21
CA ASN F 43 24.39 -42.03 19.01
C ASN F 43 25.61 -42.67 19.70
N HIS F 44 26.61 -41.87 20.08
CA HIS F 44 27.73 -42.38 20.87
C HIS F 44 27.22 -42.99 22.17
N TRP F 45 26.07 -42.54 22.66
CA TRP F 45 25.41 -43.09 23.83
C TRP F 45 24.29 -44.05 23.47
N LEU F 46 23.47 -43.68 22.50
CA LEU F 46 22.28 -44.47 22.17
C LEU F 46 22.64 -45.72 21.39
N LYS F 47 23.65 -45.67 20.53
CA LYS F 47 24.08 -46.81 19.71
C LYS F 47 22.89 -47.46 19.00
N VAL F 48 22.29 -46.68 18.10
CA VAL F 48 21.08 -47.11 17.42
C VAL F 48 21.45 -47.84 16.13
N PRO F 49 20.73 -48.92 15.79
CA PRO F 49 20.99 -49.60 14.51
C PRO F 49 20.83 -48.66 13.34
N GLU F 50 21.75 -48.77 12.38
CA GLU F 50 21.71 -47.90 11.21
C GLU F 50 20.39 -48.05 10.45
N ASP F 51 19.81 -49.25 10.44
CA ASP F 51 18.53 -49.46 9.75
C ASP F 51 17.45 -48.53 10.30
N LYS F 52 17.33 -48.45 11.63
CA LYS F 52 16.36 -47.55 12.25
C LYS F 52 16.84 -46.10 12.24
N LEU F 53 18.13 -45.88 12.54
CA LEU F 53 18.65 -44.53 12.64
C LEU F 53 18.40 -43.71 11.38
N GLN F 54 18.63 -44.31 10.19
CA GLN F 54 18.45 -43.61 8.93
C GLN F 54 17.05 -43.00 8.81
N ILE F 55 16.02 -43.77 9.15
CA ILE F 55 14.65 -43.24 9.10
C ILE F 55 14.47 -42.12 10.13
N ILE F 56 14.96 -42.33 11.35
CA ILE F 56 14.86 -41.29 12.38
C ILE F 56 15.51 -40.00 11.87
N ILE F 57 16.66 -40.12 11.23
CA ILE F 57 17.34 -38.95 10.66
C ILE F 57 16.45 -38.30 9.61
N GLU F 58 15.92 -39.10 8.69
CA GLU F 58 15.04 -38.58 7.64
C GLU F 58 13.80 -37.94 8.24
N VAL F 59 13.12 -38.63 9.16
CA VAL F 59 11.95 -38.06 9.82
C VAL F 59 12.29 -36.73 10.47
N THR F 60 13.42 -36.68 11.19
CA THR F 60 13.83 -35.45 11.86
C THR F 60 14.06 -34.31 10.86
N GLU F 61 14.89 -34.56 9.84
CA GLU F 61 15.17 -33.53 8.85
C GLU F 61 13.90 -33.06 8.15
N MET F 62 13.03 -34.00 7.76
CA MET F 62 11.79 -33.65 7.07
C MET F 62 10.92 -32.71 7.90
N LEU F 63 10.59 -33.13 9.13
CA LEU F 63 9.70 -32.34 9.97
C LEU F 63 10.33 -30.98 10.30
N HIS F 64 11.64 -30.95 10.56
CA HIS F 64 12.30 -29.71 10.90
C HIS F 64 12.21 -28.68 9.78
N ASN F 65 12.61 -29.08 8.56
CA ASN F 65 12.54 -28.15 7.43
C ASN F 65 11.12 -27.68 7.19
N ALA F 66 10.14 -28.58 7.29
CA ALA F 66 8.74 -28.19 7.15
C ALA F 66 8.39 -27.15 8.19
N SER F 67 8.84 -27.35 9.43
CA SER F 67 8.59 -26.36 10.49
C SER F 67 9.30 -25.04 10.20
N LEU F 68 10.53 -25.08 9.67
CA LEU F 68 11.20 -23.83 9.32
C LEU F 68 10.47 -23.10 8.20
N LEU F 69 9.90 -23.84 7.25
CA LEU F 69 9.07 -23.24 6.22
C LEU F 69 7.86 -22.54 6.82
N ILE F 70 7.14 -23.23 7.71
CA ILE F 70 5.99 -22.61 8.37
C ILE F 70 6.45 -21.45 9.24
N ASP F 71 7.56 -21.63 9.97
CA ASP F 71 8.03 -20.59 10.86
C ASP F 71 8.34 -19.31 10.08
N ASP F 72 9.03 -19.45 8.95
CA ASP F 72 9.36 -18.27 8.15
C ASP F 72 8.11 -17.50 7.73
N ILE F 73 7.02 -18.21 7.41
CA ILE F 73 5.78 -17.52 7.06
C ILE F 73 5.23 -16.75 8.25
N GLU F 74 5.18 -17.39 9.42
CA GLU F 74 4.66 -16.74 10.62
C GLU F 74 5.53 -15.59 11.09
N ASP F 75 6.79 -15.55 10.67
CA ASP F 75 7.74 -14.55 11.14
C ASP F 75 8.01 -13.46 10.12
N ASN F 76 7.30 -13.47 8.99
CA ASN F 76 7.53 -12.51 7.92
C ASN F 76 9.01 -12.38 7.60
N SER F 77 9.74 -13.50 7.68
CA SER F 77 11.17 -13.47 7.43
C SER F 77 11.44 -13.32 5.94
N LYS F 78 12.62 -12.78 5.63
CA LYS F 78 13.04 -12.56 4.25
C LYS F 78 14.12 -13.54 3.82
N LEU F 79 15.07 -13.85 4.70
CA LEU F 79 16.18 -14.72 4.39
C LEU F 79 16.33 -15.78 5.45
N ARG F 80 16.79 -16.96 5.03
CA ARG F 80 17.13 -18.06 5.94
C ARG F 80 18.43 -18.69 5.45
N ARG F 81 19.45 -18.69 6.30
CA ARG F 81 20.74 -19.27 5.95
C ARG F 81 21.30 -18.70 4.66
N GLY F 82 21.02 -17.41 4.41
CA GLY F 82 21.52 -16.72 3.24
C GLY F 82 20.66 -16.84 1.99
N PHE F 83 19.66 -17.68 2.00
CA PHE F 83 18.78 -17.87 0.87
C PHE F 83 17.45 -17.18 1.12
N PRO F 84 16.78 -16.72 0.07
CA PRO F 84 15.42 -16.22 0.26
C PRO F 84 14.52 -17.28 0.87
N VAL F 85 13.58 -16.85 1.70
CA VAL F 85 12.61 -17.77 2.27
C VAL F 85 11.75 -18.34 1.14
N ALA F 86 11.29 -19.58 1.31
CA ALA F 86 10.61 -20.28 0.22
C ALA F 86 9.39 -19.51 -0.27
N HIS F 87 8.59 -18.95 0.65
CA HIS F 87 7.39 -18.24 0.23
C HIS F 87 7.72 -16.93 -0.50
N SER F 88 8.94 -16.41 -0.37
CA SER F 88 9.34 -15.28 -1.18
C SER F 88 9.51 -15.66 -2.66
N ILE F 89 9.46 -16.96 -2.97
CA ILE F 89 9.67 -17.43 -4.34
C ILE F 89 8.40 -18.10 -4.83
N TYR F 90 7.96 -19.14 -4.11
CA TYR F 90 6.80 -19.92 -4.50
C TYR F 90 5.49 -19.36 -3.96
N GLY F 91 5.53 -18.47 -2.98
CA GLY F 91 4.32 -17.89 -2.46
C GLY F 91 3.87 -18.60 -1.20
N ILE F 92 3.20 -17.84 -0.32
CA ILE F 92 2.76 -18.40 0.98
C ILE F 92 1.79 -19.56 0.81
N PRO F 93 0.69 -19.46 0.05
CA PRO F 93 -0.25 -20.59 -0.04
C PRO F 93 0.41 -21.90 -0.44
N SER F 94 1.31 -21.87 -1.43
CA SER F 94 1.96 -23.09 -1.90
C SER F 94 2.85 -23.71 -0.82
N VAL F 95 3.65 -22.89 -0.15
CA VAL F 95 4.58 -23.42 0.84
C VAL F 95 3.84 -24.02 2.03
N ILE F 96 2.74 -23.40 2.46
CA ILE F 96 1.96 -23.92 3.57
C ILE F 96 1.51 -25.35 3.27
N ASN F 97 0.82 -25.54 2.14
CA ASN F 97 0.35 -26.86 1.79
C ASN F 97 1.51 -27.84 1.68
N SER F 98 2.63 -27.39 1.10
CA SER F 98 3.80 -28.24 0.91
C SER F 98 4.41 -28.66 2.25
N ALA F 99 4.57 -27.70 3.18
CA ALA F 99 5.16 -28.01 4.47
C ALA F 99 4.26 -28.94 5.30
N ASN F 100 2.95 -28.67 5.34
CA ASN F 100 2.04 -29.59 6.02
C ASN F 100 2.02 -30.95 5.33
N TYR F 101 2.15 -30.96 4.01
CA TYR F 101 2.26 -32.22 3.29
C TYR F 101 3.46 -33.01 3.80
N VAL F 102 4.60 -32.33 3.99
CA VAL F 102 5.81 -32.98 4.49
C VAL F 102 5.62 -33.43 5.94
N TYR F 103 4.86 -32.66 6.73
CA TYR F 103 4.54 -33.09 8.07
C TYR F 103 4.00 -34.52 8.08
N PHE F 104 2.94 -34.76 7.28
CA PHE F 104 2.35 -36.09 7.25
C PHE F 104 3.19 -37.07 6.46
N LEU F 105 4.03 -36.57 5.54
CA LEU F 105 5.04 -37.42 4.94
C LEU F 105 6.03 -37.91 5.98
N GLY F 106 6.37 -37.05 6.94
CA GLY F 106 7.22 -37.48 8.04
C GLY F 106 6.54 -38.53 8.89
N LEU F 107 5.23 -38.39 9.11
CA LEU F 107 4.47 -39.40 9.84
C LEU F 107 4.53 -40.75 9.12
N GLU F 108 4.35 -40.73 7.79
CA GLU F 108 4.49 -41.96 7.00
C GLU F 108 5.84 -42.62 7.26
N LYS F 109 6.89 -41.81 7.36
CA LYS F 109 8.21 -42.36 7.62
C LYS F 109 8.30 -42.96 9.03
N VAL F 110 7.66 -42.32 10.02
CA VAL F 110 7.69 -42.86 11.37
C VAL F 110 6.97 -44.19 11.45
N LEU F 111 6.03 -44.46 10.55
CA LEU F 111 5.33 -45.74 10.56
C LEU F 111 6.19 -46.89 10.06
N THR F 112 7.44 -46.62 9.71
CA THR F 112 8.36 -47.64 9.24
C THR F 112 9.35 -48.09 10.31
N LEU F 113 9.30 -47.50 11.51
CA LEU F 113 10.14 -47.94 12.62
C LEU F 113 9.63 -49.22 13.28
N ASP F 114 8.45 -49.69 12.88
CA ASP F 114 7.81 -50.92 13.37
C ASP F 114 7.60 -50.90 14.88
N HIS F 115 7.90 -49.79 15.54
CA HIS F 115 7.69 -49.63 16.96
C HIS F 115 6.39 -48.87 17.18
N GLN F 116 5.49 -49.47 17.97
CA GLN F 116 4.18 -48.87 18.21
C GLN F 116 4.28 -47.57 19.00
N ASP F 117 5.36 -47.37 19.76
CA ASP F 117 5.45 -46.15 20.56
C ASP F 117 5.99 -45.00 19.74
N ALA F 118 6.30 -45.23 18.48
CA ALA F 118 6.80 -44.17 17.61
C ALA F 118 5.69 -43.18 17.29
N VAL F 119 4.51 -43.68 16.92
CA VAL F 119 3.37 -42.83 16.63
C VAL F 119 3.01 -41.98 17.85
N LYS F 120 3.13 -42.54 19.04
CA LYS F 120 2.90 -41.77 20.26
C LYS F 120 3.92 -40.64 20.39
N LEU F 121 5.21 -40.98 20.25
CA LEU F 121 6.27 -39.99 20.36
C LEU F 121 6.16 -38.91 19.28
N PHE F 122 5.86 -39.31 18.04
CA PHE F 122 5.68 -38.34 16.96
C PHE F 122 4.61 -37.32 17.35
N THR F 123 3.45 -37.82 17.77
CA THR F 123 2.34 -36.95 18.17
C THR F 123 2.75 -36.03 19.31
N ARG F 124 3.32 -36.60 20.38
CA ARG F 124 3.64 -35.82 21.57
C ARG F 124 4.64 -34.71 21.27
N GLN F 125 5.76 -35.05 20.64
CA GLN F 125 6.81 -34.08 20.39
C GLN F 125 6.32 -32.94 19.49
N LEU F 126 5.45 -33.26 18.52
CA LEU F 126 4.87 -32.31 17.53
C LEU F 126 3.95 -31.33 18.23
N LEU F 127 3.07 -31.86 19.10
CA LEU F 127 2.18 -31.00 19.85
C LEU F 127 2.97 -30.08 20.74
N GLU F 128 4.06 -30.58 21.33
CA GLU F 128 4.90 -29.75 22.16
C GLU F 128 5.50 -28.60 21.36
N LEU F 129 6.02 -28.89 20.18
CA LEU F 129 6.59 -27.82 19.36
C LEU F 129 5.57 -26.75 19.05
N HIS F 130 4.35 -27.18 18.68
CA HIS F 130 3.31 -26.21 18.34
C HIS F 130 2.93 -25.33 19.53
N GLN F 131 3.00 -25.89 20.74
CA GLN F 131 2.75 -25.07 21.93
C GLN F 131 3.79 -23.96 22.04
N GLY F 132 5.06 -24.30 21.82
CA GLY F 132 6.08 -23.26 21.88
C GLY F 132 5.85 -22.20 20.83
N GLN F 133 5.69 -22.62 19.58
CA GLN F 133 5.46 -21.68 18.48
C GLN F 133 4.26 -20.80 18.76
N GLY F 134 3.17 -21.38 19.25
CA GLY F 134 1.97 -20.59 19.57
C GLY F 134 2.23 -19.49 20.57
N LEU F 135 2.94 -19.80 21.66
CA LEU F 135 3.23 -18.81 22.68
C LEU F 135 4.10 -17.69 22.14
N ASP F 136 5.14 -18.05 21.38
CA ASP F 136 5.99 -17.01 20.80
C ASP F 136 5.17 -16.09 19.90
N ILE F 137 4.31 -16.66 19.06
CA ILE F 137 3.42 -15.86 18.21
C ILE F 137 2.42 -15.09 19.06
N TYR F 138 1.91 -15.71 20.12
CA TYR F 138 0.95 -15.05 21.01
C TYR F 138 1.53 -13.77 21.60
N TRP F 139 2.67 -13.89 22.29
CA TRP F 139 3.30 -12.73 22.91
C TRP F 139 3.55 -11.63 21.89
N ARG F 140 4.05 -12.00 20.71
CA ARG F 140 4.42 -11.01 19.72
C ARG F 140 3.19 -10.31 19.15
N ASP F 141 2.21 -11.08 18.69
CA ASP F 141 1.04 -10.51 18.05
C ASP F 141 -0.01 -10.02 19.03
N ASN F 142 0.20 -10.20 20.34
CA ASN F 142 -0.65 -9.59 21.35
C ASN F 142 0.07 -8.52 22.15
N TYR F 143 1.28 -8.13 21.72
CA TYR F 143 2.04 -7.02 22.27
C TYR F 143 2.13 -7.13 23.80
N THR F 144 2.65 -8.28 24.23
CA THR F 144 2.84 -8.60 25.65
C THR F 144 4.21 -9.27 25.79
N CYS F 145 5.19 -8.50 26.21
CA CYS F 145 6.53 -9.04 26.40
C CYS F 145 6.53 -10.05 27.54
N PRO F 146 7.15 -11.22 27.37
CA PRO F 146 7.23 -12.19 28.45
C PRO F 146 8.40 -11.91 29.39
N THR F 147 8.39 -12.58 30.53
CA THR F 147 9.52 -12.54 31.45
C THR F 147 10.62 -13.46 30.95
N GLU F 148 11.82 -13.29 31.50
CA GLU F 148 12.92 -14.20 31.14
C GLU F 148 12.54 -15.65 31.38
N GLU F 149 12.00 -15.96 32.56
CA GLU F 149 11.60 -17.32 32.86
C GLU F 149 10.56 -17.81 31.88
N GLU F 150 9.54 -16.98 31.60
CA GLU F 150 8.51 -17.35 30.64
C GLU F 150 9.10 -17.62 29.26
N TYR F 151 10.03 -16.77 28.81
CA TYR F 151 10.64 -16.99 27.50
C TYR F 151 11.36 -18.33 27.44
N LYS F 152 12.24 -18.58 28.42
CA LYS F 152 12.96 -19.85 28.43
C LYS F 152 12.02 -21.04 28.46
N ALA F 153 10.93 -20.95 29.23
CA ALA F 153 9.97 -22.04 29.28
C ALA F 153 9.42 -22.36 27.90
N MET F 154 9.11 -21.31 27.12
CA MET F 154 8.59 -21.52 25.77
C MET F 154 9.65 -22.14 24.87
N VAL F 155 10.89 -21.63 24.94
CA VAL F 155 11.95 -22.16 24.10
C VAL F 155 12.15 -23.64 24.34
N LEU F 156 12.07 -24.07 25.61
CA LEU F 156 12.26 -25.49 25.89
C LEU F 156 11.19 -26.35 25.23
N GLN F 157 10.05 -25.76 24.88
CA GLN F 157 9.00 -26.51 24.19
C GLN F 157 9.17 -26.40 22.69
N LYS F 158 9.56 -25.23 22.18
CA LYS F 158 9.81 -25.08 20.76
C LYS F 158 10.97 -25.97 20.32
N THR F 159 12.13 -25.83 20.96
CA THR F 159 13.26 -26.68 20.60
C THR F 159 13.03 -28.12 21.03
N GLY F 160 12.54 -28.32 22.25
CA GLY F 160 12.36 -29.67 22.77
C GLY F 160 11.45 -30.53 21.93
N GLY F 161 10.47 -29.90 21.26
CA GLY F 161 9.58 -30.65 20.39
C GLY F 161 10.34 -31.45 19.35
N LEU F 162 11.24 -30.79 18.61
CA LEU F 162 12.00 -31.46 17.57
C LEU F 162 13.20 -32.19 18.16
N PHE F 163 13.84 -31.60 19.17
CA PHE F 163 14.94 -32.27 19.88
C PHE F 163 14.49 -33.60 20.48
N GLY F 164 13.36 -33.61 21.18
CA GLY F 164 12.93 -34.83 21.83
C GLY F 164 12.47 -35.88 20.85
N LEU F 165 11.97 -35.45 19.69
CA LEU F 165 11.57 -36.40 18.65
C LEU F 165 12.74 -37.26 18.20
N ALA F 166 13.85 -36.62 17.85
CA ALA F 166 15.05 -37.34 17.42
C ALA F 166 15.61 -38.22 18.52
N VAL F 167 16.10 -37.61 19.60
CA VAL F 167 16.72 -38.37 20.69
C VAL F 167 15.75 -39.41 21.25
N GLY F 168 14.48 -39.03 21.42
CA GLY F 168 13.49 -39.97 21.93
C GLY F 168 13.31 -41.18 21.04
N LEU F 169 13.08 -40.94 19.74
CA LEU F 169 12.92 -42.04 18.79
C LEU F 169 14.15 -42.94 18.77
N MET F 170 15.32 -42.34 18.89
CA MET F 170 16.55 -43.11 18.95
C MET F 170 16.59 -43.96 20.22
N GLN F 171 16.15 -43.40 21.33
CA GLN F 171 16.13 -44.12 22.61
C GLN F 171 15.15 -45.29 22.63
N LEU F 172 14.10 -45.27 21.78
CA LEU F 172 13.20 -46.41 21.67
C LEU F 172 13.93 -47.66 21.20
N PHE F 173 15.05 -47.50 20.51
CA PHE F 173 15.83 -48.62 19.99
C PHE F 173 17.23 -48.61 20.58
N SER F 174 17.31 -48.23 21.86
CA SER F 174 18.57 -48.13 22.57
C SER F 174 18.44 -48.68 23.98
N ASP F 175 19.53 -49.29 24.45
CA ASP F 175 19.68 -49.79 25.81
C ASP F 175 20.18 -48.73 26.79
N TYR F 176 20.47 -47.51 26.33
CA TYR F 176 20.97 -46.46 27.22
C TYR F 176 20.00 -46.16 28.35
N LYS F 177 18.80 -45.70 28.01
CA LYS F 177 17.75 -45.37 28.98
C LYS F 177 18.15 -44.38 30.07
N GLU F 178 19.31 -43.72 29.95
CA GLU F 178 19.64 -42.66 30.90
C GLU F 178 18.91 -41.38 30.52
N ASP F 179 18.59 -40.56 31.53
CA ASP F 179 17.81 -39.36 31.27
C ASP F 179 18.66 -38.33 30.53
N LEU F 180 18.21 -37.96 29.32
CA LEU F 180 18.88 -36.98 28.49
C LEU F 180 18.08 -35.69 28.29
N LYS F 181 16.84 -35.61 28.81
CA LYS F 181 16.05 -34.40 28.64
C LYS F 181 16.72 -33.16 29.21
N PRO F 182 17.31 -33.16 30.42
CA PRO F 182 18.06 -31.96 30.87
C PRO F 182 19.06 -31.44 29.85
N LEU F 183 19.84 -32.32 29.22
CA LEU F 183 20.81 -31.87 28.22
C LEU F 183 20.12 -31.26 27.00
N LEU F 184 19.08 -31.92 26.49
CA LEU F 184 18.34 -31.36 25.37
C LEU F 184 17.79 -29.98 25.70
N ASN F 185 17.34 -29.76 26.94
CA ASN F 185 16.82 -28.45 27.31
C ASN F 185 17.92 -27.40 27.30
N THR F 186 19.08 -27.71 27.89
CA THR F 186 20.20 -26.77 27.83
C THR F 186 20.60 -26.46 26.40
N LEU F 187 20.68 -27.48 25.55
CA LEU F 187 20.99 -27.25 24.14
C LEU F 187 19.90 -26.43 23.47
N GLY F 188 18.64 -26.72 23.78
CA GLY F 188 17.56 -25.93 23.22
C GLY F 188 17.71 -24.45 23.51
N LEU F 189 17.96 -24.11 24.78
CA LEU F 189 18.22 -22.72 25.13
C LEU F 189 19.45 -22.20 24.39
N PHE F 190 20.55 -22.94 24.48
CA PHE F 190 21.79 -22.54 23.81
C PHE F 190 21.53 -22.18 22.35
N PHE F 191 20.76 -23.02 21.65
CA PHE F 191 20.47 -22.75 20.24
C PHE F 191 19.68 -21.46 20.05
N GLN F 192 18.55 -21.31 20.75
CA GLN F 192 17.69 -20.16 20.52
C GLN F 192 18.39 -18.86 20.93
N ILE F 193 18.95 -18.83 22.14
CA ILE F 193 19.61 -17.61 22.62
C ILE F 193 20.77 -17.23 21.70
N ARG F 194 21.49 -18.22 21.17
CA ARG F 194 22.54 -17.91 20.20
C ARG F 194 21.94 -17.31 18.94
N ASP F 195 20.83 -17.89 18.45
CA ASP F 195 20.12 -17.33 17.32
C ASP F 195 19.65 -15.90 17.60
N ASP F 196 19.03 -15.68 18.77
CA ASP F 196 18.57 -14.36 19.15
C ASP F 196 19.71 -13.34 19.14
N TYR F 197 20.83 -13.71 19.77
CA TYR F 197 21.97 -12.82 19.83
C TYR F 197 22.49 -12.50 18.43
N ALA F 198 22.67 -13.52 17.60
CA ALA F 198 23.25 -13.34 16.27
C ALA F 198 22.37 -12.46 15.39
N ASN F 199 21.06 -12.70 15.42
CA ASN F 199 20.15 -11.94 14.56
C ASN F 199 20.23 -10.46 14.81
N LEU F 200 20.77 -10.04 15.96
CA LEU F 200 20.87 -8.64 16.29
C LEU F 200 22.30 -8.15 16.44
N HIS F 201 23.23 -9.00 16.87
CA HIS F 201 24.59 -8.54 17.10
C HIS F 201 25.51 -8.70 15.89
N SER F 202 25.21 -9.61 14.97
CA SER F 202 26.09 -9.82 13.83
C SER F 202 26.11 -8.60 12.93
N LYS F 203 27.22 -8.45 12.21
CA LYS F 203 27.35 -7.38 11.24
C LYS F 203 26.21 -7.44 10.23
N GLU F 204 26.16 -6.44 9.33
CA GLU F 204 25.17 -6.44 8.27
C GLU F 204 25.31 -7.69 7.41
N TYR F 205 26.39 -8.45 7.65
CA TYR F 205 26.63 -9.77 7.09
C TYR F 205 25.38 -10.63 7.06
N SER F 206 24.87 -10.91 5.86
CA SER F 206 23.71 -11.77 5.68
C SER F 206 24.14 -13.24 5.69
N GLU F 207 24.65 -13.67 6.86
CA GLU F 207 25.03 -15.06 7.04
C GLU F 207 23.80 -15.96 7.15
N ASN F 208 22.82 -15.57 7.97
CA ASN F 208 21.57 -16.31 8.05
C ASN F 208 20.41 -15.42 7.63
N LYS F 209 19.89 -14.60 8.54
CA LYS F 209 18.82 -13.67 8.20
C LYS F 209 19.41 -12.31 7.83
N SER F 210 18.53 -11.42 7.36
CA SER F 210 18.91 -10.05 6.99
C SER F 210 19.14 -9.21 8.24
N PHE F 211 19.53 -7.96 8.03
CA PHE F 211 19.85 -7.05 9.14
C PHE F 211 18.67 -6.91 10.10
N CYS F 212 18.90 -7.26 11.36
CA CYS F 212 17.91 -7.17 12.44
C CYS F 212 16.51 -7.49 11.96
N GLU F 213 16.38 -8.66 11.34
CA GLU F 213 15.06 -9.10 10.92
C GLU F 213 14.14 -9.36 12.11
N ASP F 214 14.71 -9.66 13.29
CA ASP F 214 13.89 -9.91 14.46
C ASP F 214 13.14 -8.64 14.89
N LEU F 215 13.79 -7.48 14.77
CA LEU F 215 13.11 -6.24 15.10
C LEU F 215 11.96 -5.97 14.15
N THR F 216 12.17 -6.27 12.86
CA THR F 216 11.10 -6.13 11.89
C THR F 216 9.98 -7.15 12.14
N GLU F 217 10.32 -8.35 12.60
CA GLU F 217 9.30 -9.31 12.99
C GLU F 217 8.50 -8.82 14.19
N GLY F 218 9.11 -7.98 15.03
CA GLY F 218 8.47 -7.57 16.26
C GLY F 218 8.48 -8.61 17.35
N LYS F 219 9.35 -9.61 17.25
CA LYS F 219 9.38 -10.68 18.24
C LYS F 219 10.17 -10.26 19.47
N PHE F 220 9.82 -10.86 20.61
CA PHE F 220 10.57 -10.67 21.85
C PHE F 220 11.67 -11.74 21.92
N SER F 221 12.87 -11.36 21.51
CA SER F 221 14.07 -12.19 21.60
C SER F 221 14.82 -11.88 22.88
N PHE F 222 15.70 -12.80 23.29
CA PHE F 222 16.44 -12.64 24.54
C PHE F 222 17.04 -11.25 24.72
N PRO F 223 17.77 -10.68 23.75
CA PRO F 223 18.31 -9.32 23.97
C PRO F 223 17.23 -8.28 24.24
N THR F 224 16.20 -8.21 23.40
CA THR F 224 15.16 -7.20 23.60
C THR F 224 14.47 -7.37 24.95
N ILE F 225 14.22 -8.63 25.34
CA ILE F 225 13.57 -8.91 26.63
C ILE F 225 14.34 -8.27 27.78
N HIS F 226 15.67 -8.38 27.76
CA HIS F 226 16.48 -7.75 28.80
C HIS F 226 16.21 -6.25 28.87
N ALA F 227 16.44 -5.54 27.77
CA ALA F 227 16.28 -4.09 27.77
C ALA F 227 14.92 -3.66 28.29
N ILE F 228 13.85 -4.37 27.88
CA ILE F 228 12.50 -4.00 28.32
C ILE F 228 12.39 -4.06 29.84
N TRP F 229 12.81 -5.16 30.47
CA TRP F 229 12.68 -5.24 31.91
C TRP F 229 13.82 -4.54 32.64
N SER F 230 15.02 -4.54 32.06
CA SER F 230 16.16 -3.87 32.69
C SER F 230 15.84 -2.40 32.95
N ARG F 231 15.28 -1.72 31.96
CA ARG F 231 14.93 -0.30 32.05
C ARG F 231 13.43 -0.12 31.82
N PRO F 232 12.61 -0.26 32.86
CA PRO F 232 11.16 -0.08 32.69
C PRO F 232 10.71 1.38 32.62
N GLU F 233 11.64 2.34 32.74
CA GLU F 233 11.29 3.75 32.58
C GLU F 233 11.25 4.16 31.11
N SER F 234 11.59 3.24 30.21
CA SER F 234 11.57 3.52 28.79
C SER F 234 10.72 2.46 28.09
N THR F 235 9.95 2.90 27.11
CA THR F 235 9.16 2.01 26.27
C THR F 235 9.69 1.98 24.84
N GLN F 236 10.94 2.41 24.66
CA GLN F 236 11.55 2.50 23.34
C GLN F 236 11.48 1.17 22.60
N VAL F 237 12.06 0.12 23.19
CA VAL F 237 12.11 -1.19 22.53
C VAL F 237 10.71 -1.67 22.17
N GLN F 238 9.79 -1.67 23.14
CA GLN F 238 8.42 -2.07 22.87
C GLN F 238 7.83 -1.28 21.71
N ASN F 239 8.06 0.03 21.71
CA ASN F 239 7.48 0.87 20.68
C ASN F 239 8.11 0.55 19.31
N ILE F 240 9.42 0.34 19.27
CA ILE F 240 10.08 0.02 18.01
C ILE F 240 9.58 -1.33 17.49
N LEU F 241 9.43 -2.32 18.37
CA LEU F 241 8.97 -3.63 17.93
C LEU F 241 7.55 -3.56 17.37
N CYS F 242 6.71 -2.68 17.92
CA CYS F 242 5.33 -2.55 17.43
C CYS F 242 5.31 -1.97 16.03
N GLN F 243 6.28 -1.13 15.70
CA GLN F 243 6.31 -0.52 14.38
C GLN F 243 6.52 -1.57 13.29
N ARG F 244 7.17 -2.69 13.63
CA ARG F 244 7.56 -3.70 12.65
C ARG F 244 8.18 -3.05 11.42
N THR F 245 9.19 -2.23 11.65
CA THR F 245 9.76 -1.43 10.58
C THR F 245 10.95 -2.14 9.94
N GLU F 246 11.20 -1.81 8.69
CA GLU F 246 12.43 -2.22 8.02
C GLU F 246 13.36 -1.06 7.86
N ASN F 247 13.09 0.03 8.58
CA ASN F 247 13.96 1.20 8.57
C ASN F 247 15.29 0.83 9.20
N ILE F 248 16.36 0.92 8.40
CA ILE F 248 17.68 0.58 8.90
C ILE F 248 18.06 1.48 10.06
N ASP F 249 17.74 2.78 9.96
CA ASP F 249 18.15 3.74 10.97
C ASP F 249 17.48 3.46 12.32
N ILE F 250 16.19 3.15 12.31
CA ILE F 250 15.52 2.81 13.56
C ILE F 250 16.12 1.54 14.15
N LYS F 251 16.37 0.55 13.29
CA LYS F 251 16.95 -0.71 13.75
C LYS F 251 18.35 -0.50 14.31
N LYS F 252 19.19 0.28 13.62
CA LYS F 252 20.52 0.56 14.13
C LYS F 252 20.45 1.27 15.48
N TYR F 253 19.49 2.18 15.63
CA TYR F 253 19.32 2.86 16.92
C TYR F 253 18.96 1.88 18.01
N CYS F 254 18.04 0.95 17.71
CA CYS F 254 17.64 -0.05 18.69
C CYS F 254 18.84 -0.85 19.18
N VAL F 255 19.69 -1.30 18.25
CA VAL F 255 20.89 -2.04 18.63
C VAL F 255 21.81 -1.17 19.48
N HIS F 256 21.93 0.12 19.14
CA HIS F 256 22.69 1.04 19.98
C HIS F 256 22.13 1.08 21.40
N TYR F 257 20.81 1.15 21.54
CA TYR F 257 20.20 1.14 22.86
C TYR F 257 20.49 -0.17 23.58
N LEU F 258 20.27 -1.30 22.88
CA LEU F 258 20.54 -2.60 23.47
C LEU F 258 21.97 -2.73 23.99
N GLU F 259 22.93 -2.21 23.23
CA GLU F 259 24.33 -2.25 23.68
C GLU F 259 24.53 -1.38 24.93
N ASP F 260 23.94 -0.19 24.93
CA ASP F 260 24.10 0.75 26.04
C ASP F 260 23.41 0.31 27.33
N VAL F 261 22.35 -0.49 27.24
CA VAL F 261 21.71 -1.00 28.46
C VAL F 261 22.33 -2.34 28.83
N GLY F 262 23.37 -2.75 28.10
CA GLY F 262 24.07 -3.97 28.39
C GLY F 262 23.36 -5.24 27.96
N SER F 263 22.33 -5.14 27.13
CA SER F 263 21.57 -6.34 26.77
C SER F 263 22.43 -7.34 26.03
N PHE F 264 23.34 -6.89 25.18
CA PHE F 264 24.17 -7.84 24.46
C PHE F 264 25.15 -8.53 25.40
N GLU F 265 25.79 -7.78 26.31
CA GLU F 265 26.66 -8.40 27.29
C GLU F 265 25.92 -9.42 28.14
N TYR F 266 24.69 -9.11 28.55
CA TYR F 266 23.89 -10.05 29.34
C TYR F 266 23.65 -11.34 28.57
N THR F 267 23.32 -11.23 27.27
CA THR F 267 23.09 -12.41 26.44
C THR F 267 24.34 -13.27 26.33
N ARG F 268 25.50 -12.64 26.15
CA ARG F 268 26.75 -13.39 26.08
C ARG F 268 26.99 -14.17 27.36
N ASN F 269 26.85 -13.50 28.51
CA ASN F 269 27.05 -14.18 29.79
C ASN F 269 26.07 -15.34 29.98
N THR F 270 24.81 -15.15 29.58
CA THR F 270 23.86 -16.26 29.64
C THR F 270 24.28 -17.41 28.74
N LEU F 271 24.75 -17.09 27.53
CA LEU F 271 25.21 -18.14 26.62
C LEU F 271 26.47 -18.82 27.17
N LYS F 272 27.40 -18.03 27.74
CA LYS F 272 28.60 -18.61 28.35
C LYS F 272 28.25 -19.59 29.47
N GLU F 273 27.23 -19.27 30.26
CA GLU F 273 26.79 -20.19 31.30
C GLU F 273 26.15 -21.44 30.70
N LEU F 274 25.30 -21.28 29.68
CA LEU F 274 24.65 -22.43 29.05
C LEU F 274 25.69 -23.41 28.52
N GLU F 275 26.74 -22.90 27.89
CA GLU F 275 27.81 -23.75 27.40
C GLU F 275 28.48 -24.51 28.55
N ALA F 276 28.79 -23.80 29.64
CA ALA F 276 29.42 -24.43 30.79
C ALA F 276 28.53 -25.53 31.36
N LYS F 277 27.24 -25.24 31.53
CA LYS F 277 26.30 -26.24 32.03
C LYS F 277 26.26 -27.46 31.12
N ALA F 278 26.30 -27.26 29.80
CA ALA F 278 26.29 -28.38 28.87
C ALA F 278 27.46 -29.31 29.13
N TYR F 279 28.66 -28.74 29.31
CA TYR F 279 29.83 -29.54 29.64
C TYR F 279 29.57 -30.40 30.87
N LYS F 280 29.04 -29.80 31.94
CA LYS F 280 28.73 -30.56 33.15
C LYS F 280 27.69 -31.63 32.88
N GLN F 281 26.63 -31.28 32.14
CA GLN F 281 25.57 -32.24 31.84
C GLN F 281 26.09 -33.40 30.98
N ILE F 282 26.93 -33.10 30.00
CA ILE F 282 27.52 -34.15 29.17
C ILE F 282 28.35 -35.09 30.04
N ASP F 283 29.19 -34.52 30.91
CA ASP F 283 30.01 -35.32 31.80
C ASP F 283 29.16 -36.25 32.66
N ALA F 284 28.02 -35.77 33.16
CA ALA F 284 27.16 -36.57 34.02
C ALA F 284 26.51 -37.75 33.29
N ARG F 285 26.51 -37.76 31.96
CA ARG F 285 25.92 -38.84 31.19
C ARG F 285 26.98 -39.76 30.58
N GLY F 286 28.22 -39.68 31.06
CA GLY F 286 29.31 -40.49 30.57
C GLY F 286 30.31 -39.77 29.71
N GLY F 287 29.99 -38.60 29.21
CA GLY F 287 30.92 -37.90 28.34
C GLY F 287 30.62 -38.17 26.87
N ASN F 288 30.85 -37.15 26.04
CA ASN F 288 30.56 -37.23 24.61
C ASN F 288 31.52 -36.31 23.87
N PRO F 289 32.72 -36.81 23.53
CA PRO F 289 33.68 -35.94 22.84
C PRO F 289 33.13 -35.27 21.59
N GLU F 290 32.30 -36.00 20.83
CA GLU F 290 31.67 -35.41 19.66
C GLU F 290 30.80 -34.23 20.03
N LEU F 291 29.93 -34.42 21.04
CA LEU F 291 29.04 -33.32 21.46
C LEU F 291 29.85 -32.15 22.02
N VAL F 292 30.87 -32.44 22.85
CA VAL F 292 31.72 -31.37 23.40
C VAL F 292 32.33 -30.53 22.29
N ALA F 293 32.78 -31.18 21.21
CA ALA F 293 33.37 -30.44 20.11
C ALA F 293 32.36 -29.53 19.45
N LEU F 294 31.14 -30.04 19.23
CA LEU F 294 30.09 -29.24 18.61
C LEU F 294 29.82 -27.96 19.39
N VAL F 295 29.51 -28.08 20.69
CA VAL F 295 29.22 -26.91 21.50
C VAL F 295 30.40 -25.94 21.47
N LYS F 296 31.63 -26.44 21.62
CA LYS F 296 32.79 -25.55 21.59
C LYS F 296 32.84 -24.76 20.29
N HIS F 297 32.54 -25.43 19.17
CA HIS F 297 32.48 -24.74 17.88
C HIS F 297 31.36 -23.71 17.87
N LEU F 298 30.17 -24.09 18.35
CA LEU F 298 29.05 -23.15 18.36
C LEU F 298 29.29 -22.00 19.33
N SER F 299 30.10 -22.23 20.37
CA SER F 299 30.38 -21.18 21.34
C SER F 299 31.38 -20.16 20.85
N LYS F 300 32.04 -20.40 19.71
CA LYS F 300 33.04 -19.43 19.27
C LYS F 300 32.41 -18.10 18.86
N MET F 301 31.13 -18.09 18.51
CA MET F 301 30.51 -16.86 18.04
C MET F 301 30.40 -15.79 19.14
N PHE F 302 29.97 -16.17 20.36
CA PHE F 302 29.85 -15.15 21.41
C PHE F 302 31.14 -15.01 22.22
N LYS F 303 32.29 -15.14 21.59
CA LYS F 303 33.56 -15.06 22.31
C LYS F 303 34.61 -14.26 21.54
C20 GRG G . -18.85 10.67 -38.23
C19 GRG G . -18.95 13.09 -37.16
C18 GRG G . -18.65 11.58 -37.03
C17 GRG G . -18.22 11.06 -35.89
C16 GRG G . -18.01 11.96 -34.65
C14 GRG G . -17.15 10.73 -32.02
C13 GRG G . -16.31 11.76 -32.80
C15 GRG G . -16.51 11.93 -34.33
C12 GRG G . -15.41 12.52 -32.15
C11 GRG G . -15.22 12.34 -30.62
C9 GRG G . -15.87 13.55 -29.87
C8 GRG G . -15.11 13.75 -28.53
C10 GRG G . -15.76 14.52 -27.38
C7 GRG G . -13.88 13.22 -28.43
C6 GRG G . -13.02 13.33 -27.15
C5 GRG G . -12.24 12.01 -27.02
C3 GRG G . -11.65 11.96 -25.61
C4 GRG G . -10.45 11.05 -25.34
C2 GRG G . -12.21 12.72 -24.64
C1 GRG G . -11.65 12.71 -23.21
O1 GRG G . -12.51 13.41 -22.36
PA GRG G . -12.27 13.23 -20.73
O1A GRG G . -10.86 13.61 -20.38
O3A GRG G . -12.47 11.63 -20.36
O2A GRG G . -13.26 14.10 -19.99
PB GRG G . -13.96 10.95 -20.17
O1B GRG G . -14.61 10.67 -21.49
O2B GRG G . -13.80 9.66 -19.41
O3B GRG G . -14.82 11.90 -19.36
MG MG H . -11.71 10.58 -18.53
MG MG I . -9.21 12.41 -20.01
C20 GRG J . 20.01 3.81 -40.01
C19 GRG J . 20.23 1.49 -38.76
C18 GRG J . 19.76 2.96 -38.78
C17 GRG J . 19.12 3.47 -37.73
C16 GRG J . 18.87 2.60 -36.48
C14 GRG J . 16.07 2.94 -34.12
C13 GRG J . 16.96 1.99 -34.92
C15 GRG J . 17.35 2.32 -36.38
C12 GRG J . 17.43 0.86 -34.36
C11 GRG J . 17.07 0.47 -32.89
C9 GRG J . 16.67 -1.04 -32.88
C8 GRG J . 16.02 -1.44 -31.53
C10 GRG J . 16.91 -1.94 -30.41
C7 GRG J . 14.67 -1.34 -31.37
C6 GRG J . 14.00 -1.74 -30.02
C5 GRG J . 12.67 -0.94 -29.80
C3 GRG J . 12.04 -1.42 -28.48
C4 GRG J . 10.52 -1.61 -28.38
C2 GRG J . 12.82 -1.67 -27.41
C1 GRG J . 12.23 -2.15 -26.08
O1 GRG J . 12.88 -3.37 -25.78
PA GRG J . 12.67 -4.10 -24.30
O1A GRG J . 11.43 -3.55 -23.62
O3A GRG J . 14.00 -3.84 -23.36
O2A GRG J . 12.55 -5.59 -24.49
PB GRG J . 14.55 -2.32 -23.06
O1B GRG J . 14.67 -1.58 -24.36
O2B GRG J . 13.54 -1.60 -22.19
O3B GRG J . 15.89 -2.39 -22.37
MG MG K . 11.79 -2.02 -21.23
MG MG L . 8.96 -4.20 -23.46
C20 GRG M . 19.22 33.44 22.81
C19 GRG M . 19.08 33.30 20.17
C18 GRG M . 18.91 32.64 21.55
C17 GRG M . 18.48 31.38 21.66
C16 GRG M . 18.15 30.52 20.41
C14 GRG M . 15.93 28.18 19.47
C13 GRG M . 16.24 29.62 19.04
C15 GRG M . 16.64 30.66 20.11
C12 GRG M . 16.14 29.99 17.75
C11 GRG M . 15.72 28.94 16.69
C9 GRG M . 15.64 29.61 15.29
C8 GRG M . 15.02 28.61 14.28
C10 GRG M . 15.91 27.82 13.33
C7 GRG M . 13.68 28.45 14.26
C6 GRG M . 13.05 27.45 13.27
C5 GRG M . 12.13 26.46 14.05
C3 GRG M . 11.36 25.62 13.00
C4 GRG M . 9.84 25.54 13.09
C2 GRG M . 12.04 25.00 12.03
C1 GRG M . 11.25 24.19 11.00
O1 GRG M . 11.56 24.64 9.70
PA GRG M . 12.22 23.45 8.76
O1A GRG M . 11.22 22.33 8.62
O3A GRG M . 13.55 22.97 9.60
O2A GRG M . 12.62 23.99 7.41
PB GRG M . 14.11 21.43 9.58
O1B GRG M . 15.06 21.27 10.74
O2B GRG M . 12.95 20.47 9.70
O3B GRG M . 14.81 21.18 8.26
MG MG N . 8.08 22.43 8.39
MG MG O . 11.43 20.41 8.31
C20 GRG P . -19.71 26.55 30.49
C19 GRG P . -19.50 24.09 31.32
C18 GRG P . -19.28 25.13 30.22
C17 GRG P . -18.73 24.78 29.06
C16 GRG P . -18.28 23.32 28.78
C14 GRG P . -16.06 22.08 25.74
C13 GRG P . -16.91 22.05 27.02
C15 GRG P . -17.87 23.23 27.30
C12 GRG P . -16.82 20.99 27.85
C11 GRG P . -15.83 19.82 27.51
C9 GRG P . -16.63 18.63 26.89
C8 GRG P . -15.67 17.46 26.55
C10 GRG P . -16.14 16.02 26.70
C7 GRG P . -14.42 17.71 26.12
C6 GRG P . -13.45 16.56 25.75
C5 GRG P . -12.58 17.04 24.56
C3 GRG P . -11.91 15.85 23.87
C4 GRG P . -10.39 15.82 23.71
C2 GRG P . -12.66 14.81 23.44
C1 GRG P . -11.99 13.60 22.77
O1 GRG P . -12.62 12.42 23.20
PA GRG P . -12.66 11.17 22.12
O1A GRG P . -11.54 11.36 21.12
O3A GRG P . -14.09 11.08 21.29
O2A GRG P . -12.46 9.88 22.87
PB GRG P . -14.39 11.98 19.92
O1B GRG P . -14.69 13.40 20.34
O2B GRG P . -13.17 11.94 19.04
O3B GRG P . -15.57 11.42 19.18
MG MG Q . -9.56 10.88 20.87
MG MG R . -11.70 10.48 18.95
C20 GRG S . -18.94 -38.31 8.29
C19 GRG S . -20.22 -39.36 6.24
C18 GRG S . -19.29 -38.29 6.80
C17 GRG S . -18.78 -37.37 5.99
C16 GRG S . -17.82 -36.29 6.54
C14 GRG S . -15.53 -34.23 6.37
C13 GRG S . -16.73 -34.25 5.41
C15 GRG S . -18.06 -34.96 5.79
C12 GRG S . -16.70 -33.67 4.19
C11 GRG S . -15.50 -32.89 3.58
C9 GRG S . -15.91 -32.68 2.08
C8 GRG S . -15.29 -31.35 1.54
C10 GRG S . -16.09 -30.43 0.62
C7 GRG S . -14.02 -31.03 1.89
C6 GRG S . -13.34 -29.73 1.39
C5 GRG S . -12.10 -29.44 2.29
C3 GRG S . -11.42 -28.17 1.74
C4 GRG S . -9.90 -28.10 1.67
C2 GRG S . -12.21 -27.17 1.34
C1 GRG S . -11.61 -25.87 0.77
O1 GRG S . -11.55 -26.01 -0.62
PA GRG S . -12.06 -24.75 -1.57
O1A GRG S . -11.17 -23.57 -1.26
O3A GRG S . -13.62 -24.34 -1.24
O2A GRG S . -11.95 -25.14 -3.03
PB GRG S . -14.08 -23.28 -0.06
O1B GRG S . -13.89 -23.92 1.30
O2B GRG S . -13.21 -22.04 -0.17
O3B GRG S . -15.53 -22.88 -0.27
MG MG T . -11.20 -21.20 0.35
MG MG U . -9.00 -23.97 -1.58
C20 GRG V . 19.98 -35.97 16.96
C19 GRG V . 19.52 -34.00 18.63
C18 GRG V . 19.35 -34.62 17.24
C17 GRG V . 18.65 -33.99 16.28
C16 GRG V . 17.99 -32.62 16.56
C14 GRG V . 15.40 -30.60 14.41
C13 GRG V . 16.53 -30.82 15.42
C15 GRG V . 17.50 -32.03 15.22
C12 GRG V . 16.69 -29.97 16.45
C11 GRG V . 15.72 -28.75 16.65
C9 GRG V . 16.57 -27.47 16.89
C8 GRG V . 15.67 -26.21 17.02
C10 GRG V . 16.26 -24.92 17.57
C7 GRG V . 14.38 -26.23 16.65
C6 GRG V . 13.51 -24.97 16.80
C5 GRG V . 12.23 -25.12 15.93
C3 GRG V . 11.93 -23.77 15.26
C4 GRG V . 11.03 -23.70 14.03
C2 GRG V . 12.48 -22.64 15.76
C1 GRG V . 12.18 -21.30 15.09
O1 GRG V . 12.17 -20.30 16.09
PA GRG V . 12.55 -18.76 15.61
O1A GRG V . 11.59 -18.32 14.54
O3A GRG V . 14.09 -18.70 15.02
O2A GRG V . 12.47 -17.83 16.81
PB GRG V . 14.52 -18.75 13.42
O1B GRG V . 14.91 -20.17 13.07
O2B GRG V . 13.38 -18.29 12.53
O3B GRG V . 15.72 -17.85 13.22
MG MG W . 9.70 -18.14 15.20
MG MG X . 12.04 -16.68 12.75
#